data_8QYH
#
_entry.id   8QYH
#
_cell.length_a   1.00
_cell.length_b   1.00
_cell.length_c   1.00
_cell.angle_alpha   90.00
_cell.angle_beta   90.00
_cell.angle_gamma   90.00
#
_symmetry.space_group_name_H-M   'P 1'
#
loop_
_entity.id
_entity.type
_entity.pdbx_description
1 polymer 'Anti-phage defense ZorAB system ZorA'
2 polymer 'Membrane protein'
3 non-polymer CARDIOLIPIN
4 non-polymer 1,2-dioleoyl-sn-glycero-3-phosphoethanolamine
5 water water
#
loop_
_entity_poly.entity_id
_entity_poly.type
_entity_poly.pdbx_seq_one_letter_code
_entity_poly.pdbx_strand_id
1 'polypeptide(L)'
;MSWLNSILVTLTSVEPYKVPVTVIVTVTFAFVCFIFFYLLRSIRIIYGLKKYTRSINSIEKSAPEVQLEHLKSLFQRSEL
KHAWNAFEASLHSQYELENGEEKIVRIRATAPSASFFSEQQLVDIPLNTEFFKHLPGILTGMGIIGTFYGLMIGLNHFDP
STPEQVSSSVNNLLRDVLYAFLGSAFAIFASILVTWLEKLSIAKSYKYLEKFTAALDSLYDSGVGEEYLASLVKSSNESA
TQARHLKESLVTDLRDMLLHLAESQKIENERLAAAAAAAA
;
A,B,C,D,E
2 'polypeptide(L)'
;MFGNAFGVKKRRSDEAEKPFWISYADLMTAMMVLFLVVMVASLSSVTQRIQRAEQGEKARGQDISRLCERLELHARNVNK
NIVVDCHDNRISFGEAGRFAHNQFFLNAEGQKALQDVVPLVLEASNSEEGKKWFKQIVIEGFTDTDGSYLYNLHLSLQRS
EWVMCSLLDSRSPLQKNISAEQQLQIRKLFLAGGVSFNNAKESKEASRRVELRMQFFGLKDKRDKADEVDFPPVVNKEVC
QLVMPL
;
F,G
#
# COMPACT_ATOMS: atom_id res chain seq x y z
N MET A 1 -12.24 36.04 -3.49
CA MET A 1 -12.13 36.30 -4.92
C MET A 1 -13.41 35.87 -5.64
N SER A 2 -13.87 36.71 -6.56
CA SER A 2 -15.14 36.44 -7.24
C SER A 2 -15.07 35.18 -8.09
N TRP A 3 -13.93 34.92 -8.73
CA TRP A 3 -13.83 33.76 -9.62
C TRP A 3 -14.00 32.45 -8.85
N LEU A 4 -13.25 32.29 -7.75
CA LEU A 4 -13.35 31.06 -6.97
C LEU A 4 -14.72 30.91 -6.34
N ASN A 5 -15.30 32.01 -5.86
CA ASN A 5 -16.64 31.94 -5.27
C ASN A 5 -17.69 31.53 -6.31
N SER A 6 -17.58 32.08 -7.53
CA SER A 6 -18.50 31.67 -8.58
C SER A 6 -18.31 30.21 -8.95
N ILE A 7 -17.06 29.75 -8.99
CA ILE A 7 -16.79 28.34 -9.26
C ILE A 7 -17.43 27.46 -8.19
N LEU A 8 -17.29 27.85 -6.92
CA LEU A 8 -17.89 27.08 -5.83
C LEU A 8 -19.40 27.08 -5.91
N VAL A 9 -20.00 28.22 -6.25
CA VAL A 9 -21.45 28.29 -6.38
C VAL A 9 -21.91 27.37 -7.50
N THR A 10 -21.22 27.40 -8.64
CA THR A 10 -21.60 26.53 -9.76
C THR A 10 -21.47 25.06 -9.38
N LEU A 11 -20.37 24.68 -8.73
CA LEU A 11 -20.15 23.28 -8.38
C LEU A 11 -21.17 22.79 -7.35
N THR A 12 -21.46 23.61 -6.34
CA THR A 12 -22.34 23.19 -5.26
C THR A 12 -23.81 23.40 -5.57
N SER A 13 -24.15 24.03 -6.69
CA SER A 13 -25.55 24.25 -7.03
C SER A 13 -26.19 23.05 -7.70
N VAL A 14 -25.42 22.08 -8.15
CA VAL A 14 -25.98 20.92 -8.82
C VAL A 14 -26.81 20.11 -7.85
N GLU A 15 -27.79 19.38 -8.38
CA GLU A 15 -28.58 18.50 -7.54
C GLU A 15 -27.68 17.40 -6.98
N PRO A 16 -27.73 17.14 -5.67
CA PRO A 16 -26.79 16.18 -5.08
C PRO A 16 -26.93 14.77 -5.63
N TYR A 17 -28.08 14.42 -6.20
CA TYR A 17 -28.23 13.09 -6.78
C TYR A 17 -27.39 12.90 -8.03
N LYS A 18 -27.00 13.99 -8.70
CA LYS A 18 -26.26 13.87 -9.94
C LYS A 18 -24.83 13.40 -9.73
N VAL A 19 -24.32 13.44 -8.50
CA VAL A 19 -22.96 13.01 -8.22
C VAL A 19 -22.89 11.48 -8.24
N PRO A 20 -23.66 10.76 -7.41
CA PRO A 20 -23.63 9.29 -7.54
C PRO A 20 -24.09 8.81 -8.90
N VAL A 21 -25.04 9.50 -9.52
CA VAL A 21 -25.52 9.10 -10.84
C VAL A 21 -24.40 9.23 -11.87
N THR A 22 -23.67 10.34 -11.84
CA THR A 22 -22.55 10.52 -12.77
C THR A 22 -21.46 9.49 -12.51
N VAL A 23 -21.14 9.24 -11.23
CA VAL A 23 -20.11 8.25 -10.92
C VAL A 23 -20.52 6.87 -11.43
N ILE A 24 -21.76 6.49 -11.18
CA ILE A 24 -22.26 5.17 -11.61
C ILE A 24 -22.27 5.06 -13.12
N VAL A 25 -22.72 6.12 -13.81
CA VAL A 25 -22.79 6.07 -15.26
C VAL A 25 -21.39 5.97 -15.86
N THR A 26 -20.45 6.78 -15.37
CA THR A 26 -19.09 6.73 -15.91
C THR A 26 -18.42 5.39 -15.61
N VAL A 27 -18.63 4.85 -14.41
CA VAL A 27 -18.03 3.57 -14.06
C VAL A 27 -18.65 2.44 -14.89
N THR A 28 -19.96 2.50 -15.12
CA THR A 28 -20.62 1.50 -15.96
C THR A 28 -20.13 1.58 -17.39
N PHE A 29 -19.94 2.79 -17.90
CA PHE A 29 -19.39 2.96 -19.25
C PHE A 29 -17.98 2.38 -19.34
N ALA A 30 -17.15 2.65 -18.33
CA ALA A 30 -15.80 2.08 -18.31
C ALA A 30 -15.85 0.56 -18.25
N PHE A 31 -16.78 0.01 -17.47
CA PHE A 31 -16.91 -1.43 -17.37
C PHE A 31 -17.36 -2.05 -18.70
N VAL A 32 -18.30 -1.39 -19.38
CA VAL A 32 -18.76 -1.91 -20.68
C VAL A 32 -17.65 -1.83 -21.70
N CYS A 33 -16.86 -0.75 -21.68
CA CYS A 33 -15.71 -0.65 -22.56
C CYS A 33 -14.69 -1.74 -22.25
N PHE A 34 -14.48 -2.03 -20.96
CA PHE A 34 -13.58 -3.12 -20.58
C PHE A 34 -14.08 -4.45 -21.10
N ILE A 35 -15.39 -4.71 -20.98
CA ILE A 35 -15.96 -5.96 -21.48
C ILE A 35 -15.78 -6.08 -22.98
N PHE A 36 -16.03 -4.99 -23.71
CA PHE A 36 -15.98 -5.05 -25.17
C PHE A 36 -14.54 -5.17 -25.67
N PHE A 37 -13.62 -4.36 -25.14
CA PHE A 37 -12.28 -4.26 -25.70
C PHE A 37 -11.28 -5.21 -25.04
N TYR A 38 -11.58 -5.75 -23.86
CA TYR A 38 -10.66 -6.64 -23.17
C TYR A 38 -11.22 -8.04 -22.98
N LEU A 39 -12.40 -8.16 -22.36
CA LEU A 39 -12.88 -9.49 -21.97
C LEU A 39 -13.28 -10.31 -23.19
N LEU A 40 -14.14 -9.77 -24.05
CA LEU A 40 -14.56 -10.50 -25.24
C LEU A 40 -13.38 -10.73 -26.18
N ARG A 41 -12.50 -9.73 -26.31
CA ARG A 41 -11.31 -9.89 -27.12
C ARG A 41 -10.41 -11.00 -26.59
N SER A 42 -10.23 -11.05 -25.26
CA SER A 42 -9.42 -12.11 -24.68
C SER A 42 -10.06 -13.48 -24.86
N ILE A 43 -11.39 -13.55 -24.77
CA ILE A 43 -12.08 -14.82 -24.99
C ILE A 43 -11.87 -15.29 -26.43
N ARG A 44 -11.99 -14.37 -27.40
CA ARG A 44 -11.74 -14.74 -28.79
C ARG A 44 -10.30 -15.17 -29.00
N ILE A 45 -9.35 -14.49 -28.36
CA ILE A 45 -7.95 -14.87 -28.48
C ILE A 45 -7.71 -16.26 -27.92
N ILE A 46 -8.32 -16.56 -26.77
CA ILE A 46 -8.15 -17.88 -26.16
C ILE A 46 -8.76 -18.96 -27.04
N TYR A 47 -9.95 -18.70 -27.59
CA TYR A 47 -10.58 -19.68 -28.47
C TYR A 47 -9.75 -19.93 -29.72
N GLY A 48 -9.22 -18.85 -30.32
CA GLY A 48 -8.36 -19.01 -31.47
C GLY A 48 -7.09 -19.78 -31.14
N LEU A 49 -6.51 -19.53 -29.97
CA LEU A 49 -5.32 -20.26 -29.57
C LEU A 49 -5.62 -21.74 -29.39
N LYS A 50 -6.77 -22.06 -28.80
CA LYS A 50 -7.17 -23.46 -28.68
C LYS A 50 -7.32 -24.11 -30.06
N LYS A 51 -7.96 -23.41 -30.99
CA LYS A 51 -8.15 -23.97 -32.32
C LYS A 51 -6.82 -24.17 -33.04
N TYR A 52 -5.92 -23.19 -32.92
CA TYR A 52 -4.60 -23.31 -33.55
C TYR A 52 -3.81 -24.45 -32.94
N THR A 53 -3.87 -24.62 -31.62
CA THR A 53 -3.16 -25.71 -30.98
C THR A 53 -3.71 -27.06 -31.41
N ARG A 54 -5.03 -27.17 -31.52
CA ARG A 54 -5.63 -28.42 -32.01
C ARG A 54 -5.20 -28.71 -33.44
N SER A 55 -5.13 -27.67 -34.29
CA SER A 55 -4.69 -27.87 -35.66
C SER A 55 -3.23 -28.28 -35.72
N ILE A 56 -2.39 -27.68 -34.88
CA ILE A 56 -0.96 -27.97 -34.91
C ILE A 56 -0.69 -29.41 -34.48
N ASN A 57 -1.38 -29.88 -33.44
CA ASN A 57 -1.17 -31.23 -32.95
C ASN A 57 -1.61 -32.29 -33.95
N SER A 58 -2.43 -31.93 -34.93
CA SER A 58 -2.90 -32.89 -35.92
C SER A 58 -1.83 -33.25 -36.95
N ILE A 59 -0.80 -32.41 -37.10
CA ILE A 59 0.25 -32.69 -38.07
C ILE A 59 1.53 -33.05 -37.34
N GLU A 60 1.41 -33.57 -36.12
CA GLU A 60 2.59 -33.94 -35.34
C GLU A 60 3.35 -35.09 -35.97
N LYS A 61 2.67 -35.95 -36.73
CA LYS A 61 3.28 -37.12 -37.34
C LYS A 61 3.37 -37.01 -38.86
N SER A 62 3.15 -35.82 -39.41
CA SER A 62 3.18 -35.62 -40.85
C SER A 62 4.61 -35.40 -41.33
N ALA A 63 4.77 -35.39 -42.65
CA ALA A 63 6.06 -35.11 -43.26
C ALA A 63 6.43 -33.65 -43.06
N PRO A 64 7.73 -33.33 -43.04
CA PRO A 64 8.13 -31.92 -42.82
C PRO A 64 7.52 -30.95 -43.83
N GLU A 65 7.48 -31.32 -45.11
CA GLU A 65 6.82 -30.46 -46.08
C GLU A 65 5.34 -30.31 -45.75
N VAL A 66 4.63 -31.44 -45.62
CA VAL A 66 3.20 -31.39 -45.36
C VAL A 66 2.90 -30.53 -44.15
N GLN A 67 3.69 -30.68 -43.09
CA GLN A 67 3.58 -29.80 -41.94
C GLN A 67 3.77 -28.35 -42.34
N LEU A 68 4.74 -28.07 -43.22
CA LEU A 68 5.03 -26.69 -43.57
C LEU A 68 3.87 -26.03 -44.31
N GLU A 69 3.35 -26.68 -45.36
CA GLU A 69 2.20 -26.08 -46.05
C GLU A 69 0.96 -26.07 -45.17
N HIS A 70 0.78 -27.05 -44.28
CA HIS A 70 -0.36 -26.99 -43.37
C HIS A 70 -0.27 -25.76 -42.47
N LEU A 71 0.90 -25.50 -41.91
CA LEU A 71 1.07 -24.35 -41.03
C LEU A 71 0.98 -23.04 -41.81
N LYS A 72 1.41 -23.05 -43.07
CA LYS A 72 1.24 -21.86 -43.90
C LYS A 72 -0.23 -21.55 -44.14
N SER A 73 -1.01 -22.57 -44.51
CA SER A 73 -2.44 -22.34 -44.73
C SER A 73 -3.17 -21.98 -43.45
N LEU A 74 -2.69 -22.49 -42.31
CA LEU A 74 -3.37 -22.21 -41.05
C LEU A 74 -3.15 -20.78 -40.58
N PHE A 75 -2.01 -20.18 -40.90
CA PHE A 75 -1.60 -18.92 -40.27
C PHE A 75 -1.56 -17.72 -41.20
N GLN A 76 -1.18 -17.88 -42.47
CA GLN A 76 -0.93 -16.72 -43.32
C GLN A 76 -2.20 -15.96 -43.69
N ARG A 77 -3.39 -16.49 -43.41
CA ARG A 77 -4.64 -15.78 -43.66
C ARG A 77 -5.28 -15.27 -42.38
N SER A 78 -4.51 -15.15 -41.30
CA SER A 78 -5.05 -14.73 -40.02
C SER A 78 -4.25 -13.60 -39.42
N GLU A 79 -4.53 -13.25 -38.16
CA GLU A 79 -3.80 -12.19 -37.48
C GLU A 79 -2.38 -12.61 -37.09
N LEU A 80 -2.04 -13.89 -37.22
CA LEU A 80 -0.72 -14.39 -36.89
C LEU A 80 0.16 -14.58 -38.12
N LYS A 81 -0.17 -13.94 -39.24
CA LYS A 81 0.58 -14.15 -40.47
C LYS A 81 2.02 -13.65 -40.35
N HIS A 82 2.21 -12.49 -39.73
CA HIS A 82 3.56 -11.96 -39.58
C HIS A 82 4.39 -12.80 -38.62
N ALA A 83 3.77 -13.25 -37.53
CA ALA A 83 4.47 -14.12 -36.58
C ALA A 83 4.86 -15.44 -37.24
N TRP A 84 3.96 -16.01 -38.04
CA TRP A 84 4.29 -17.24 -38.75
C TRP A 84 5.39 -17.01 -39.77
N ASN A 85 5.36 -15.89 -40.49
CA ASN A 85 6.41 -15.61 -41.46
C ASN A 85 7.77 -15.49 -40.78
N ALA A 86 7.83 -14.79 -39.65
CA ALA A 86 9.07 -14.69 -38.90
C ALA A 86 9.54 -16.05 -38.41
N PHE A 87 8.63 -16.85 -37.85
CA PHE A 87 9.00 -18.16 -37.32
C PHE A 87 9.50 -19.08 -38.43
N GLU A 88 8.84 -19.06 -39.60
CA GLU A 88 9.29 -19.87 -40.72
C GLU A 88 10.62 -19.38 -41.25
N ALA A 89 10.84 -18.06 -41.29
CA ALA A 89 12.15 -17.55 -41.68
C ALA A 89 13.22 -17.98 -40.69
N SER A 90 12.85 -18.27 -39.44
CA SER A 90 13.79 -18.81 -38.48
C SER A 90 14.02 -20.31 -38.65
N LEU A 91 13.15 -21.00 -39.39
CA LEU A 91 13.28 -22.44 -39.54
C LEU A 91 14.40 -22.79 -40.51
N HIS A 92 15.14 -23.85 -40.18
CA HIS A 92 16.26 -24.31 -41.00
C HIS A 92 15.88 -25.63 -41.64
N SER A 93 15.93 -25.67 -42.98
CA SER A 93 15.58 -26.86 -43.74
C SER A 93 16.85 -27.63 -44.08
N GLN A 94 16.88 -28.91 -43.73
CA GLN A 94 18.02 -29.78 -44.01
C GLN A 94 17.73 -30.56 -45.28
N TYR A 95 18.59 -30.40 -46.28
CA TYR A 95 18.39 -30.97 -47.60
C TYR A 95 19.23 -32.23 -47.77
N GLU A 96 18.68 -33.20 -48.50
CA GLU A 96 19.41 -34.42 -48.87
C GLU A 96 19.09 -34.75 -50.32
N LEU A 97 20.14 -35.10 -51.07
CA LEU A 97 20.01 -35.41 -52.49
C LEU A 97 19.55 -36.86 -52.63
N GLU A 98 18.29 -37.04 -53.04
CA GLU A 98 17.74 -38.36 -53.30
C GLU A 98 17.04 -38.34 -54.66
N ASN A 99 17.30 -39.37 -55.46
CA ASN A 99 16.71 -39.51 -56.79
C ASN A 99 17.00 -38.30 -57.67
N GLY A 100 18.23 -37.77 -57.55
CA GLY A 100 18.67 -36.70 -58.42
C GLY A 100 18.12 -35.33 -58.11
N GLU A 101 17.47 -35.14 -56.97
CA GLU A 101 16.92 -33.84 -56.60
C GLU A 101 17.14 -33.59 -55.12
N GLU A 102 17.14 -32.32 -54.74
CA GLU A 102 17.29 -31.90 -53.35
C GLU A 102 15.91 -31.77 -52.73
N LYS A 103 15.64 -32.55 -51.69
CA LYS A 103 14.36 -32.52 -50.99
C LYS A 103 14.61 -32.30 -49.50
N ILE A 104 13.65 -31.66 -48.84
CA ILE A 104 13.74 -31.45 -47.40
C ILE A 104 13.47 -32.78 -46.69
N VAL A 105 14.44 -33.24 -45.92
CA VAL A 105 14.25 -34.42 -45.09
C VAL A 105 13.98 -34.07 -43.64
N ARG A 106 14.26 -32.85 -43.22
CA ARG A 106 14.07 -32.45 -41.84
C ARG A 106 14.08 -30.93 -41.77
N ILE A 107 13.27 -30.36 -40.88
CA ILE A 107 13.25 -28.94 -40.62
C ILE A 107 13.64 -28.72 -39.17
N ARG A 108 14.64 -27.88 -38.94
CA ARG A 108 15.17 -27.63 -37.61
C ARG A 108 14.78 -26.24 -37.14
N ALA A 109 14.71 -26.08 -35.82
CA ALA A 109 14.36 -24.82 -35.19
C ALA A 109 15.62 -24.13 -34.70
N THR A 110 15.82 -22.87 -35.11
CA THR A 110 16.94 -22.09 -34.64
C THR A 110 16.59 -21.16 -33.48
N ALA A 111 15.32 -20.78 -33.36
CA ALA A 111 14.85 -19.94 -32.28
C ALA A 111 13.56 -20.52 -31.71
N PRO A 112 13.27 -20.27 -30.43
CA PRO A 112 12.00 -20.71 -29.87
C PRO A 112 10.83 -20.00 -30.53
N SER A 113 9.70 -20.70 -30.59
CA SER A 113 8.51 -20.13 -31.22
C SER A 113 7.94 -18.98 -30.41
N ALA A 114 8.16 -18.97 -29.09
CA ALA A 114 7.70 -17.87 -28.26
C ALA A 114 8.40 -16.56 -28.60
N SER A 115 9.56 -16.62 -29.28
CA SER A 115 10.22 -15.41 -29.71
C SER A 115 9.42 -14.65 -30.75
N PHE A 116 8.66 -15.36 -31.58
CA PHE A 116 7.86 -14.76 -32.65
C PHE A 116 6.38 -14.72 -32.32
N PHE A 117 5.86 -15.73 -31.63
CA PHE A 117 4.51 -15.69 -31.08
C PHE A 117 4.57 -15.25 -29.61
N SER A 118 5.06 -14.02 -29.42
CA SER A 118 5.37 -13.53 -28.10
C SER A 118 4.10 -13.18 -27.33
N GLU A 119 4.22 -13.12 -26.00
CA GLU A 119 3.10 -12.71 -25.17
C GLU A 119 2.67 -11.30 -25.48
N GLN A 120 3.63 -10.39 -25.69
CA GLN A 120 3.30 -9.02 -26.05
C GLN A 120 2.43 -8.97 -27.30
N GLN A 121 2.99 -9.40 -28.43
CA GLN A 121 2.33 -9.22 -29.72
C GLN A 121 1.00 -9.96 -29.80
N LEU A 122 0.88 -11.11 -29.15
CA LEU A 122 -0.32 -11.93 -29.30
C LEU A 122 -1.37 -11.68 -28.23
N VAL A 123 -1.00 -11.12 -27.08
CA VAL A 123 -1.97 -10.93 -26.01
C VAL A 123 -1.99 -9.48 -25.54
N ASP A 124 -0.82 -8.93 -25.19
CA ASP A 124 -0.77 -7.68 -24.44
C ASP A 124 -1.16 -6.50 -25.31
N ILE A 125 -0.76 -6.52 -26.57
CA ILE A 125 -1.05 -5.41 -27.49
C ILE A 125 -2.50 -5.49 -27.97
N PRO A 126 -3.01 -6.64 -28.42
CA PRO A 126 -4.44 -6.71 -28.76
C PRO A 126 -5.35 -6.41 -27.58
N LEU A 127 -4.97 -6.79 -26.37
CA LEU A 127 -5.80 -6.53 -25.20
C LEU A 127 -5.55 -5.16 -24.59
N ASN A 128 -4.54 -4.43 -25.07
CA ASN A 128 -4.18 -3.12 -24.54
C ASN A 128 -3.96 -3.17 -23.04
N THR A 129 -3.21 -4.19 -22.61
CA THR A 129 -2.97 -4.39 -21.18
C THR A 129 -2.21 -3.23 -20.55
N GLU A 130 -1.40 -2.52 -21.33
CA GLU A 130 -0.69 -1.36 -20.80
C GLU A 130 -1.65 -0.27 -20.32
N PHE A 131 -2.91 -0.30 -20.77
CA PHE A 131 -3.93 0.61 -20.30
C PHE A 131 -4.89 -0.05 -19.32
N PHE A 132 -5.33 -1.27 -19.58
CA PHE A 132 -6.39 -1.87 -18.79
C PHE A 132 -5.93 -2.41 -17.45
N LYS A 133 -4.61 -2.55 -17.24
CA LYS A 133 -4.14 -2.92 -15.90
C LYS A 133 -4.27 -1.75 -14.94
N HIS A 134 -4.43 -0.53 -15.44
CA HIS A 134 -4.60 0.66 -14.60
C HIS A 134 -6.06 1.09 -14.47
N LEU A 135 -6.97 0.41 -15.15
CA LEU A 135 -8.39 0.80 -15.09
C LEU A 135 -9.00 0.71 -13.69
N PRO A 136 -8.76 -0.33 -12.88
CA PRO A 136 -9.33 -0.33 -11.52
C PRO A 136 -8.91 0.87 -10.70
N GLY A 137 -7.66 1.32 -10.83
CA GLY A 137 -7.24 2.52 -10.16
C GLY A 137 -8.03 3.74 -10.61
N ILE A 138 -8.31 3.82 -11.91
CA ILE A 138 -9.10 4.94 -12.43
C ILE A 138 -10.53 4.90 -11.89
N LEU A 139 -11.13 3.71 -11.82
CA LEU A 139 -12.48 3.60 -11.27
C LEU A 139 -12.51 4.00 -9.80
N THR A 140 -11.53 3.55 -9.02
CA THR A 140 -11.47 3.93 -7.62
C THR A 140 -11.25 5.44 -7.47
N GLY A 141 -10.41 6.02 -8.33
CA GLY A 141 -10.22 7.46 -8.29
C GLY A 141 -11.48 8.22 -8.61
N MET A 142 -12.27 7.71 -9.56
CA MET A 142 -13.55 8.35 -9.87
C MET A 142 -14.50 8.27 -8.68
N GLY A 143 -14.53 7.12 -8.00
CA GLY A 143 -15.31 7.03 -6.78
C GLY A 143 -14.85 8.02 -5.73
N ILE A 144 -13.54 8.23 -5.61
CA ILE A 144 -13.02 9.18 -4.64
C ILE A 144 -13.39 10.60 -5.02
N ILE A 145 -13.37 10.92 -6.31
CA ILE A 145 -13.82 12.23 -6.76
C ILE A 145 -15.29 12.44 -6.40
N GLY A 146 -16.11 11.42 -6.62
CA GLY A 146 -17.50 11.51 -6.22
C GLY A 146 -17.66 11.71 -4.72
N THR A 147 -16.85 11.01 -3.93
CA THR A 147 -16.88 11.17 -2.48
C THR A 147 -16.56 12.61 -2.07
N PHE A 148 -15.45 13.14 -2.59
CA PHE A 148 -15.06 14.51 -2.28
C PHE A 148 -16.12 15.51 -2.67
N TYR A 149 -16.70 15.34 -3.86
CA TYR A 149 -17.60 16.35 -4.38
C TYR A 149 -18.94 16.29 -3.65
N GLY A 150 -19.38 15.08 -3.30
CA GLY A 150 -20.57 14.96 -2.48
C GLY A 150 -20.38 15.49 -1.08
N LEU A 151 -19.19 15.31 -0.50
CA LEU A 151 -18.92 15.90 0.80
C LEU A 151 -18.93 17.43 0.73
N MET A 152 -18.38 17.99 -0.35
CA MET A 152 -18.47 19.45 -0.53
C MET A 152 -19.91 19.90 -0.61
N ILE A 153 -20.73 19.18 -1.38
CA ILE A 153 -22.14 19.54 -1.52
C ILE A 153 -22.84 19.48 -0.17
N GLY A 154 -22.61 18.40 0.59
CA GLY A 154 -23.24 18.28 1.90
C GLY A 154 -22.80 19.36 2.87
N LEU A 155 -21.50 19.68 2.90
CA LEU A 155 -21.02 20.73 3.78
C LEU A 155 -21.52 22.10 3.33
N ASN A 156 -21.75 22.28 2.04
CA ASN A 156 -22.37 23.51 1.56
C ASN A 156 -23.79 23.65 2.07
N HIS A 157 -24.56 22.56 2.04
CA HIS A 157 -25.91 22.62 2.61
C HIS A 157 -25.93 22.85 4.11
N PHE A 158 -24.84 22.57 4.82
CA PHE A 158 -24.85 22.69 6.27
C PHE A 158 -24.44 24.11 6.65
N ASP A 159 -25.45 24.99 6.72
CA ASP A 159 -25.27 26.35 7.24
C ASP A 159 -26.60 26.82 7.80
N PRO A 160 -27.03 26.24 8.93
CA PRO A 160 -28.38 26.55 9.44
C PRO A 160 -28.56 28.00 9.86
N SER A 161 -27.69 28.50 10.74
CA SER A 161 -27.79 29.84 11.31
C SER A 161 -29.10 30.07 12.05
N THR A 162 -29.79 28.98 12.40
CA THR A 162 -31.05 29.03 13.13
C THR A 162 -31.36 27.65 13.70
N PRO A 163 -31.65 27.54 15.00
CA PRO A 163 -31.93 26.22 15.57
C PRO A 163 -33.13 25.52 14.96
N GLU A 164 -34.08 26.28 14.41
CA GLU A 164 -35.28 25.67 13.83
C GLU A 164 -34.94 24.83 12.61
N GLN A 165 -33.98 25.28 11.79
CA GLN A 165 -33.63 24.60 10.56
C GLN A 165 -32.38 23.75 10.67
N VAL A 166 -31.89 23.49 11.89
CA VAL A 166 -30.70 22.66 12.06
C VAL A 166 -30.99 21.23 11.60
N SER A 167 -32.16 20.70 11.92
CA SER A 167 -32.49 19.32 11.55
C SER A 167 -32.52 19.15 10.05
N SER A 168 -33.03 20.14 9.32
CA SER A 168 -33.04 20.08 7.86
C SER A 168 -31.62 20.00 7.31
N SER A 169 -30.70 20.80 7.87
CA SER A 169 -29.32 20.76 7.42
C SER A 169 -28.69 19.39 7.69
N VAL A 170 -28.99 18.79 8.83
CA VAL A 170 -28.46 17.46 9.13
C VAL A 170 -29.03 16.43 8.18
N ASN A 171 -30.33 16.52 7.87
CA ASN A 171 -30.92 15.59 6.91
C ASN A 171 -30.25 15.71 5.54
N ASN A 172 -30.06 16.94 5.07
CA ASN A 172 -29.43 17.13 3.77
C ASN A 172 -27.99 16.62 3.77
N LEU A 173 -27.25 16.88 4.85
CA LEU A 173 -25.89 16.39 4.94
C LEU A 173 -25.84 14.87 4.92
N LEU A 174 -26.73 14.23 5.67
CA LEU A 174 -26.77 12.78 5.68
C LEU A 174 -27.09 12.22 4.30
N ARG A 175 -28.07 12.83 3.61
N ARG A 175 -28.07 12.83 3.61
CA ARG A 175 -28.42 12.37 2.27
CA ARG A 175 -28.42 12.37 2.27
C ARG A 175 -27.27 12.53 1.29
N ASP A 176 -26.58 13.67 1.35
CA ASP A 176 -25.47 13.91 0.43
C ASP A 176 -24.31 12.94 0.70
N VAL A 177 -24.02 12.68 1.97
CA VAL A 177 -22.98 11.71 2.30
C VAL A 177 -23.39 10.32 1.84
N LEU A 178 -24.67 9.97 1.99
CA LEU A 178 -25.17 8.70 1.49
C LEU A 178 -24.94 8.57 -0.01
N TYR A 179 -25.22 9.65 -0.76
CA TYR A 179 -24.97 9.64 -2.20
C TYR A 179 -23.49 9.42 -2.51
N ALA A 180 -22.63 10.15 -1.80
CA ALA A 180 -21.19 10.04 -2.04
C ALA A 180 -20.69 8.63 -1.78
N PHE A 181 -21.12 8.02 -0.68
CA PHE A 181 -20.67 6.68 -0.37
C PHE A 181 -21.28 5.63 -1.29
N LEU A 182 -22.45 5.88 -1.87
CA LEU A 182 -23.07 5.00 -2.88
C LEU A 182 -22.15 5.00 -4.08
N GLY A 183 -21.79 6.18 -4.52
CA GLY A 183 -20.89 6.25 -5.67
C GLY A 183 -19.56 5.57 -5.42
N SER A 184 -18.97 5.82 -4.25
CA SER A 184 -17.67 5.24 -3.93
C SER A 184 -17.74 3.71 -3.84
N ALA A 185 -18.80 3.18 -3.22
CA ALA A 185 -18.96 1.74 -3.10
C ALA A 185 -19.14 1.10 -4.47
N PHE A 186 -19.95 1.72 -5.34
CA PHE A 186 -20.11 1.19 -6.69
C PHE A 186 -18.79 1.20 -7.44
N ALA A 187 -18.02 2.29 -7.31
CA ALA A 187 -16.73 2.35 -8.00
C ALA A 187 -15.78 1.27 -7.51
N ILE A 188 -15.72 1.05 -6.19
CA ILE A 188 -14.83 0.02 -5.66
C ILE A 188 -15.30 -1.37 -6.11
N PHE A 189 -16.61 -1.59 -6.12
CA PHE A 189 -17.14 -2.88 -6.57
C PHE A 189 -16.74 -3.16 -8.02
N ALA A 190 -16.95 -2.17 -8.90
CA ALA A 190 -16.56 -2.37 -10.29
C ALA A 190 -15.06 -2.48 -10.45
N SER A 191 -14.28 -1.80 -9.60
CA SER A 191 -12.83 -1.92 -9.66
C SER A 191 -12.39 -3.35 -9.36
N ILE A 192 -12.91 -3.94 -8.29
CA ILE A 192 -12.51 -5.30 -7.96
C ILE A 192 -13.07 -6.29 -8.98
N LEU A 193 -14.25 -6.02 -9.54
CA LEU A 193 -14.78 -6.90 -10.59
C LEU A 193 -13.90 -6.88 -11.82
N VAL A 194 -13.48 -5.68 -12.25
CA VAL A 194 -12.58 -5.56 -13.39
C VAL A 194 -11.26 -6.23 -13.10
N THR A 195 -10.72 -6.05 -11.90
CA THR A 195 -9.47 -6.71 -11.53
C THR A 195 -9.61 -8.23 -11.65
N TRP A 196 -10.67 -8.78 -11.05
CA TRP A 196 -10.90 -10.23 -11.12
C TRP A 196 -10.95 -10.71 -12.57
N LEU A 197 -11.80 -10.07 -13.38
CA LEU A 197 -12.00 -10.55 -14.75
C LEU A 197 -10.73 -10.41 -15.57
N GLU A 198 -10.04 -9.28 -15.46
CA GLU A 198 -8.87 -9.06 -16.30
C GLU A 198 -7.72 -9.98 -15.88
N LYS A 199 -7.54 -10.23 -14.58
CA LYS A 199 -6.46 -11.12 -14.17
C LYS A 199 -6.76 -12.56 -14.56
N LEU A 200 -8.02 -13.00 -14.42
CA LEU A 200 -8.36 -14.35 -14.85
C LEU A 200 -8.16 -14.50 -16.36
N SER A 201 -8.59 -13.50 -17.13
CA SER A 201 -8.44 -13.56 -18.57
C SER A 201 -6.98 -13.57 -18.99
N ILE A 202 -6.14 -12.74 -18.36
CA ILE A 202 -4.73 -12.69 -18.74
C ILE A 202 -4.03 -13.98 -18.35
N ALA A 203 -4.41 -14.57 -17.21
CA ALA A 203 -3.82 -15.85 -16.82
C ALA A 203 -4.19 -16.95 -17.81
N LYS A 204 -5.46 -17.02 -18.21
CA LYS A 204 -5.87 -18.05 -19.15
C LYS A 204 -5.23 -17.82 -20.52
N SER A 205 -5.13 -16.56 -20.94
CA SER A 205 -4.48 -16.26 -22.21
C SER A 205 -3.03 -16.69 -22.21
N TYR A 206 -2.31 -16.42 -21.12
CA TYR A 206 -0.92 -16.86 -21.03
C TYR A 206 -0.83 -18.39 -21.01
N LYS A 207 -1.72 -19.06 -20.29
CA LYS A 207 -1.73 -20.51 -20.25
C LYS A 207 -1.88 -21.09 -21.66
N TYR A 208 -2.87 -20.64 -22.41
CA TYR A 208 -3.11 -21.24 -23.71
C TYR A 208 -2.13 -20.76 -24.78
N LEU A 209 -1.58 -19.56 -24.63
CA LEU A 209 -0.49 -19.15 -25.52
C LEU A 209 0.75 -20.00 -25.27
N GLU A 210 1.02 -20.34 -24.01
CA GLU A 210 2.13 -21.23 -23.72
C GLU A 210 1.90 -22.61 -24.30
N LYS A 211 0.66 -23.11 -24.22
CA LYS A 211 0.36 -24.40 -24.85
C LYS A 211 0.55 -24.35 -26.36
N PHE A 212 0.09 -23.26 -27.00
CA PHE A 212 0.26 -23.10 -28.43
C PHE A 212 1.74 -23.08 -28.82
N THR A 213 2.54 -22.32 -28.07
CA THR A 213 3.97 -22.22 -28.34
C THR A 213 4.65 -23.57 -28.14
N ALA A 214 4.28 -24.30 -27.08
CA ALA A 214 4.83 -25.64 -26.87
C ALA A 214 4.45 -26.57 -28.01
N ALA A 215 3.24 -26.43 -28.54
CA ALA A 215 2.83 -27.24 -29.69
C ALA A 215 3.71 -26.94 -30.90
N LEU A 216 3.99 -25.66 -31.15
CA LEU A 216 4.89 -25.33 -32.25
C LEU A 216 6.31 -25.81 -31.99
N ASP A 217 6.80 -25.68 -30.75
CA ASP A 217 8.17 -26.10 -30.44
C ASP A 217 8.37 -27.59 -30.64
N SER A 218 7.36 -28.40 -30.33
CA SER A 218 7.50 -29.85 -30.44
C SER A 218 7.66 -30.32 -31.88
N LEU A 219 7.30 -29.48 -32.86
CA LEU A 219 7.34 -29.92 -34.25
C LEU A 219 8.78 -30.03 -34.77
N TYR A 220 9.64 -29.09 -34.39
CA TYR A 220 10.99 -28.99 -34.94
C TYR A 220 12.02 -29.06 -33.82
N ASP A 221 13.14 -29.70 -34.09
CA ASP A 221 14.21 -29.88 -33.13
C ASP A 221 15.32 -28.85 -33.37
N SER A 222 15.98 -28.46 -32.28
CA SER A 222 17.03 -27.46 -32.33
C SER A 222 18.40 -28.13 -32.29
N GLY A 223 19.45 -27.32 -32.19
CA GLY A 223 20.79 -27.84 -32.10
C GLY A 223 21.39 -28.32 -33.40
N VAL A 224 20.93 -27.78 -34.54
CA VAL A 224 21.49 -28.21 -35.82
C VAL A 224 22.92 -27.70 -35.99
N GLY A 225 23.24 -26.54 -35.42
CA GLY A 225 24.60 -26.03 -35.50
C GLY A 225 25.59 -26.92 -34.76
N GLU A 226 25.17 -27.48 -33.62
CA GLU A 226 26.05 -28.37 -32.88
C GLU A 226 26.36 -29.64 -33.67
N GLU A 227 25.35 -30.21 -34.32
CA GLU A 227 25.61 -31.42 -35.10
C GLU A 227 26.38 -31.10 -36.38
N TYR A 228 26.20 -29.90 -36.94
CA TYR A 228 27.06 -29.47 -38.04
C TYR A 228 28.51 -29.38 -37.60
N LEU A 229 28.76 -28.80 -36.42
CA LEU A 229 30.13 -28.73 -35.92
C LEU A 229 30.70 -30.11 -35.64
N ALA A 230 29.88 -31.01 -35.10
CA ALA A 230 30.35 -32.37 -34.87
C ALA A 230 30.69 -33.07 -36.18
N SER A 231 29.87 -32.86 -37.21
CA SER A 231 30.17 -33.42 -38.53
C SER A 231 31.47 -32.85 -39.07
N LEU A 232 31.70 -31.55 -38.89
CA LEU A 232 32.94 -30.94 -39.36
C LEU A 232 34.14 -31.49 -38.64
N VAL A 233 34.05 -31.69 -37.33
CA VAL A 233 35.18 -32.24 -36.56
C VAL A 233 35.47 -33.67 -37.01
N LYS A 234 34.42 -34.49 -37.14
CA LYS A 234 34.60 -35.86 -37.59
C LYS A 234 35.19 -35.90 -39.00
N SER A 235 34.72 -35.02 -39.88
CA SER A 235 35.24 -34.97 -41.23
C SER A 235 36.68 -34.52 -41.27
N SER A 236 37.09 -33.61 -40.38
CA SER A 236 38.49 -33.20 -40.34
C SER A 236 39.38 -34.35 -39.88
N ASN A 237 38.94 -35.11 -38.88
CA ASN A 237 39.71 -36.27 -38.44
C ASN A 237 39.85 -37.29 -39.58
N GLU A 238 38.72 -37.65 -40.20
CA GLU A 238 38.77 -38.58 -41.32
C GLU A 238 39.55 -38.00 -42.49
N SER A 239 39.59 -36.67 -42.62
CA SER A 239 40.34 -36.05 -43.71
C SER A 239 41.83 -36.21 -43.50
N ALA A 240 42.31 -36.01 -42.26
CA ALA A 240 43.72 -36.27 -41.99
C ALA A 240 44.07 -37.73 -42.24
N THR A 241 43.22 -38.64 -41.74
CA THR A 241 43.48 -40.06 -41.94
C THR A 241 43.50 -40.43 -43.42
N GLN A 242 42.51 -39.92 -44.18
CA GLN A 242 42.42 -40.22 -45.59
C GLN A 242 43.57 -39.60 -46.37
N ALA A 243 44.04 -38.42 -45.93
CA ALA A 243 45.20 -37.81 -46.58
C ALA A 243 46.43 -38.68 -46.45
N ARG A 244 46.70 -39.17 -45.24
CA ARG A 244 47.87 -40.04 -45.08
C ARG A 244 47.69 -41.36 -45.82
N HIS A 245 46.48 -41.92 -45.81
CA HIS A 245 46.24 -43.17 -46.51
C HIS A 245 46.37 -43.01 -48.02
N LEU A 246 45.90 -41.88 -48.55
CA LEU A 246 46.04 -41.64 -49.99
C LEU A 246 47.49 -41.37 -50.36
N LYS A 247 48.25 -40.74 -49.48
CA LYS A 247 49.69 -40.61 -49.72
C LYS A 247 50.35 -41.99 -49.79
N GLU A 248 50.02 -42.87 -48.86
CA GLU A 248 50.58 -44.22 -48.89
C GLU A 248 50.16 -44.98 -50.15
N SER A 249 48.89 -44.84 -50.54
CA SER A 249 48.41 -45.53 -51.73
C SER A 249 49.06 -44.99 -52.99
N LEU A 250 49.28 -43.67 -53.06
CA LEU A 250 49.99 -43.08 -54.18
C LEU A 250 51.43 -43.59 -54.24
N VAL A 251 52.08 -43.71 -53.08
CA VAL A 251 53.43 -44.28 -53.05
C VAL A 251 53.43 -45.71 -53.58
N THR A 252 52.45 -46.51 -53.13
CA THR A 252 52.37 -47.90 -53.59
C THR A 252 52.13 -47.98 -55.10
N ASP A 253 51.23 -47.14 -55.61
CA ASP A 253 50.96 -47.14 -57.05
C ASP A 253 52.17 -46.70 -57.85
N LEU A 254 52.89 -45.68 -57.36
CA LEU A 254 54.11 -45.25 -58.04
C LEU A 254 55.15 -46.36 -58.05
N ARG A 255 55.30 -47.07 -56.92
CA ARG A 255 56.23 -48.19 -56.88
C ARG A 255 55.84 -49.26 -57.89
N ASP A 256 54.56 -49.63 -57.93
CA ASP A 256 54.12 -50.65 -58.87
C ASP A 256 54.34 -50.22 -60.31
N MET A 257 54.04 -48.95 -60.62
CA MET A 257 54.25 -48.45 -61.96
C MET A 257 55.72 -48.47 -62.35
N LEU A 258 56.61 -48.11 -61.41
CA LEU A 258 58.03 -48.10 -61.74
C LEU A 258 58.58 -49.52 -61.88
N LEU A 259 58.12 -50.47 -61.08
CA LEU A 259 58.50 -51.87 -61.29
C LEU A 259 58.00 -52.38 -62.65
N HIS A 260 56.78 -52.01 -63.04
CA HIS A 260 56.28 -52.41 -64.35
C HIS A 260 57.11 -51.80 -65.47
N LEU A 261 57.50 -50.53 -65.32
CA LEU A 261 58.34 -49.89 -66.31
C LEU A 261 59.71 -50.57 -66.39
N ALA A 262 60.27 -50.95 -65.24
CA ALA A 262 61.54 -51.65 -65.22
C ALA A 262 61.43 -53.02 -65.89
N GLU A 263 60.30 -53.71 -65.67
CA GLU A 263 60.08 -54.99 -66.32
C GLU A 263 59.99 -54.83 -67.84
N SER A 264 59.27 -53.80 -68.30
CA SER A 264 59.20 -53.55 -69.73
C SER A 264 60.56 -53.19 -70.31
N GLN A 265 61.35 -52.39 -69.58
CA GLN A 265 62.69 -52.05 -70.02
C GLN A 265 63.57 -53.30 -70.09
N LYS A 266 63.41 -54.21 -69.13
CA LYS A 266 64.16 -55.46 -69.15
C LYS A 266 63.77 -56.32 -70.35
N ILE A 267 62.46 -56.36 -70.67
CA ILE A 267 62.02 -57.09 -71.85
C ILE A 267 62.66 -56.50 -73.11
N GLU A 268 62.66 -55.16 -73.21
CA GLU A 268 63.26 -54.52 -74.38
C GLU A 268 64.76 -54.79 -74.45
N ASN A 269 65.44 -54.76 -73.30
CA ASN A 269 66.89 -54.98 -73.27
C ASN A 269 67.23 -56.41 -73.65
N MET B 1 9.21 25.93 19.33
CA MET B 1 9.31 26.96 20.35
C MET B 1 8.35 28.10 20.02
N SER B 2 8.84 29.33 20.13
CA SER B 2 8.11 30.47 19.61
C SER B 2 8.31 30.64 18.11
N TRP B 3 9.38 30.06 17.56
CA TRP B 3 9.57 30.06 16.11
C TRP B 3 8.44 29.29 15.42
N LEU B 4 8.05 28.16 15.99
CA LEU B 4 6.93 27.38 15.45
C LEU B 4 5.64 28.19 15.49
N ASN B 5 5.38 28.89 16.60
CA ASN B 5 4.18 29.71 16.68
C ASN B 5 4.22 30.86 15.68
N SER B 6 5.39 31.46 15.48
CA SER B 6 5.51 32.55 14.51
C SER B 6 5.24 32.06 13.10
N ILE B 7 5.80 30.90 12.72
CA ILE B 7 5.58 30.42 11.37
C ILE B 7 4.15 29.91 11.21
N LEU B 8 3.50 29.51 12.30
CA LEU B 8 2.08 29.17 12.23
C LEU B 8 1.23 30.41 12.02
N VAL B 9 1.57 31.50 12.70
CA VAL B 9 0.86 32.76 12.50
C VAL B 9 1.03 33.26 11.07
N THR B 10 2.25 33.19 10.55
CA THR B 10 2.50 33.61 9.18
C THR B 10 1.73 32.72 8.19
N LEU B 11 1.77 31.40 8.41
CA LEU B 11 1.19 30.48 7.44
C LEU B 11 -0.33 30.63 7.36
N THR B 12 -0.99 30.79 8.50
CA THR B 12 -2.45 30.82 8.55
C THR B 12 -3.01 32.23 8.37
N SER B 13 -2.16 33.21 8.10
CA SER B 13 -2.62 34.58 7.91
C SER B 13 -3.21 34.84 6.53
N VAL B 14 -3.00 33.93 5.58
CA VAL B 14 -3.50 34.15 4.22
C VAL B 14 -4.99 33.88 4.18
N GLU B 15 -5.65 34.49 3.21
CA GLU B 15 -7.09 34.29 3.03
C GLU B 15 -7.37 32.87 2.56
N PRO B 16 -8.49 32.28 2.98
CA PRO B 16 -8.77 30.89 2.60
C PRO B 16 -8.88 30.65 1.11
N TYR B 17 -9.31 31.65 0.32
CA TYR B 17 -9.55 31.40 -1.09
C TYR B 17 -8.26 31.28 -1.88
N LYS B 18 -7.14 31.83 -1.38
CA LYS B 18 -5.88 31.78 -2.09
C LYS B 18 -5.32 30.37 -2.20
N VAL B 19 -5.78 29.44 -1.36
CA VAL B 19 -5.26 28.09 -1.35
C VAL B 19 -5.85 27.28 -2.52
N PRO B 20 -7.17 27.21 -2.69
CA PRO B 20 -7.69 26.50 -3.86
C PRO B 20 -7.21 27.12 -5.16
N VAL B 21 -7.06 28.45 -5.20
CA VAL B 21 -6.56 29.10 -6.41
C VAL B 21 -5.15 28.63 -6.73
N THR B 22 -4.28 28.60 -5.72
CA THR B 22 -2.91 28.14 -5.93
C THR B 22 -2.88 26.69 -6.36
N VAL B 23 -3.69 25.84 -5.72
CA VAL B 23 -3.70 24.41 -6.08
C VAL B 23 -4.17 24.25 -7.52
N ILE B 24 -5.25 24.95 -7.90
CA ILE B 24 -5.79 24.83 -9.24
C ILE B 24 -4.77 25.32 -10.27
N VAL B 25 -4.12 26.44 -10.00
CA VAL B 25 -3.16 26.99 -10.95
C VAL B 25 -1.97 26.05 -11.12
N THR B 26 -1.43 25.54 -10.01
CA THR B 26 -0.27 24.66 -10.11
C THR B 26 -0.63 23.35 -10.79
N VAL B 27 -1.80 22.78 -10.48
CA VAL B 27 -2.20 21.53 -11.09
C VAL B 27 -2.49 21.73 -12.58
N THR B 28 -3.07 22.87 -12.95
CA THR B 28 -3.31 23.16 -14.36
C THR B 28 -2.00 23.36 -15.11
N PHE B 29 -1.02 24.02 -14.49
CA PHE B 29 0.28 24.16 -15.12
C PHE B 29 0.94 22.81 -15.33
N ALA B 30 0.84 21.93 -14.33
CA ALA B 30 1.40 20.58 -14.49
C ALA B 30 0.67 19.80 -15.57
N PHE B 31 -0.65 19.97 -15.67
CA PHE B 31 -1.40 19.31 -16.73
C PHE B 31 -0.99 19.82 -18.11
N VAL B 32 -0.79 21.14 -18.23
CA VAL B 32 -0.35 21.71 -19.51
C VAL B 32 1.04 21.21 -19.87
N CYS B 33 1.92 21.09 -18.87
CA CYS B 33 3.25 20.52 -19.11
C CYS B 33 3.13 19.07 -19.55
N PHE B 34 2.21 18.31 -18.95
CA PHE B 34 1.97 16.95 -19.40
C PHE B 34 1.53 16.91 -20.86
N ILE B 35 0.58 17.78 -21.22
CA ILE B 35 0.08 17.81 -22.59
C ILE B 35 1.20 18.15 -23.57
N PHE B 36 2.03 19.12 -23.21
CA PHE B 36 3.07 19.58 -24.13
C PHE B 36 4.21 18.57 -24.25
N PHE B 37 4.81 18.20 -23.13
CA PHE B 37 6.00 17.37 -23.16
C PHE B 37 5.71 15.90 -23.34
N TYR B 38 4.48 15.45 -23.12
CA TYR B 38 4.18 14.02 -23.16
C TYR B 38 3.14 13.66 -24.20
N LEU B 39 1.97 14.28 -24.18
CA LEU B 39 0.86 13.82 -25.00
C LEU B 39 1.06 14.16 -26.47
N LEU B 40 1.34 15.42 -26.77
CA LEU B 40 1.62 15.81 -28.15
C LEU B 40 2.87 15.12 -28.67
N ARG B 41 3.87 14.95 -27.82
CA ARG B 41 5.08 14.24 -28.21
C ARG B 41 4.77 12.78 -28.57
N SER B 42 3.93 12.13 -27.77
CA SER B 42 3.57 10.74 -28.06
C SER B 42 2.73 10.64 -29.32
N ILE B 43 1.85 11.63 -29.56
CA ILE B 43 1.07 11.64 -30.79
C ILE B 43 1.99 11.78 -32.00
N ARG B 44 2.99 12.66 -31.91
CA ARG B 44 3.95 12.81 -33.00
C ARG B 44 4.76 11.54 -33.21
N ILE B 45 5.14 10.86 -32.12
CA ILE B 45 5.85 9.59 -32.24
C ILE B 45 5.00 8.55 -32.93
N ILE B 46 3.71 8.47 -32.57
CA ILE B 46 2.82 7.49 -33.18
C ILE B 46 2.64 7.78 -34.67
N TYR B 47 2.44 9.04 -35.03
CA TYR B 47 2.29 9.40 -36.43
C TYR B 47 3.56 9.09 -37.21
N GLY B 48 4.72 9.40 -36.63
CA GLY B 48 5.97 9.08 -37.30
C GLY B 48 6.18 7.59 -37.47
N LEU B 49 5.82 6.80 -36.46
CA LEU B 49 5.94 5.35 -36.57
C LEU B 49 5.04 4.79 -37.65
N LYS B 50 3.80 5.29 -37.72
CA LYS B 50 2.89 4.84 -38.78
C LYS B 50 3.42 5.20 -40.15
N LYS B 51 3.96 6.42 -40.31
CA LYS B 51 4.51 6.83 -41.59
C LYS B 51 5.73 5.98 -41.96
N TYR B 52 6.60 5.71 -41.00
CA TYR B 52 7.76 4.86 -41.26
C TYR B 52 7.34 3.46 -41.65
N THR B 53 6.33 2.91 -40.97
CA THR B 53 5.85 1.57 -41.30
C THR B 53 5.26 1.53 -42.71
N ARG B 54 4.51 2.57 -43.09
CA ARG B 54 4.00 2.64 -44.46
C ARG B 54 5.14 2.71 -45.46
N SER B 55 6.18 3.49 -45.15
CA SER B 55 7.33 3.59 -46.06
C SER B 55 8.05 2.25 -46.20
N ILE B 56 8.21 1.52 -45.09
CA ILE B 56 8.92 0.25 -45.12
C ILE B 56 8.14 -0.79 -45.93
N ASN B 57 6.81 -0.79 -45.79
CA ASN B 57 6.00 -1.76 -46.52
C ASN B 57 6.06 -1.55 -48.03
N SER B 58 6.44 -0.35 -48.49
CA SER B 58 6.49 -0.09 -49.92
C SER B 58 7.66 -0.77 -50.60
N ILE B 59 8.78 -0.95 -49.89
CA ILE B 59 9.98 -1.58 -50.45
C ILE B 59 10.03 -3.07 -50.14
N GLU B 60 8.91 -3.68 -49.78
CA GLU B 60 8.90 -5.09 -49.41
C GLU B 60 9.39 -5.97 -50.55
N LYS B 61 9.07 -5.62 -51.79
CA LYS B 61 9.41 -6.44 -52.96
C LYS B 61 10.56 -5.86 -53.78
N SER B 62 11.39 -5.00 -53.19
CA SER B 62 12.48 -4.39 -53.92
C SER B 62 13.78 -5.17 -53.76
N ALA B 63 14.76 -4.82 -54.59
CA ALA B 63 16.06 -5.46 -54.51
C ALA B 63 16.76 -5.11 -53.20
N PRO B 64 17.64 -5.98 -52.70
CA PRO B 64 18.28 -5.70 -51.39
C PRO B 64 18.99 -4.38 -51.32
N GLU B 65 19.70 -3.98 -52.38
CA GLU B 65 20.39 -2.70 -52.37
C GLU B 65 19.39 -1.55 -52.42
N VAL B 66 18.32 -1.70 -53.22
CA VAL B 66 17.29 -0.67 -53.28
C VAL B 66 16.62 -0.49 -51.92
N GLN B 67 16.26 -1.61 -51.28
CA GLN B 67 15.68 -1.53 -49.95
C GLN B 67 16.64 -0.88 -48.96
N LEU B 68 17.93 -1.26 -49.03
CA LEU B 68 18.90 -0.74 -48.09
C LEU B 68 19.07 0.76 -48.24
N GLU B 69 19.15 1.24 -49.49
CA GLU B 69 19.31 2.68 -49.71
C GLU B 69 18.05 3.44 -49.33
N HIS B 70 16.88 2.88 -49.62
CA HIS B 70 15.63 3.52 -49.21
C HIS B 70 15.56 3.64 -47.69
N LEU B 71 15.94 2.59 -46.97
CA LEU B 71 15.93 2.65 -45.52
C LEU B 71 16.99 3.58 -44.98
N LYS B 72 18.14 3.68 -45.65
CA LYS B 72 19.13 4.67 -45.26
C LYS B 72 18.58 6.09 -45.37
N SER B 73 17.96 6.40 -46.51
CA SER B 73 17.42 7.74 -46.70
C SER B 73 16.27 8.00 -45.74
N LEU B 74 15.49 6.98 -45.42
CA LEU B 74 14.37 7.14 -44.50
C LEU B 74 14.84 7.52 -43.10
N PHE B 75 15.91 6.90 -42.62
CA PHE B 75 16.37 7.05 -41.25
C PHE B 75 17.72 7.75 -41.17
N GLN B 76 17.96 8.74 -42.01
CA GLN B 76 19.18 9.53 -41.88
C GLN B 76 18.91 10.99 -41.57
N ARG B 77 17.84 11.57 -42.10
CA ARG B 77 17.38 12.88 -41.68
C ARG B 77 16.29 12.75 -40.62
N SER B 78 16.57 11.99 -39.57
CA SER B 78 15.56 11.61 -38.60
C SER B 78 16.20 11.34 -37.26
N GLU B 79 15.36 11.27 -36.22
CA GLU B 79 15.82 10.95 -34.87
C GLU B 79 16.12 9.47 -34.70
N LEU B 80 15.73 8.63 -35.65
CA LEU B 80 15.99 7.19 -35.59
C LEU B 80 17.31 6.81 -36.26
N LYS B 81 18.21 7.78 -36.48
CA LYS B 81 19.41 7.52 -37.26
C LYS B 81 20.37 6.58 -36.54
N HIS B 82 20.51 6.72 -35.21
CA HIS B 82 21.43 5.86 -34.48
C HIS B 82 20.91 4.43 -34.43
N ALA B 83 19.61 4.27 -34.17
CA ALA B 83 19.02 2.94 -34.17
C ALA B 83 19.14 2.29 -35.54
N TRP B 84 18.91 3.06 -36.61
CA TRP B 84 19.07 2.50 -37.95
C TRP B 84 20.51 2.13 -38.24
N ASN B 85 21.47 2.95 -37.81
CA ASN B 85 22.87 2.62 -38.04
C ASN B 85 23.25 1.33 -37.33
N ALA B 86 22.80 1.17 -36.08
CA ALA B 86 23.06 -0.08 -35.36
C ALA B 86 22.40 -1.27 -36.05
N PHE B 87 21.15 -1.12 -36.47
CA PHE B 87 20.43 -2.22 -37.11
C PHE B 87 21.09 -2.62 -38.42
N GLU B 88 21.49 -1.63 -39.21
CA GLU B 88 22.19 -1.91 -40.47
C GLU B 88 23.53 -2.57 -40.23
N ALA B 89 24.25 -2.14 -39.18
CA ALA B 89 25.49 -2.79 -38.80
C ALA B 89 25.25 -4.25 -38.40
N SER B 90 24.05 -4.56 -37.90
CA SER B 90 23.71 -5.93 -37.57
C SER B 90 23.28 -6.76 -38.78
N LEU B 91 23.15 -6.15 -39.95
CA LEU B 91 22.70 -6.86 -41.14
C LEU B 91 23.89 -7.50 -41.85
N HIS B 92 23.70 -8.76 -42.26
CA HIS B 92 24.72 -9.51 -42.98
C HIS B 92 24.39 -9.50 -44.47
N SER B 93 25.34 -9.06 -45.28
CA SER B 93 25.17 -8.99 -46.72
C SER B 93 25.85 -10.18 -47.37
N GLN B 94 25.10 -10.91 -48.20
CA GLN B 94 25.61 -12.09 -48.89
C GLN B 94 26.00 -11.67 -50.30
N TYR B 95 27.31 -11.66 -50.57
CA TYR B 95 27.86 -11.29 -51.86
C TYR B 95 28.06 -12.53 -52.72
N GLU B 96 27.75 -12.40 -54.01
CA GLU B 96 28.03 -13.43 -54.99
C GLU B 96 28.67 -12.81 -56.22
N LEU B 97 29.56 -13.57 -56.85
CA LEU B 97 30.33 -13.08 -58.00
C LEU B 97 29.44 -13.12 -59.24
N GLU B 98 28.97 -11.96 -59.67
CA GLU B 98 28.18 -11.83 -60.88
C GLU B 98 28.83 -10.79 -61.79
N ASN B 99 29.01 -11.14 -63.06
CA ASN B 99 29.64 -10.27 -64.05
C ASN B 99 31.04 -9.84 -63.61
N GLY B 100 31.75 -10.75 -62.96
CA GLY B 100 33.12 -10.50 -62.54
C GLY B 100 33.28 -9.64 -61.32
N GLU B 101 32.19 -9.27 -60.65
CA GLU B 101 32.25 -8.42 -59.48
C GLU B 101 31.31 -8.96 -58.41
N GLU B 102 31.62 -8.64 -57.15
CA GLU B 102 30.83 -9.12 -56.03
C GLU B 102 29.59 -8.23 -55.88
N LYS B 103 28.41 -8.83 -56.05
CA LYS B 103 27.14 -8.13 -55.98
C LYS B 103 26.30 -8.72 -54.86
N ILE B 104 25.60 -7.85 -54.12
CA ILE B 104 24.72 -8.30 -53.06
C ILE B 104 23.53 -9.03 -53.68
N VAL B 105 23.29 -10.26 -53.24
CA VAL B 105 22.14 -11.02 -53.69
C VAL B 105 21.10 -11.19 -52.58
N ARG B 106 21.49 -11.05 -51.31
CA ARG B 106 20.57 -11.24 -50.20
C ARG B 106 21.15 -10.57 -48.98
N ILE B 107 20.28 -9.96 -48.18
CA ILE B 107 20.65 -9.36 -46.90
C ILE B 107 19.99 -10.18 -45.80
N ARG B 108 20.78 -10.56 -44.80
CA ARG B 108 20.32 -11.43 -43.73
C ARG B 108 20.34 -10.67 -42.41
N ALA B 109 19.35 -10.94 -41.57
CA ALA B 109 19.24 -10.32 -40.26
C ALA B 109 19.89 -11.22 -39.22
N THR B 110 20.71 -10.63 -38.36
CA THR B 110 21.35 -11.38 -37.29
C THR B 110 20.72 -11.13 -35.92
N ALA B 111 19.98 -10.04 -35.77
CA ALA B 111 19.31 -9.70 -34.52
C ALA B 111 17.93 -9.17 -34.83
N PRO B 112 16.99 -9.29 -33.89
CA PRO B 112 15.65 -8.71 -34.12
C PRO B 112 15.71 -7.19 -34.21
N SER B 113 14.77 -6.64 -34.97
CA SER B 113 14.73 -5.19 -35.16
C SER B 113 14.49 -4.46 -33.85
N ALA B 114 13.63 -5.01 -32.99
CA ALA B 114 13.33 -4.39 -31.70
C ALA B 114 14.55 -4.30 -30.80
N SER B 115 15.58 -5.08 -31.06
CA SER B 115 16.81 -4.98 -30.29
C SER B 115 17.49 -3.63 -30.44
N PHE B 116 17.25 -2.95 -31.56
CA PHE B 116 17.81 -1.63 -31.83
C PHE B 116 16.78 -0.52 -31.83
N PHE B 117 15.59 -0.79 -32.38
CA PHE B 117 14.47 0.14 -32.28
C PHE B 117 13.62 -0.26 -31.07
N SER B 118 14.24 -0.15 -29.89
CA SER B 118 13.65 -0.66 -28.67
C SER B 118 12.58 0.29 -28.14
N GLU B 119 11.79 -0.22 -27.20
CA GLU B 119 10.75 0.60 -26.58
C GLU B 119 11.35 1.76 -25.80
N GLN B 120 12.45 1.51 -25.09
CA GLN B 120 13.05 2.58 -24.29
C GLN B 120 13.49 3.74 -25.16
N GLN B 121 14.32 3.47 -26.18
CA GLN B 121 14.93 4.53 -26.97
C GLN B 121 13.91 5.31 -27.78
N LEU B 122 12.88 4.65 -28.31
CA LEU B 122 11.93 5.30 -29.18
C LEU B 122 10.70 5.83 -28.47
N VAL B 123 10.39 5.34 -27.28
CA VAL B 123 9.19 5.76 -26.57
C VAL B 123 9.53 6.24 -25.16
N ASP B 124 10.19 5.39 -24.38
CA ASP B 124 10.29 5.65 -22.94
C ASP B 124 11.17 6.85 -22.65
N ILE B 125 12.26 6.99 -23.38
CA ILE B 125 13.19 8.10 -23.17
C ILE B 125 12.65 9.38 -23.82
N PRO B 126 12.18 9.36 -25.07
CA PRO B 126 11.60 10.59 -25.62
C PRO B 126 10.42 11.12 -24.83
N LEU B 127 9.59 10.25 -24.28
CA LEU B 127 8.43 10.67 -23.50
C LEU B 127 8.75 10.89 -22.04
N ASN B 128 9.95 10.51 -21.58
CA ASN B 128 10.34 10.63 -20.18
C ASN B 128 9.34 9.91 -19.28
N THR B 129 8.97 8.69 -19.66
CA THR B 129 7.98 7.93 -18.91
C THR B 129 8.46 7.59 -17.50
N GLU B 130 9.78 7.57 -17.28
CA GLU B 130 10.30 7.36 -15.93
C GLU B 130 9.90 8.47 -14.98
N PHE B 131 9.52 9.63 -15.50
CA PHE B 131 9.00 10.73 -14.70
C PHE B 131 7.49 10.85 -14.76
N PHE B 132 6.91 10.78 -15.97
CA PHE B 132 5.51 11.12 -16.15
C PHE B 132 4.57 10.05 -15.62
N LYS B 133 5.06 8.82 -15.39
CA LYS B 133 4.21 7.82 -14.77
C LYS B 133 4.01 8.05 -13.28
N HIS B 134 4.75 9.00 -12.70
CA HIS B 134 4.58 9.38 -11.31
C HIS B 134 3.96 10.75 -11.15
N LEU B 135 3.64 11.43 -12.25
CA LEU B 135 3.00 12.73 -12.18
C LEU B 135 1.64 12.72 -11.49
N PRO B 136 0.74 11.74 -11.72
CA PRO B 136 -0.54 11.76 -10.99
C PRO B 136 -0.37 11.75 -9.48
N GLY B 137 0.62 11.01 -8.98
CA GLY B 137 0.89 11.04 -7.55
C GLY B 137 1.31 12.43 -7.08
N ILE B 138 2.10 13.12 -7.89
CA ILE B 138 2.51 14.48 -7.54
C ILE B 138 1.30 15.42 -7.52
N LEU B 139 0.40 15.27 -8.50
CA LEU B 139 -0.80 16.11 -8.54
C LEU B 139 -1.67 15.87 -7.29
N THR B 140 -1.89 14.60 -6.95
CA THR B 140 -2.67 14.30 -5.77
C THR B 140 -2.00 14.81 -4.50
N GLY B 141 -0.67 14.72 -4.44
CA GLY B 141 0.05 15.25 -3.30
C GLY B 141 -0.10 16.75 -3.16
N MET B 142 -0.03 17.47 -4.28
CA MET B 142 -0.25 18.92 -4.25
C MET B 142 -1.66 19.24 -3.75
N GLY B 143 -2.65 18.48 -4.21
CA GLY B 143 -4.00 18.69 -3.72
C GLY B 143 -4.13 18.44 -2.23
N ILE B 144 -3.49 17.38 -1.74
CA ILE B 144 -3.54 17.08 -0.30
C ILE B 144 -2.84 18.18 0.50
N ILE B 145 -1.74 18.71 -0.04
CA ILE B 145 -1.04 19.81 0.64
C ILE B 145 -1.95 21.02 0.74
N GLY B 146 -2.64 21.36 -0.36
CA GLY B 146 -3.57 22.46 -0.31
C GLY B 146 -4.68 22.24 0.68
N THR B 147 -5.20 21.01 0.74
CA THR B 147 -6.25 20.69 1.70
C THR B 147 -5.77 20.85 3.13
N PHE B 148 -4.55 20.36 3.41
CA PHE B 148 -3.99 20.51 4.76
C PHE B 148 -3.81 21.99 5.11
N TYR B 149 -3.34 22.79 4.16
CA TYR B 149 -3.13 24.21 4.43
C TYR B 149 -4.46 24.91 4.71
N GLY B 150 -5.48 24.59 3.91
CA GLY B 150 -6.80 25.18 4.15
C GLY B 150 -7.40 24.74 5.47
N LEU B 151 -7.18 23.48 5.85
CA LEU B 151 -7.61 23.01 7.17
C LEU B 151 -6.89 23.76 8.28
N MET B 152 -5.60 24.03 8.09
CA MET B 152 -4.86 24.84 9.05
C MET B 152 -5.51 26.20 9.22
N ILE B 153 -5.82 26.87 8.11
CA ILE B 153 -6.43 28.19 8.17
C ILE B 153 -7.78 28.13 8.88
N GLY B 154 -8.62 27.16 8.49
CA GLY B 154 -9.94 27.07 9.08
C GLY B 154 -9.91 26.75 10.56
N LEU B 155 -9.03 25.83 10.96
CA LEU B 155 -8.91 25.50 12.37
C LEU B 155 -8.37 26.67 13.18
N ASN B 156 -7.44 27.44 12.60
CA ASN B 156 -6.95 28.63 13.27
C ASN B 156 -8.09 29.64 13.48
N HIS B 157 -8.96 29.78 12.49
CA HIS B 157 -10.10 30.68 12.65
C HIS B 157 -11.14 30.16 13.64
N PHE B 158 -11.09 28.89 14.01
CA PHE B 158 -12.10 28.30 14.87
C PHE B 158 -11.79 28.60 16.34
N ASP B 159 -12.66 29.35 17.01
CA ASP B 159 -12.48 29.68 18.40
C ASP B 159 -13.81 30.08 19.02
N PRO B 160 -14.65 29.12 19.42
CA PRO B 160 -15.95 29.43 20.05
C PRO B 160 -15.83 29.72 21.55
N SER B 161 -15.49 30.96 21.86
CA SER B 161 -15.34 31.37 23.26
C SER B 161 -16.67 31.50 23.99
N THR B 162 -17.79 31.50 23.26
CA THR B 162 -19.11 31.72 23.81
C THR B 162 -20.04 30.61 23.36
N PRO B 163 -20.95 30.15 24.22
CA PRO B 163 -21.90 29.12 23.77
C PRO B 163 -22.74 29.54 22.59
N GLU B 164 -23.05 30.83 22.46
CA GLU B 164 -23.83 31.32 21.33
C GLU B 164 -23.04 31.36 20.03
N GLN B 165 -21.71 31.39 20.11
CA GLN B 165 -20.86 31.47 18.93
C GLN B 165 -20.48 30.11 18.37
N VAL B 166 -21.00 29.02 18.94
CA VAL B 166 -20.59 27.69 18.50
C VAL B 166 -21.10 27.38 17.11
N SER B 167 -22.37 27.70 16.82
CA SER B 167 -22.94 27.38 15.52
C SER B 167 -22.23 28.12 14.40
N SER B 168 -21.96 29.41 14.60
CA SER B 168 -21.26 30.19 13.58
C SER B 168 -19.86 29.66 13.36
N SER B 169 -19.15 29.32 14.44
CA SER B 169 -17.80 28.79 14.30
C SER B 169 -17.80 27.47 13.54
N VAL B 170 -18.74 26.58 13.84
CA VAL B 170 -18.83 25.31 13.14
C VAL B 170 -19.14 25.53 11.67
N ASN B 171 -20.05 26.45 11.36
CA ASN B 171 -20.39 26.72 9.96
C ASN B 171 -19.19 27.27 9.20
N ASN B 172 -18.45 28.20 9.81
CA ASN B 172 -17.27 28.75 9.15
C ASN B 172 -16.21 27.68 8.94
N LEU B 173 -16.01 26.82 9.93
CA LEU B 173 -15.04 25.74 9.77
C LEU B 173 -15.44 24.79 8.66
N LEU B 174 -16.75 24.49 8.54
CA LEU B 174 -17.20 23.64 7.45
C LEU B 174 -16.99 24.32 6.10
N ARG B 175 -17.16 25.65 6.03
CA ARG B 175 -16.88 26.37 4.80
C ARG B 175 -15.40 26.25 4.42
N ASP B 176 -14.51 26.39 5.40
CA ASP B 176 -13.08 26.26 5.13
C ASP B 176 -12.74 24.84 4.67
N VAL B 177 -13.35 23.84 5.30
CA VAL B 177 -13.18 22.46 4.86
C VAL B 177 -13.67 22.30 3.42
N LEU B 178 -14.74 23.00 3.07
CA LEU B 178 -15.25 22.95 1.70
C LEU B 178 -14.21 23.49 0.72
N TYR B 179 -13.56 24.61 1.06
CA TYR B 179 -12.52 25.15 0.19
C TYR B 179 -11.37 24.16 0.01
N ALA B 180 -10.91 23.59 1.12
CA ALA B 180 -9.80 22.63 1.06
C ALA B 180 -10.17 21.41 0.22
N PHE B 181 -11.39 20.91 0.41
CA PHE B 181 -11.84 19.76 -0.38
C PHE B 181 -11.96 20.11 -1.85
N LEU B 182 -12.34 21.35 -2.17
CA LEU B 182 -12.36 21.77 -3.57
C LEU B 182 -10.98 21.61 -4.20
N GLY B 183 -9.96 22.12 -3.51
CA GLY B 183 -8.60 21.95 -4.04
C GLY B 183 -8.24 20.49 -4.23
N SER B 184 -8.54 19.66 -3.22
CA SER B 184 -8.20 18.24 -3.30
C SER B 184 -8.90 17.56 -4.48
N ALA B 185 -10.20 17.84 -4.67
CA ALA B 185 -10.94 17.18 -5.74
C ALA B 185 -10.45 17.60 -7.10
N PHE B 186 -10.13 18.88 -7.28
CA PHE B 186 -9.57 19.29 -8.57
C PHE B 186 -8.27 18.54 -8.85
N ALA B 187 -7.39 18.45 -7.84
CA ALA B 187 -6.14 17.73 -8.05
C ALA B 187 -6.36 16.27 -8.39
N ILE B 188 -7.31 15.61 -7.70
CA ILE B 188 -7.54 14.19 -7.93
C ILE B 188 -8.15 13.96 -9.31
N PHE B 189 -9.09 14.81 -9.72
CA PHE B 189 -9.67 14.69 -11.05
C PHE B 189 -8.61 14.84 -12.13
N ALA B 190 -7.73 15.84 -11.97
CA ALA B 190 -6.66 16.03 -12.95
C ALA B 190 -5.72 14.84 -12.97
N SER B 191 -5.43 14.26 -11.80
CA SER B 191 -4.55 13.10 -11.76
C SER B 191 -5.18 11.92 -12.49
N ILE B 192 -6.48 11.70 -12.30
CA ILE B 192 -7.16 10.59 -12.98
C ILE B 192 -7.14 10.81 -14.49
N LEU B 193 -7.41 12.03 -14.92
CA LEU B 193 -7.38 12.32 -16.36
C LEU B 193 -5.99 12.10 -16.94
N VAL B 194 -4.96 12.56 -16.23
CA VAL B 194 -3.58 12.37 -16.69
C VAL B 194 -3.25 10.89 -16.77
N THR B 195 -3.67 10.11 -15.77
CA THR B 195 -3.43 8.67 -15.80
C THR B 195 -4.08 8.04 -17.03
N TRP B 196 -5.33 8.40 -17.29
CA TRP B 196 -6.03 7.85 -18.45
C TRP B 196 -5.30 8.16 -19.75
N LEU B 197 -4.98 9.43 -19.97
CA LEU B 197 -4.32 9.83 -21.21
C LEU B 197 -2.95 9.17 -21.34
N GLU B 198 -2.18 9.14 -20.24
CA GLU B 198 -0.84 8.58 -20.27
C GLU B 198 -0.87 7.10 -20.61
N LYS B 199 -1.75 6.33 -19.95
CA LYS B 199 -1.79 4.90 -20.20
C LYS B 199 -2.26 4.59 -21.62
N LEU B 200 -3.26 5.35 -22.11
CA LEU B 200 -3.70 5.15 -23.48
C LEU B 200 -2.59 5.45 -24.47
N SER B 201 -1.84 6.53 -24.24
CA SER B 201 -0.74 6.88 -25.13
C SER B 201 0.35 5.81 -25.12
N ILE B 202 0.67 5.28 -23.94
CA ILE B 202 1.66 4.20 -23.87
C ILE B 202 1.19 2.98 -24.65
N ALA B 203 -0.08 2.60 -24.48
CA ALA B 203 -0.59 1.43 -25.18
C ALA B 203 -0.49 1.62 -26.69
N LYS B 204 -0.93 2.79 -27.19
CA LYS B 204 -0.88 3.04 -28.63
C LYS B 204 0.55 3.08 -29.15
N SER B 205 1.45 3.72 -28.39
CA SER B 205 2.84 3.81 -28.82
C SER B 205 3.48 2.43 -28.91
N TYR B 206 3.23 1.57 -27.91
CA TYR B 206 3.78 0.21 -27.97
C TYR B 206 3.20 -0.58 -29.13
N LYS B 207 1.89 -0.45 -29.37
CA LYS B 207 1.28 -1.13 -30.51
C LYS B 207 1.93 -0.73 -31.82
N TYR B 208 2.07 0.57 -32.07
CA TYR B 208 2.59 0.99 -33.36
C TYR B 208 4.09 0.81 -33.47
N LEU B 209 4.82 0.85 -32.36
CA LEU B 209 6.23 0.50 -32.40
C LEU B 209 6.42 -0.97 -32.73
N GLU B 210 5.57 -1.84 -32.18
CA GLU B 210 5.65 -3.26 -32.54
C GLU B 210 5.34 -3.47 -34.01
N LYS B 211 4.34 -2.74 -34.53
CA LYS B 211 4.05 -2.83 -35.97
C LYS B 211 5.25 -2.39 -36.79
N PHE B 212 5.91 -1.31 -36.39
CA PHE B 212 7.08 -0.81 -37.10
C PHE B 212 8.21 -1.83 -37.09
N THR B 213 8.50 -2.41 -35.92
CA THR B 213 9.60 -3.37 -35.82
C THR B 213 9.26 -4.68 -36.53
N ALA B 214 7.98 -5.03 -36.60
CA ALA B 214 7.60 -6.21 -37.39
C ALA B 214 7.76 -5.93 -38.88
N ALA B 215 7.49 -4.69 -39.31
CA ALA B 215 7.73 -4.34 -40.70
C ALA B 215 9.22 -4.41 -41.02
N LEU B 216 10.08 -3.95 -40.10
CA LEU B 216 11.52 -4.03 -40.34
C LEU B 216 12.02 -5.47 -40.30
N ASP B 217 11.46 -6.28 -39.40
CA ASP B 217 11.92 -7.67 -39.27
C ASP B 217 11.56 -8.50 -40.50
N SER B 218 10.43 -8.20 -41.15
CA SER B 218 9.98 -9.01 -42.27
C SER B 218 10.82 -8.81 -43.52
N LEU B 219 11.72 -7.83 -43.54
CA LEU B 219 12.49 -7.56 -44.74
C LEU B 219 13.60 -8.58 -44.96
N TYR B 220 14.22 -9.06 -43.88
CA TYR B 220 15.43 -9.87 -43.97
C TYR B 220 15.28 -11.12 -43.13
N ASP B 221 15.88 -12.21 -43.60
CA ASP B 221 15.76 -13.52 -42.97
C ASP B 221 16.98 -13.79 -42.10
N SER B 222 16.76 -14.57 -41.04
CA SER B 222 17.81 -14.96 -40.12
C SER B 222 18.26 -16.40 -40.39
N GLY B 223 19.16 -16.89 -39.55
CA GLY B 223 19.66 -18.24 -39.70
C GLY B 223 20.74 -18.42 -40.74
N VAL B 224 21.46 -17.35 -41.09
CA VAL B 224 22.50 -17.46 -42.10
C VAL B 224 23.67 -18.28 -41.59
N GLY B 225 23.94 -18.27 -40.29
CA GLY B 225 25.02 -19.07 -39.74
C GLY B 225 24.75 -20.56 -39.87
N GLU B 226 23.49 -20.97 -39.67
CA GLU B 226 23.13 -22.37 -39.82
C GLU B 226 23.33 -22.85 -41.25
N GLU B 227 22.95 -22.04 -42.24
CA GLU B 227 23.15 -22.46 -43.62
C GLU B 227 24.62 -22.39 -44.02
N TYR B 228 25.39 -21.48 -43.40
CA TYR B 228 26.83 -21.49 -43.61
C TYR B 228 27.44 -22.79 -43.09
N LEU B 229 27.02 -23.24 -41.92
CA LEU B 229 27.50 -24.51 -41.39
C LEU B 229 27.05 -25.69 -42.24
N ALA B 230 25.81 -25.64 -42.75
CA ALA B 230 25.35 -26.70 -43.64
C ALA B 230 26.19 -26.75 -44.92
N SER B 231 26.51 -25.58 -45.47
CA SER B 231 27.36 -25.53 -46.65
C SER B 231 28.75 -26.06 -46.35
N LEU B 232 29.28 -25.74 -45.16
CA LEU B 232 30.59 -26.26 -44.78
C LEU B 232 30.58 -27.79 -44.67
N VAL B 233 29.53 -28.34 -44.06
CA VAL B 233 29.42 -29.79 -43.94
C VAL B 233 29.31 -30.45 -45.31
N LYS B 234 28.50 -29.87 -46.18
CA LYS B 234 28.37 -30.39 -47.54
C LYS B 234 29.70 -30.33 -48.28
N SER B 235 30.43 -29.22 -48.12
CA SER B 235 31.73 -29.07 -48.79
C SER B 235 32.73 -30.09 -48.29
N SER B 236 32.76 -30.35 -46.98
CA SER B 236 33.70 -31.33 -46.44
C SER B 236 33.36 -32.74 -46.93
N ASN B 237 32.07 -33.08 -46.90
CA ASN B 237 31.66 -34.40 -47.37
C ASN B 237 31.99 -34.59 -48.85
N GLU B 238 31.79 -33.54 -49.65
CA GLU B 238 32.14 -33.63 -51.07
C GLU B 238 33.66 -33.65 -51.26
N SER B 239 34.41 -32.94 -50.40
CA SER B 239 35.84 -32.81 -50.59
C SER B 239 36.58 -34.09 -50.26
N ALA B 240 36.07 -34.88 -49.32
CA ALA B 240 36.69 -36.19 -49.08
C ALA B 240 36.65 -37.04 -50.35
N THR B 241 35.46 -37.19 -50.95
CA THR B 241 35.33 -37.95 -52.19
C THR B 241 36.10 -37.30 -53.32
N GLN B 242 36.17 -35.97 -53.35
CA GLN B 242 36.91 -35.29 -54.40
C GLN B 242 38.40 -35.59 -54.31
N ALA B 243 38.95 -35.60 -53.10
CA ALA B 243 40.35 -35.96 -52.93
C ALA B 243 40.61 -37.39 -53.35
N ARG B 244 39.70 -38.31 -52.97
CA ARG B 244 39.86 -39.70 -53.38
C ARG B 244 39.83 -39.84 -54.90
N HIS B 245 38.88 -39.17 -55.55
CA HIS B 245 38.75 -39.24 -57.00
C HIS B 245 39.95 -38.60 -57.69
N LEU B 246 40.45 -37.48 -57.15
CA LEU B 246 41.62 -36.85 -57.74
C LEU B 246 42.84 -37.75 -57.66
N LYS B 247 43.03 -38.42 -56.52
CA LYS B 247 44.15 -39.34 -56.39
C LYS B 247 44.02 -40.51 -57.37
N GLU B 248 42.81 -41.07 -57.49
CA GLU B 248 42.61 -42.18 -58.41
C GLU B 248 42.84 -41.76 -59.85
N SER B 249 42.35 -40.58 -60.23
CA SER B 249 42.54 -40.10 -61.60
C SER B 249 44.00 -39.80 -61.88
N LEU B 250 44.71 -39.25 -60.90
CA LEU B 250 46.15 -39.02 -61.09
C LEU B 250 46.89 -40.32 -61.28
N VAL B 251 46.54 -41.35 -60.50
CA VAL B 251 47.19 -42.65 -60.65
C VAL B 251 46.90 -43.24 -62.02
N THR B 252 45.65 -43.17 -62.47
CA THR B 252 45.29 -43.71 -63.78
C THR B 252 46.01 -42.97 -64.90
N ASP B 253 46.07 -41.64 -64.81
CA ASP B 253 46.77 -40.86 -65.82
C ASP B 253 48.26 -41.18 -65.84
N LEU B 254 48.86 -41.35 -64.66
CA LEU B 254 50.28 -41.72 -64.62
C LEU B 254 50.51 -43.10 -65.21
N ARG B 255 49.58 -44.03 -64.98
CA ARG B 255 49.69 -45.35 -65.59
C ARG B 255 49.66 -45.24 -67.12
N ASP B 256 48.73 -44.45 -67.64
CA ASP B 256 48.65 -44.28 -69.10
C ASP B 256 49.90 -43.60 -69.65
N MET B 257 50.42 -42.60 -68.92
CA MET B 257 51.66 -41.93 -69.30
C MET B 257 52.83 -42.90 -69.36
N LEU B 258 52.97 -43.74 -68.34
CA LEU B 258 54.11 -44.66 -68.30
C LEU B 258 53.97 -45.74 -69.36
N LEU B 259 52.73 -46.16 -69.65
CA LEU B 259 52.53 -47.10 -70.76
C LEU B 259 52.94 -46.47 -72.09
N HIS B 260 52.55 -45.22 -72.33
CA HIS B 260 52.95 -44.55 -73.57
C HIS B 260 54.46 -44.38 -73.63
N LEU B 261 55.09 -44.02 -72.51
CA LEU B 261 56.54 -43.89 -72.49
C LEU B 261 57.23 -45.21 -72.78
N ALA B 262 56.71 -46.31 -72.22
CA ALA B 262 57.29 -47.62 -72.47
C ALA B 262 57.14 -48.01 -73.94
N GLU B 263 55.98 -47.72 -74.54
CA GLU B 263 55.79 -48.03 -75.95
C GLU B 263 56.73 -47.21 -76.84
N SER B 264 56.90 -45.93 -76.51
CA SER B 264 57.82 -45.09 -77.27
C SER B 264 59.26 -45.58 -77.11
N GLN B 265 59.63 -46.01 -75.90
CA GLN B 265 60.96 -46.54 -75.67
C GLN B 265 61.16 -47.84 -76.45
N LYS B 266 60.13 -48.69 -76.52
CA LYS B 266 60.23 -49.91 -77.33
C LYS B 266 60.45 -49.58 -78.80
N ILE B 267 59.69 -48.62 -79.32
CA ILE B 267 59.85 -48.22 -80.72
C ILE B 267 61.25 -47.66 -80.96
N GLU B 268 61.73 -46.82 -80.03
CA GLU B 268 63.06 -46.22 -80.18
C GLU B 268 64.15 -47.29 -80.14
N ASN B 269 64.02 -48.27 -79.23
CA ASN B 269 65.00 -49.35 -79.16
C ASN B 269 64.96 -50.21 -80.41
N MET C 1 -4.77 -1.44 31.98
CA MET C 1 -3.59 -2.18 32.41
C MET C 1 -2.49 -1.21 32.86
N SER C 2 -1.76 -1.61 33.90
CA SER C 2 -0.73 -0.73 34.45
C SER C 2 0.38 -0.47 33.45
N TRP C 3 0.79 -1.50 32.70
CA TRP C 3 1.85 -1.32 31.72
C TRP C 3 1.45 -0.32 30.65
N LEU C 4 0.20 -0.41 30.17
CA LEU C 4 -0.27 0.52 29.16
C LEU C 4 -0.28 1.95 29.68
N ASN C 5 -0.74 2.14 30.92
CA ASN C 5 -0.78 3.48 31.49
C ASN C 5 0.63 4.05 31.67
N SER C 6 1.58 3.20 32.09
CA SER C 6 2.96 3.66 32.23
C SER C 6 3.54 4.05 30.88
N ILE C 7 3.30 3.24 29.84
CA ILE C 7 3.80 3.59 28.52
C ILE C 7 3.17 4.88 28.03
N LEU C 8 1.86 5.05 28.26
CA LEU C 8 1.18 6.25 27.81
C LEU C 8 1.71 7.50 28.52
N VAL C 9 1.92 7.42 29.84
CA VAL C 9 2.42 8.59 30.56
C VAL C 9 3.87 8.89 30.18
N THR C 10 4.67 7.89 29.88
CA THR C 10 6.04 8.22 29.40
C THR C 10 6.02 8.87 28.01
N LEU C 11 5.26 8.34 27.07
CA LEU C 11 5.23 8.81 25.67
C LEU C 11 4.60 10.20 25.62
N THR C 12 3.60 10.42 26.41
CA THR C 12 2.91 11.70 26.38
C THR C 12 3.65 12.79 27.16
N SER C 13 4.61 12.42 27.97
CA SER C 13 5.39 13.36 28.80
C SER C 13 6.15 14.37 27.97
N VAL C 14 6.13 14.29 26.66
CA VAL C 14 6.80 15.21 25.73
C VAL C 14 5.96 16.47 25.63
N GLU C 15 6.62 17.61 25.51
CA GLU C 15 5.93 18.88 25.28
C GLU C 15 5.30 18.80 23.91
N PRO C 16 4.04 19.23 23.74
CA PRO C 16 3.27 19.11 22.50
C PRO C 16 3.99 19.65 21.27
N TYR C 17 4.77 20.72 21.42
CA TYR C 17 5.44 21.32 20.28
C TYR C 17 6.64 20.52 19.80
N LYS C 18 7.14 19.53 20.48
CA LYS C 18 8.36 18.85 20.03
C LYS C 18 7.99 17.75 19.06
N VAL C 19 6.72 17.50 18.89
CA VAL C 19 6.24 16.49 17.90
C VAL C 19 6.26 17.14 16.54
N PRO C 20 5.73 18.37 16.31
CA PRO C 20 5.92 19.04 15.01
C PRO C 20 7.38 19.35 14.71
N VAL C 21 8.13 19.78 15.72
CA VAL C 21 9.55 20.03 15.51
C VAL C 21 10.28 18.75 15.13
N THR C 22 9.94 17.61 15.68
CA THR C 22 10.54 16.33 15.28
C THR C 22 10.23 15.97 13.83
N VAL C 23 8.99 15.98 13.38
CA VAL C 23 8.59 15.62 12.02
C VAL C 23 9.30 16.60 11.14
N ILE C 24 9.29 17.86 11.47
CA ILE C 24 9.93 18.77 10.52
C ILE C 24 11.42 18.49 10.43
N VAL C 25 12.08 18.30 11.58
CA VAL C 25 13.53 18.08 11.58
C VAL C 25 13.87 16.74 10.92
N THR C 26 13.10 15.72 11.10
CA THR C 26 13.35 14.36 10.58
C THR C 26 13.09 14.37 9.09
N VAL C 27 12.07 15.07 8.69
CA VAL C 27 11.78 15.16 7.27
C VAL C 27 12.84 15.99 6.56
N THR C 28 13.29 17.08 7.17
CA THR C 28 14.34 17.90 6.57
C THR C 28 15.66 17.14 6.51
N PHE C 29 15.97 16.34 7.53
CA PHE C 29 17.18 15.52 7.51
C PHE C 29 17.10 14.47 6.41
N ALA C 30 15.93 13.85 6.23
CA ALA C 30 15.76 12.90 5.13
C ALA C 30 15.89 13.58 3.79
N PHE C 31 15.37 14.80 3.65
CA PHE C 31 15.50 15.54 2.41
C PHE C 31 16.95 15.91 2.14
N VAL C 32 17.70 16.30 3.17
CA VAL C 32 19.11 16.63 3.01
C VAL C 32 19.90 15.39 2.63
N CYS C 33 19.57 14.24 3.24
CA CYS C 33 20.21 12.99 2.85
C CYS C 33 19.89 12.64 1.41
N PHE C 34 18.65 12.87 0.98
CA PHE C 34 18.28 12.65 -0.41
C PHE C 34 19.11 13.53 -1.34
N ILE C 35 19.24 14.81 -1.00
CA ILE C 35 20.02 15.73 -1.83
C ILE C 35 21.47 15.28 -1.92
N PHE C 36 22.06 14.91 -0.78
CA PHE C 36 23.48 14.59 -0.76
C PHE C 36 23.78 13.25 -1.41
N PHE C 37 23.00 12.21 -1.12
CA PHE C 37 23.31 10.86 -1.56
C PHE C 37 22.67 10.49 -2.88
N TYR C 38 21.64 11.22 -3.32
CA TYR C 38 20.98 10.91 -4.59
C TYR C 38 21.12 12.03 -5.60
N LEU C 39 20.69 13.25 -5.26
CA LEU C 39 20.56 14.29 -6.28
C LEU C 39 21.92 14.77 -6.77
N LEU C 40 22.84 15.07 -5.83
CA LEU C 40 24.17 15.50 -6.24
C LEU C 40 24.93 14.38 -6.94
N ARG C 41 24.78 13.14 -6.45
CA ARG C 41 25.37 12.00 -7.13
C ARG C 41 24.82 11.85 -8.53
N SER C 42 23.51 12.01 -8.70
CA SER C 42 22.92 11.87 -10.03
C SER C 42 23.38 12.99 -10.96
N ILE C 43 23.53 14.20 -10.44
CA ILE C 43 24.02 15.31 -11.26
C ILE C 43 25.45 15.04 -11.71
N ARG C 44 26.30 14.56 -10.81
CA ARG C 44 27.67 14.22 -11.20
C ARG C 44 27.68 13.09 -12.22
N ILE C 45 26.82 12.08 -12.04
CA ILE C 45 26.75 10.97 -12.98
C ILE C 45 26.34 11.47 -14.37
N ILE C 46 25.32 12.32 -14.43
CA ILE C 46 24.85 12.84 -15.71
C ILE C 46 25.93 13.67 -16.39
N TYR C 47 26.59 14.54 -15.62
CA TYR C 47 27.66 15.36 -16.19
C TYR C 47 28.80 14.50 -16.71
N GLY C 48 29.19 13.48 -15.93
CA GLY C 48 30.25 12.60 -16.38
C GLY C 48 29.88 11.81 -17.61
N LEU C 49 28.64 11.33 -17.68
CA LEU C 49 28.19 10.59 -18.86
C LEU C 49 28.19 11.47 -20.09
N LYS C 50 27.77 12.73 -19.94
CA LYS C 50 27.79 13.65 -21.08
C LYS C 50 29.22 13.93 -21.54
N LYS C 51 30.14 14.12 -20.59
CA LYS C 51 31.53 14.36 -20.96
C LYS C 51 32.14 13.13 -21.63
N TYR C 52 31.82 11.94 -21.12
CA TYR C 52 32.29 10.71 -21.74
C TYR C 52 31.74 10.55 -23.15
N THR C 53 30.47 10.88 -23.35
CA THR C 53 29.88 10.79 -24.68
C THR C 53 30.56 11.75 -25.64
N ARG C 54 30.86 12.97 -25.18
CA ARG C 54 31.59 13.91 -26.01
C ARG C 54 32.97 13.37 -26.38
N SER C 55 33.67 12.78 -25.40
CA SER C 55 35.00 12.23 -25.67
C SER C 55 34.93 11.09 -26.67
N ILE C 56 33.93 10.21 -26.53
CA ILE C 56 33.78 9.09 -27.45
C ILE C 56 33.45 9.59 -28.86
N ASN C 57 32.55 10.56 -28.97
CA ASN C 57 32.25 11.13 -30.28
C ASN C 57 33.46 11.78 -30.91
N SER C 58 34.37 12.31 -30.09
CA SER C 58 35.56 12.95 -30.62
C SER C 58 36.56 11.96 -31.21
N ILE C 59 36.45 10.67 -30.86
CA ILE C 59 37.44 9.67 -31.26
C ILE C 59 36.88 8.73 -32.32
N GLU C 60 35.72 9.04 -32.89
CA GLU C 60 35.04 8.11 -33.78
C GLU C 60 35.74 7.95 -35.13
N LYS C 61 36.62 8.88 -35.51
CA LYS C 61 37.27 8.86 -36.82
C LYS C 61 38.73 8.45 -36.74
N SER C 62 39.14 7.77 -35.68
CA SER C 62 40.54 7.43 -35.47
C SER C 62 40.79 5.95 -35.75
N ALA C 63 42.06 5.58 -35.66
CA ALA C 63 42.47 4.21 -35.89
C ALA C 63 42.01 3.32 -34.74
N PRO C 64 41.83 2.01 -34.98
CA PRO C 64 41.38 1.12 -33.91
C PRO C 64 42.27 1.15 -32.67
N GLU C 65 43.59 1.11 -32.84
CA GLU C 65 44.48 1.16 -31.69
C GLU C 65 44.42 2.50 -30.98
N VAL C 66 44.32 3.59 -31.75
CA VAL C 66 44.20 4.92 -31.15
C VAL C 66 42.90 5.03 -30.35
N GLN C 67 41.79 4.53 -30.92
CA GLN C 67 40.53 4.53 -30.21
C GLN C 67 40.61 3.70 -28.94
N LEU C 68 41.24 2.52 -29.01
CA LEU C 68 41.38 1.69 -27.82
C LEU C 68 42.19 2.40 -26.75
N GLU C 69 43.29 3.05 -27.12
CA GLU C 69 44.11 3.74 -26.14
C GLU C 69 43.34 4.91 -25.51
N HIS C 70 42.62 5.67 -26.33
CA HIS C 70 41.84 6.79 -25.79
C HIS C 70 40.77 6.31 -24.84
N LEU C 71 40.09 5.21 -25.17
CA LEU C 71 39.06 4.68 -24.28
C LEU C 71 39.66 4.07 -23.03
N LYS C 72 40.84 3.44 -23.13
CA LYS C 72 41.52 2.95 -21.94
C LYS C 72 41.84 4.07 -20.98
N SER C 73 42.52 5.12 -21.48
CA SER C 73 42.87 6.24 -20.61
C SER C 73 41.64 6.97 -20.10
N LEU C 74 40.55 6.96 -20.88
CA LEU C 74 39.34 7.67 -20.49
C LEU C 74 38.70 7.03 -19.26
N PHE C 75 38.69 5.70 -19.17
CA PHE C 75 37.94 5.01 -18.14
C PHE C 75 38.80 4.33 -17.08
N GLN C 76 40.12 4.23 -17.27
CA GLN C 76 40.93 3.44 -16.36
C GLN C 76 40.96 4.03 -14.95
N ARG C 77 41.02 5.36 -14.84
CA ARG C 77 41.13 6.01 -13.55
C ARG C 77 39.79 6.47 -13.00
N SER C 78 38.69 6.03 -13.61
CA SER C 78 37.35 6.43 -13.22
C SER C 78 36.63 5.27 -12.55
N GLU C 79 35.37 5.50 -12.19
CA GLU C 79 34.53 4.48 -11.58
C GLU C 79 33.92 3.53 -12.60
N LEU C 80 34.13 3.79 -13.88
CA LEU C 80 33.66 2.91 -14.96
C LEU C 80 34.74 1.98 -15.45
N LYS C 81 35.83 1.80 -14.69
CA LYS C 81 36.95 1.00 -15.18
C LYS C 81 36.59 -0.47 -15.27
N HIS C 82 35.80 -0.99 -14.34
CA HIS C 82 35.38 -2.39 -14.42
C HIS C 82 34.48 -2.62 -15.62
N ALA C 83 33.52 -1.71 -15.86
CA ALA C 83 32.64 -1.83 -17.01
C ALA C 83 33.44 -1.74 -18.32
N TRP C 84 34.42 -0.83 -18.38
CA TRP C 84 35.25 -0.75 -19.56
C TRP C 84 36.08 -2.00 -19.76
N ASN C 85 36.60 -2.58 -18.67
CA ASN C 85 37.38 -3.81 -18.79
C ASN C 85 36.52 -4.94 -19.34
N ALA C 86 35.29 -5.08 -18.83
CA ALA C 86 34.39 -6.10 -19.35
C ALA C 86 34.07 -5.85 -20.84
N PHE C 87 33.79 -4.59 -21.19
CA PHE C 87 33.45 -4.26 -22.57
C PHE C 87 34.60 -4.55 -23.51
N GLU C 88 35.82 -4.21 -23.10
CA GLU C 88 36.98 -4.47 -23.94
C GLU C 88 37.30 -5.95 -24.02
N ALA C 89 37.05 -6.71 -22.94
CA ALA C 89 37.16 -8.15 -23.02
C ALA C 89 36.13 -8.73 -23.99
N SER C 90 35.01 -8.04 -24.18
CA SER C 90 34.04 -8.45 -25.18
C SER C 90 34.41 -8.01 -26.59
N LEU C 91 35.44 -7.18 -26.75
CA LEU C 91 35.82 -6.71 -28.07
C LEU C 91 36.69 -7.74 -28.78
N HIS C 92 36.56 -7.79 -30.10
CA HIS C 92 37.30 -8.73 -30.95
C HIS C 92 38.07 -7.92 -31.97
N SER C 93 39.40 -7.98 -31.91
CA SER C 93 40.27 -7.25 -32.82
C SER C 93 40.68 -8.15 -33.97
N GLN C 94 40.53 -7.65 -35.19
CA GLN C 94 40.87 -8.40 -36.40
C GLN C 94 42.28 -7.98 -36.83
N TYR C 95 43.21 -8.93 -36.80
CA TYR C 95 44.61 -8.68 -37.14
C TYR C 95 44.86 -8.99 -38.61
N GLU C 96 45.74 -8.20 -39.21
CA GLU C 96 46.22 -8.45 -40.56
C GLU C 96 47.71 -8.16 -40.61
N LEU C 97 48.39 -8.77 -41.58
CA LEU C 97 49.82 -8.59 -41.76
C LEU C 97 50.06 -7.36 -42.62
N GLU C 98 50.69 -6.34 -42.04
CA GLU C 98 51.06 -5.13 -42.76
C GLU C 98 52.50 -4.79 -42.39
N ASN C 99 53.43 -5.05 -43.31
CA ASN C 99 54.85 -4.72 -43.15
C ASN C 99 55.50 -5.52 -42.03
N GLY C 100 55.18 -6.81 -41.94
CA GLY C 100 55.94 -7.77 -41.18
C GLY C 100 55.34 -8.22 -39.87
N GLU C 101 54.48 -7.41 -39.25
CA GLU C 101 53.94 -7.74 -37.93
C GLU C 101 52.42 -7.69 -37.96
N GLU C 102 51.80 -8.14 -36.87
CA GLU C 102 50.35 -8.18 -36.73
C GLU C 102 49.86 -6.78 -36.39
N LYS C 103 48.95 -6.26 -37.21
CA LYS C 103 48.41 -4.91 -37.04
C LYS C 103 46.89 -4.99 -36.98
N ILE C 104 46.31 -4.35 -35.96
CA ILE C 104 44.86 -4.33 -35.81
C ILE C 104 44.27 -3.44 -36.89
N VAL C 105 43.50 -4.02 -37.79
CA VAL C 105 42.83 -3.25 -38.83
C VAL C 105 41.38 -2.95 -38.49
N ARG C 106 40.77 -3.69 -37.56
CA ARG C 106 39.38 -3.51 -37.21
C ARG C 106 39.11 -4.16 -35.87
N ILE C 107 38.20 -3.56 -35.11
CA ILE C 107 37.75 -4.10 -33.83
C ILE C 107 36.24 -4.31 -33.93
N ARG C 108 35.78 -5.47 -33.48
CA ARG C 108 34.40 -5.88 -33.62
C ARG C 108 33.78 -6.09 -32.25
N ALA C 109 32.51 -5.72 -32.12
CA ALA C 109 31.77 -5.89 -30.87
C ALA C 109 31.03 -7.22 -30.89
N THR C 110 31.20 -7.99 -29.82
CA THR C 110 30.47 -9.24 -29.65
C THR C 110 29.29 -9.11 -28.68
N ALA C 111 29.05 -7.90 -28.17
CA ALA C 111 27.97 -7.66 -27.22
C ALA C 111 27.70 -6.16 -27.18
N PRO C 112 26.47 -5.75 -26.90
CA PRO C 112 26.20 -4.32 -26.75
C PRO C 112 26.91 -3.72 -25.55
N SER C 113 27.21 -2.43 -25.65
CA SER C 113 27.88 -1.73 -24.56
C SER C 113 27.00 -1.67 -23.32
N ALA C 114 25.68 -1.66 -23.50
CA ALA C 114 24.76 -1.63 -22.37
C ALA C 114 24.78 -2.93 -21.55
N SER C 115 25.38 -3.99 -22.08
CA SER C 115 25.53 -5.22 -21.31
C SER C 115 26.47 -5.02 -20.13
N PHE C 116 27.49 -4.17 -20.31
CA PHE C 116 28.48 -3.90 -19.28
C PHE C 116 28.36 -2.53 -18.66
N PHE C 117 27.93 -1.53 -19.44
CA PHE C 117 27.60 -0.21 -18.90
C PHE C 117 26.10 -0.15 -18.65
N SER C 118 25.65 -1.03 -17.75
CA SER C 118 24.24 -1.24 -17.52
C SER C 118 23.64 -0.14 -16.66
N GLU C 119 22.32 0.00 -16.75
CA GLU C 119 21.62 0.97 -15.91
C GLU C 119 21.78 0.64 -14.44
N GLN C 120 21.73 -0.65 -14.10
CA GLN C 120 21.97 -1.06 -12.71
C GLN C 120 23.32 -0.56 -12.22
N GLN C 121 24.41 -1.08 -12.81
CA GLN C 121 25.75 -0.84 -12.31
C GLN C 121 26.14 0.63 -12.33
N LEU C 122 25.62 1.41 -13.28
CA LEU C 122 26.06 2.78 -13.44
C LEU C 122 25.12 3.81 -12.86
N VAL C 123 23.86 3.45 -12.59
CA VAL C 123 22.91 4.42 -12.05
C VAL C 123 22.27 3.89 -10.78
N ASP C 124 21.73 2.67 -10.82
CA ASP C 124 20.83 2.22 -9.76
C ASP C 124 21.59 1.88 -8.49
N ILE C 125 22.77 1.28 -8.63
CA ILE C 125 23.60 0.94 -7.47
C ILE C 125 24.22 2.21 -6.88
N PRO C 126 24.93 3.04 -7.66
CA PRO C 126 25.53 4.25 -7.06
C PRO C 126 24.51 5.23 -6.49
N LEU C 127 23.28 5.25 -7.02
CA LEU C 127 22.26 6.16 -6.52
C LEU C 127 21.40 5.55 -5.42
N ASN C 128 21.57 4.25 -5.14
CA ASN C 128 20.75 3.53 -4.17
C ASN C 128 19.27 3.70 -4.47
N THR C 129 18.91 3.48 -5.74
CA THR C 129 17.53 3.67 -6.16
C THR C 129 16.59 2.68 -5.48
N GLU C 130 17.08 1.48 -5.15
CA GLU C 130 16.25 0.49 -4.46
C GLU C 130 15.84 0.94 -3.07
N PHE C 131 16.50 1.96 -2.51
CA PHE C 131 16.08 2.57 -1.26
C PHE C 131 15.33 3.88 -1.47
N PHE C 132 15.89 4.78 -2.27
CA PHE C 132 15.35 6.13 -2.38
C PHE C 132 14.01 6.20 -3.10
N LYS C 133 13.63 5.16 -3.84
CA LYS C 133 12.31 5.16 -4.45
C LYS C 133 11.20 4.93 -3.45
N HIS C 134 11.53 4.51 -2.22
CA HIS C 134 10.56 4.32 -1.15
C HIS C 134 10.61 5.45 -0.13
N LEU C 135 11.48 6.42 -0.29
CA LEU C 135 11.59 7.51 0.67
C LEU C 135 10.32 8.36 0.79
N PRO C 136 9.65 8.77 -0.29
CA PRO C 136 8.44 9.60 -0.11
C PRO C 136 7.36 8.94 0.72
N GLY C 137 7.19 7.62 0.58
CA GLY C 137 6.25 6.92 1.43
C GLY C 137 6.67 6.96 2.90
N ILE C 138 7.96 6.86 3.15
CA ILE C 138 8.47 6.98 4.51
C ILE C 138 8.17 8.36 5.07
N LEU C 139 8.36 9.40 4.25
CA LEU C 139 8.08 10.77 4.72
C LEU C 139 6.60 10.97 5.04
N THR C 140 5.72 10.49 4.16
CA THR C 140 4.28 10.61 4.44
C THR C 140 3.89 9.81 5.66
N GLY C 141 4.47 8.61 5.82
CA GLY C 141 4.19 7.83 7.01
C GLY C 141 4.64 8.52 8.28
N MET C 142 5.76 9.20 8.22
CA MET C 142 6.33 10.03 9.34
C MET C 142 5.44 11.21 9.63
N GLY C 143 4.77 11.73 8.65
CA GLY C 143 3.73 12.73 8.88
C GLY C 143 2.52 12.18 9.62
N ILE C 144 2.06 10.99 9.19
CA ILE C 144 0.93 10.36 9.88
C ILE C 144 1.30 10.02 11.32
N ILE C 145 2.43 9.45 11.58
CA ILE C 145 2.87 9.15 12.97
C ILE C 145 2.83 10.41 13.80
N GLY C 146 3.26 11.53 13.25
CA GLY C 146 3.37 12.77 14.00
C GLY C 146 2.01 13.25 14.34
N THR C 147 1.13 13.12 13.40
CA THR C 147 -0.26 13.44 13.70
C THR C 147 -0.79 12.60 14.86
N PHE C 148 -0.58 11.28 14.78
CA PHE C 148 -1.07 10.38 15.83
C PHE C 148 -0.42 10.68 17.17
N TYR C 149 0.86 10.93 17.22
CA TYR C 149 1.56 11.16 18.48
C TYR C 149 1.18 12.50 19.07
N GLY C 150 1.02 13.54 18.28
CA GLY C 150 0.53 14.81 18.82
C GLY C 150 -0.87 14.70 19.38
N LEU C 151 -1.74 13.98 18.68
CA LEU C 151 -3.09 13.78 19.21
C LEU C 151 -3.07 12.92 20.48
N MET C 152 -2.17 11.95 20.55
CA MET C 152 -2.03 11.16 21.77
C MET C 152 -1.65 12.05 22.95
N ILE C 153 -0.70 12.96 22.73
CA ILE C 153 -0.32 13.90 23.79
C ILE C 153 -1.51 14.76 24.19
N GLY C 154 -2.24 15.28 23.20
CA GLY C 154 -3.37 16.14 23.51
C GLY C 154 -4.46 15.43 24.29
N LEU C 155 -4.79 14.20 23.89
CA LEU C 155 -5.89 13.47 24.52
C LEU C 155 -5.51 12.94 25.89
N ASN C 156 -4.25 12.55 26.10
CA ASN C 156 -3.86 12.01 27.39
C ASN C 156 -3.83 13.07 28.49
N HIS C 157 -3.71 14.34 28.13
CA HIS C 157 -3.62 15.43 29.09
C HIS C 157 -4.92 16.18 29.29
N PHE C 158 -6.03 15.66 28.77
CA PHE C 158 -7.31 16.34 28.93
C PHE C 158 -7.73 16.31 30.40
N ASP C 159 -8.03 17.50 30.94
CA ASP C 159 -8.37 17.64 32.36
C ASP C 159 -9.81 18.13 32.49
N PRO C 160 -10.76 17.26 32.81
CA PRO C 160 -12.15 17.69 33.00
C PRO C 160 -12.51 18.10 34.43
N SER C 161 -11.53 18.26 35.31
CA SER C 161 -11.83 18.54 36.72
C SER C 161 -12.51 19.88 36.89
N THR C 162 -12.06 20.90 36.17
CA THR C 162 -12.53 22.26 36.38
C THR C 162 -12.86 22.89 35.03
N PRO C 163 -13.88 23.76 34.97
CA PRO C 163 -14.24 24.34 33.66
C PRO C 163 -13.12 25.07 32.95
N GLU C 164 -12.27 25.82 33.66
CA GLU C 164 -11.16 26.46 32.96
C GLU C 164 -10.07 25.46 32.63
N GLN C 165 -9.94 24.38 33.41
CA GLN C 165 -9.10 23.28 32.97
C GLN C 165 -9.64 22.65 31.70
N VAL C 166 -10.96 22.55 31.58
CA VAL C 166 -11.58 22.05 30.36
C VAL C 166 -11.25 22.98 29.19
N SER C 167 -11.33 24.30 29.42
CA SER C 167 -11.03 25.24 28.35
C SER C 167 -9.57 25.14 27.91
N SER C 168 -8.65 25.03 28.89
CA SER C 168 -7.24 24.89 28.56
C SER C 168 -6.97 23.60 27.80
N SER C 169 -7.61 22.50 28.22
CA SER C 169 -7.43 21.23 27.53
C SER C 169 -7.98 21.29 26.11
N VAL C 170 -9.12 21.97 25.92
CA VAL C 170 -9.69 22.12 24.59
C VAL C 170 -8.77 22.93 23.69
N ASN C 171 -8.22 24.03 24.22
CA ASN C 171 -7.28 24.83 23.44
C ASN C 171 -6.03 24.04 23.11
N ASN C 172 -5.55 23.23 24.05
CA ASN C 172 -4.38 22.40 23.79
C ASN C 172 -4.67 21.36 22.71
N LEU C 173 -5.86 20.75 22.74
CA LEU C 173 -6.23 19.80 21.70
C LEU C 173 -6.32 20.46 20.33
N LEU C 174 -6.90 21.66 20.27
CA LEU C 174 -6.97 22.39 19.01
C LEU C 174 -5.59 22.73 18.49
N ARG C 175 -4.69 23.15 19.39
CA ARG C 175 -3.31 23.44 18.99
C ARG C 175 -2.60 22.18 18.53
N ASP C 176 -2.87 21.04 19.17
CA ASP C 176 -2.27 19.78 18.73
C ASP C 176 -2.77 19.39 17.35
N VAL C 177 -4.04 19.63 17.06
CA VAL C 177 -4.55 19.34 15.72
C VAL C 177 -3.92 20.26 14.69
N LEU C 178 -3.74 21.54 15.04
CA LEU C 178 -3.05 22.46 14.14
C LEU C 178 -1.61 22.00 13.89
N TYR C 179 -0.94 21.55 14.94
CA TYR C 179 0.40 21.01 14.82
C TYR C 179 0.45 19.80 13.89
N ALA C 180 -0.52 18.90 14.04
CA ALA C 180 -0.59 17.71 13.20
C ALA C 180 -0.83 18.10 11.74
N PHE C 181 -1.70 19.08 11.50
CA PHE C 181 -1.94 19.54 10.15
C PHE C 181 -0.66 20.09 9.53
N LEU C 182 0.07 20.93 10.30
CA LEU C 182 1.31 21.50 9.79
C LEU C 182 2.33 20.42 9.48
N GLY C 183 2.50 19.46 10.39
CA GLY C 183 3.48 18.42 10.18
C GLY C 183 3.14 17.54 8.98
N SER C 184 1.87 17.18 8.83
CA SER C 184 1.46 16.37 7.69
C SER C 184 1.65 17.12 6.38
N ALA C 185 1.29 18.41 6.35
CA ALA C 185 1.50 19.21 5.15
C ALA C 185 2.98 19.27 4.78
N PHE C 186 3.84 19.49 5.78
CA PHE C 186 5.28 19.55 5.51
C PHE C 186 5.79 18.21 4.99
N ALA C 187 5.38 17.11 5.62
CA ALA C 187 5.85 15.80 5.21
C ALA C 187 5.42 15.46 3.79
N ILE C 188 4.16 15.75 3.45
CA ILE C 188 3.67 15.46 2.11
C ILE C 188 4.34 16.37 1.08
N PHE C 189 4.57 17.63 1.43
CA PHE C 189 5.27 18.54 0.53
C PHE C 189 6.67 18.04 0.23
N ALA C 190 7.40 17.63 1.27
CA ALA C 190 8.74 17.11 1.06
C ALA C 190 8.71 15.81 0.26
N SER C 191 7.70 14.96 0.51
CA SER C 191 7.60 13.70 -0.21
C SER C 191 7.38 13.93 -1.70
N ILE C 192 6.47 14.85 -2.06
CA ILE C 192 6.24 15.07 -3.48
C ILE C 192 7.42 15.80 -4.12
N LEU C 193 8.09 16.69 -3.38
CA LEU C 193 9.29 17.32 -3.91
C LEU C 193 10.39 16.30 -4.18
N VAL C 194 10.58 15.36 -3.25
CA VAL C 194 11.55 14.29 -3.43
C VAL C 194 11.17 13.42 -4.62
N THR C 195 9.88 13.10 -4.75
CA THR C 195 9.43 12.30 -5.90
C THR C 195 9.75 13.01 -7.21
N TRP C 196 9.43 14.30 -7.29
CA TRP C 196 9.69 15.07 -8.51
C TRP C 196 11.16 15.05 -8.85
N LEU C 197 12.02 15.41 -7.89
CA LEU C 197 13.45 15.47 -8.16
C LEU C 197 14.01 14.10 -8.50
N GLU C 198 13.61 13.07 -7.75
CA GLU C 198 14.11 11.73 -7.96
C GLU C 198 13.75 11.20 -9.35
N LYS C 199 12.49 11.39 -9.77
CA LYS C 199 12.08 10.85 -11.05
C LYS C 199 12.67 11.65 -12.21
N LEU C 200 12.79 12.98 -12.05
CA LEU C 200 13.47 13.77 -13.07
C LEU C 200 14.92 13.33 -13.22
N SER C 201 15.61 13.13 -12.09
CA SER C 201 17.01 12.71 -12.13
C SER C 201 17.14 11.34 -12.76
N ILE C 202 16.26 10.39 -12.42
CA ILE C 202 16.41 9.05 -12.95
C ILE C 202 16.10 9.03 -14.45
N ALA C 203 15.14 9.84 -14.89
CA ALA C 203 14.85 9.92 -16.32
C ALA C 203 16.03 10.49 -17.09
N LYS C 204 16.61 11.59 -16.58
CA LYS C 204 17.78 12.17 -17.25
C LYS C 204 18.96 11.20 -17.24
N SER C 205 19.16 10.49 -16.14
CA SER C 205 20.26 9.53 -16.06
C SER C 205 20.10 8.43 -17.08
N TYR C 206 18.88 7.88 -17.20
CA TYR C 206 18.65 6.83 -18.20
C TYR C 206 18.85 7.36 -19.62
N LYS C 207 18.35 8.57 -19.89
CA LYS C 207 18.51 9.15 -21.22
C LYS C 207 19.99 9.30 -21.59
N TYR C 208 20.78 9.89 -20.69
CA TYR C 208 22.17 10.14 -21.02
C TYR C 208 23.03 8.89 -20.98
N LEU C 209 22.67 7.90 -20.14
CA LEU C 209 23.36 6.62 -20.21
C LEU C 209 23.08 5.90 -21.53
N GLU C 210 21.84 5.98 -22.01
CA GLU C 210 21.52 5.41 -23.31
C GLU C 210 22.31 6.11 -24.40
N LYS C 211 22.44 7.44 -24.33
CA LYS C 211 23.26 8.15 -25.29
C LYS C 211 24.72 7.69 -25.24
N PHE C 212 25.24 7.51 -24.03
CA PHE C 212 26.63 7.06 -23.87
C PHE C 212 26.85 5.68 -24.47
N THR C 213 25.94 4.75 -24.20
CA THR C 213 26.10 3.39 -24.73
C THR C 213 25.86 3.35 -26.23
N ALA C 214 24.99 4.21 -26.75
CA ALA C 214 24.83 4.32 -28.20
C ALA C 214 26.09 4.85 -28.84
N ALA C 215 26.75 5.82 -28.19
CA ALA C 215 28.01 6.33 -28.71
C ALA C 215 29.09 5.27 -28.71
N LEU C 216 29.16 4.46 -27.64
CA LEU C 216 30.14 3.37 -27.63
C LEU C 216 29.83 2.31 -28.70
N ASP C 217 28.54 1.99 -28.90
CA ASP C 217 28.18 0.98 -29.88
C ASP C 217 28.49 1.44 -31.30
N SER C 218 28.57 2.75 -31.54
CA SER C 218 28.82 3.25 -32.88
C SER C 218 30.25 2.94 -33.35
N LEU C 219 31.19 2.83 -32.42
CA LEU C 219 32.60 2.68 -32.79
C LEU C 219 32.86 1.34 -33.46
N TYR C 220 32.26 0.27 -32.95
CA TYR C 220 32.59 -1.09 -33.37
C TYR C 220 31.35 -1.80 -33.88
N ASP C 221 31.51 -2.54 -34.98
CA ASP C 221 30.41 -3.28 -35.59
C ASP C 221 30.40 -4.72 -35.09
N SER C 222 29.23 -5.33 -35.13
CA SER C 222 29.03 -6.71 -34.70
C SER C 222 28.91 -7.61 -35.92
N GLY C 223 28.59 -8.88 -35.68
CA GLY C 223 28.41 -9.83 -36.76
C GLY C 223 29.68 -10.34 -37.39
N VAL C 224 30.77 -10.46 -36.62
CA VAL C 224 32.01 -10.93 -37.19
C VAL C 224 31.99 -12.45 -37.37
N GLY C 225 31.20 -13.16 -36.57
CA GLY C 225 31.10 -14.60 -36.73
C GLY C 225 30.46 -14.99 -38.04
N GLU C 226 29.40 -14.28 -38.44
CA GLU C 226 28.78 -14.53 -39.73
C GLU C 226 29.75 -14.24 -40.87
N GLU C 227 30.54 -13.18 -40.75
CA GLU C 227 31.53 -12.87 -41.76
C GLU C 227 32.58 -13.97 -41.85
N TYR C 228 33.01 -14.50 -40.70
CA TYR C 228 33.98 -15.59 -40.71
C TYR C 228 33.39 -16.85 -41.35
N LEU C 229 32.12 -17.15 -41.05
CA LEU C 229 31.49 -18.32 -41.66
C LEU C 229 31.35 -18.16 -43.17
N ALA C 230 30.98 -16.95 -43.62
CA ALA C 230 30.90 -16.69 -45.05
C ALA C 230 32.26 -16.85 -45.72
N SER C 231 33.31 -16.34 -45.08
CA SER C 231 34.66 -16.51 -45.60
C SER C 231 35.05 -17.98 -45.67
N LEU C 232 34.69 -18.75 -44.63
CA LEU C 232 34.99 -20.19 -44.63
C LEU C 232 34.28 -20.91 -45.76
N VAL C 233 33.00 -20.56 -46.01
CA VAL C 233 32.25 -21.20 -47.09
C VAL C 233 32.88 -20.88 -48.45
N LYS C 234 33.21 -19.60 -48.65
CA LYS C 234 33.85 -19.20 -49.90
C LYS C 234 35.19 -19.90 -50.08
N SER C 235 35.95 -20.01 -49.00
CA SER C 235 37.24 -20.70 -49.05
C SER C 235 37.07 -22.17 -49.36
N SER C 236 36.02 -22.80 -48.82
CA SER C 236 35.80 -24.22 -49.10
C SER C 236 35.48 -24.45 -50.57
N ASN C 237 34.59 -23.63 -51.13
CA ASN C 237 34.28 -23.76 -52.56
C ASN C 237 35.52 -23.53 -53.41
N GLU C 238 36.24 -22.43 -53.15
CA GLU C 238 37.45 -22.14 -53.91
C GLU C 238 38.53 -23.18 -53.67
N SER C 239 38.54 -23.86 -52.53
CA SER C 239 39.53 -24.89 -52.28
C SER C 239 39.22 -26.15 -53.06
N ALA C 240 37.94 -26.50 -53.19
CA ALA C 240 37.58 -27.60 -54.09
C ALA C 240 38.03 -27.28 -55.51
N THR C 241 37.70 -26.09 -55.99
CA THR C 241 38.11 -25.70 -57.34
C THR C 241 39.63 -25.69 -57.49
N GLN C 242 40.33 -25.19 -56.47
CA GLN C 242 41.78 -25.08 -56.52
C GLN C 242 42.45 -26.45 -56.46
N ALA C 243 41.89 -27.40 -55.71
CA ALA C 243 42.43 -28.74 -55.70
C ALA C 243 42.28 -29.41 -57.06
N ARG C 244 41.11 -29.26 -57.68
CA ARG C 244 40.93 -29.80 -59.02
C ARG C 244 41.90 -29.16 -60.00
N HIS C 245 42.06 -27.84 -59.92
CA HIS C 245 42.98 -27.14 -60.81
C HIS C 245 44.42 -27.57 -60.58
N LEU C 246 44.82 -27.77 -59.32
CA LEU C 246 46.16 -28.23 -59.02
C LEU C 246 46.42 -29.62 -59.58
N LYS C 247 45.44 -30.52 -59.47
CA LYS C 247 45.60 -31.85 -60.04
C LYS C 247 45.75 -31.76 -61.56
N GLU C 248 44.91 -30.95 -62.22
CA GLU C 248 44.99 -30.84 -63.67
C GLU C 248 46.32 -30.25 -64.11
N SER C 249 46.77 -29.18 -63.44
CA SER C 249 48.05 -28.56 -63.78
C SER C 249 49.21 -29.51 -63.53
N LEU C 250 49.16 -30.27 -62.44
CA LEU C 250 50.22 -31.24 -62.16
C LEU C 250 50.28 -32.32 -63.22
N VAL C 251 49.12 -32.86 -63.62
CA VAL C 251 49.15 -33.93 -64.61
C VAL C 251 49.61 -33.42 -65.97
N THR C 252 49.19 -32.19 -66.34
CA THR C 252 49.67 -31.61 -67.58
C THR C 252 51.18 -31.37 -67.55
N ASP C 253 51.68 -30.88 -66.41
CA ASP C 253 53.10 -30.58 -66.34
C ASP C 253 53.94 -31.86 -66.38
N LEU C 254 53.53 -32.90 -65.65
CA LEU C 254 54.27 -34.17 -65.78
C LEU C 254 54.14 -34.75 -67.18
N ARG C 255 53.03 -34.49 -67.87
CA ARG C 255 52.98 -34.85 -69.29
C ARG C 255 54.08 -34.12 -70.05
N ASP C 256 54.31 -32.85 -69.72
CA ASP C 256 55.40 -32.11 -70.36
C ASP C 256 56.77 -32.73 -70.04
N MET C 257 57.02 -33.04 -68.76
CA MET C 257 58.31 -33.67 -68.43
C MET C 257 58.47 -35.03 -69.11
N LEU C 258 57.41 -35.83 -69.17
CA LEU C 258 57.54 -37.15 -69.78
C LEU C 258 57.82 -37.03 -71.28
N LEU C 259 57.14 -36.12 -71.97
CA LEU C 259 57.45 -35.91 -73.38
C LEU C 259 58.87 -35.40 -73.57
N HIS C 260 59.31 -34.47 -72.72
CA HIS C 260 60.67 -33.95 -72.83
C HIS C 260 61.70 -35.05 -72.57
N LEU C 261 61.45 -35.90 -71.58
CA LEU C 261 62.36 -37.00 -71.28
C LEU C 261 62.42 -37.99 -72.43
N ALA C 262 61.26 -38.30 -73.05
CA ALA C 262 61.26 -39.18 -74.21
C ALA C 262 62.06 -38.57 -75.36
N GLU C 263 61.88 -37.27 -75.60
CA GLU C 263 62.63 -36.61 -76.66
C GLU C 263 64.13 -36.64 -76.39
N SER C 264 64.53 -36.35 -75.14
CA SER C 264 65.94 -36.37 -74.78
C SER C 264 66.53 -37.76 -74.93
N GLN C 265 65.78 -38.79 -74.52
CA GLN C 265 66.26 -40.15 -74.68
C GLN C 265 66.40 -40.53 -76.14
N LYS C 266 65.45 -40.09 -76.98
CA LYS C 266 65.57 -40.37 -78.41
C LYS C 266 66.80 -39.69 -79.01
N ILE C 267 67.06 -38.44 -78.62
CA ILE C 267 68.24 -37.73 -79.12
C ILE C 267 69.51 -38.43 -78.66
N GLU C 268 69.55 -38.84 -77.39
CA GLU C 268 70.74 -39.53 -76.87
C GLU C 268 70.96 -40.85 -77.59
N ASN C 269 69.90 -41.59 -77.86
CA ASN C 269 70.04 -42.85 -78.59
C ASN C 269 70.44 -42.63 -80.04
N MET D 1 -29.74 -13.20 12.38
CA MET D 1 -29.02 -14.38 12.87
C MET D 1 -28.54 -14.14 14.29
N SER D 2 -29.00 -14.97 15.23
CA SER D 2 -28.72 -14.75 16.63
C SER D 2 -27.23 -14.86 16.94
N TRP D 3 -26.49 -15.67 16.18
CA TRP D 3 -25.06 -15.80 16.40
C TRP D 3 -24.34 -14.48 16.16
N LEU D 4 -24.71 -13.78 15.09
CA LEU D 4 -24.12 -12.47 14.82
C LEU D 4 -24.47 -11.47 15.91
N ASN D 5 -25.71 -11.51 16.41
CA ASN D 5 -26.10 -10.64 17.51
C ASN D 5 -25.28 -10.92 18.76
N SER D 6 -25.06 -12.21 19.06
CA SER D 6 -24.23 -12.57 20.21
C SER D 6 -22.80 -12.09 20.04
N ILE D 7 -22.23 -12.24 18.84
CA ILE D 7 -20.87 -11.78 18.60
C ILE D 7 -20.78 -10.26 18.75
N LEU D 8 -21.78 -9.55 18.21
CA LEU D 8 -21.80 -8.10 18.34
C LEU D 8 -21.85 -7.68 19.81
N VAL D 9 -22.76 -8.27 20.58
CA VAL D 9 -22.89 -7.86 21.98
C VAL D 9 -21.66 -8.26 22.78
N THR D 10 -20.98 -9.35 22.39
CA THR D 10 -19.80 -9.76 23.14
C THR D 10 -18.54 -9.00 22.73
N LEU D 11 -18.53 -8.31 21.59
CA LEU D 11 -17.36 -7.50 21.29
C LEU D 11 -17.61 -5.99 21.40
N THR D 12 -18.84 -5.57 21.68
CA THR D 12 -19.02 -4.22 22.22
C THR D 12 -18.45 -4.10 23.63
N SER D 13 -18.45 -5.20 24.37
CA SER D 13 -18.06 -5.20 25.78
C SER D 13 -16.56 -5.38 25.98
N VAL D 14 -15.78 -5.52 24.89
CA VAL D 14 -14.34 -5.63 25.03
C VAL D 14 -13.78 -4.36 25.64
N GLU D 15 -12.91 -4.51 26.63
CA GLU D 15 -12.29 -3.35 27.24
C GLU D 15 -11.44 -2.63 26.20
N PRO D 16 -11.58 -1.31 26.07
CA PRO D 16 -10.86 -0.60 25.00
C PRO D 16 -9.35 -0.73 25.08
N TYR D 17 -8.77 -0.84 26.27
CA TYR D 17 -7.32 -0.91 26.38
C TYR D 17 -6.76 -2.21 25.81
N LYS D 18 -7.57 -3.25 25.67
CA LYS D 18 -7.07 -4.53 25.20
C LYS D 18 -6.77 -4.52 23.70
N VAL D 19 -7.29 -3.55 22.96
CA VAL D 19 -7.08 -3.49 21.52
C VAL D 19 -5.70 -2.92 21.21
N PRO D 20 -5.28 -1.78 21.79
CA PRO D 20 -3.89 -1.36 21.59
C PRO D 20 -2.87 -2.35 22.09
N VAL D 21 -3.17 -3.07 23.17
CA VAL D 21 -2.24 -4.09 23.68
C VAL D 21 -2.08 -5.21 22.65
N THR D 22 -3.20 -5.67 22.08
CA THR D 22 -3.14 -6.71 21.07
C THR D 22 -2.39 -6.23 19.83
N VAL D 23 -2.66 -4.99 19.40
CA VAL D 23 -1.97 -4.45 18.23
C VAL D 23 -0.48 -4.36 18.48
N ILE D 24 -0.09 -3.86 19.66
CA ILE D 24 1.32 -3.69 19.98
C ILE D 24 2.02 -5.04 20.05
N VAL D 25 1.39 -6.03 20.68
CA VAL D 25 2.00 -7.34 20.80
C VAL D 25 2.17 -8.00 19.44
N THR D 26 1.12 -7.94 18.61
CA THR D 26 1.20 -8.56 17.29
C THR D 26 2.24 -7.86 16.41
N VAL D 27 2.29 -6.52 16.48
CA VAL D 27 3.26 -5.77 15.69
C VAL D 27 4.68 -6.04 16.18
N THR D 28 4.86 -6.18 17.48
CA THR D 28 6.18 -6.52 18.01
C THR D 28 6.62 -7.90 17.56
N PHE D 29 5.70 -8.87 17.54
CA PHE D 29 6.02 -10.18 17.03
C PHE D 29 6.40 -10.12 15.55
N ALA D 30 5.66 -9.34 14.76
CA ALA D 30 5.98 -9.20 13.35
C ALA D 30 7.36 -8.56 13.16
N PHE D 31 7.68 -7.56 13.98
CA PHE D 31 8.98 -6.91 13.89
C PHE D 31 10.12 -7.86 14.29
N VAL D 32 9.90 -8.66 15.32
CA VAL D 32 10.93 -9.63 15.71
C VAL D 32 11.12 -10.67 14.62
N CYS D 33 10.03 -11.12 13.99
CA CYS D 33 10.14 -12.02 12.86
C CYS D 33 10.90 -11.36 11.71
N PHE D 34 10.65 -10.07 11.47
CA PHE D 34 11.38 -9.34 10.45
C PHE D 34 12.87 -9.32 10.74
N ILE D 35 13.23 -9.03 12.00
CA ILE D 35 14.64 -8.98 12.39
C ILE D 35 15.29 -10.33 12.21
N PHE D 36 14.63 -11.40 12.64
CA PHE D 36 15.25 -12.71 12.62
C PHE D 36 15.34 -13.28 11.20
N PHE D 37 14.27 -13.16 10.43
CA PHE D 37 14.21 -13.82 9.12
C PHE D 37 14.73 -12.97 7.98
N TYR D 38 14.76 -11.64 8.13
CA TYR D 38 15.19 -10.78 7.02
C TYR D 38 16.47 -10.02 7.35
N LEU D 39 16.49 -9.23 8.42
CA LEU D 39 17.58 -8.28 8.62
C LEU D 39 18.88 -8.98 8.97
N LEU D 40 18.83 -9.93 9.92
CA LEU D 40 20.03 -10.66 10.29
C LEU D 40 20.53 -11.51 9.13
N ARG D 41 19.62 -12.15 8.42
CA ARG D 41 20.03 -12.96 7.26
C ARG D 41 20.61 -12.09 6.16
N SER D 42 20.04 -10.90 5.93
CA SER D 42 20.57 -10.00 4.92
C SER D 42 21.98 -9.52 5.30
N ILE D 43 22.18 -9.19 6.58
CA ILE D 43 23.50 -8.78 7.03
C ILE D 43 24.50 -9.92 6.85
N ARG D 44 24.09 -11.15 7.18
CA ARG D 44 24.96 -12.30 7.01
C ARG D 44 25.31 -12.53 5.55
N ILE D 45 24.32 -12.38 4.66
CA ILE D 45 24.55 -12.54 3.24
C ILE D 45 25.52 -11.48 2.72
N ILE D 46 25.34 -10.24 3.16
CA ILE D 46 26.22 -9.15 2.72
C ILE D 46 27.64 -9.41 3.18
N TYR D 47 27.81 -9.81 4.44
CA TYR D 47 29.16 -10.11 4.94
C TYR D 47 29.80 -11.27 4.17
N GLY D 48 29.01 -12.31 3.90
CA GLY D 48 29.54 -13.43 3.13
C GLY D 48 29.93 -13.02 1.72
N LEU D 49 29.12 -12.17 1.08
CA LEU D 49 29.44 -11.71 -0.26
C LEU D 49 30.71 -10.87 -0.27
N LYS D 50 30.88 -10.01 0.73
CA LYS D 50 32.11 -9.22 0.81
C LYS D 50 33.33 -10.11 1.02
N LYS D 51 33.21 -11.13 1.88
CA LYS D 51 34.32 -12.07 2.06
C LYS D 51 34.63 -12.81 0.77
N TYR D 52 33.61 -13.24 0.05
CA TYR D 52 33.81 -13.91 -1.23
C TYR D 52 34.51 -13.00 -2.22
N THR D 53 34.08 -11.73 -2.29
CA THR D 53 34.68 -10.80 -3.23
C THR D 53 36.15 -10.55 -2.89
N ARG D 54 36.47 -10.45 -1.60
CA ARG D 54 37.86 -10.31 -1.21
C ARG D 54 38.67 -11.54 -1.59
N SER D 55 38.09 -12.73 -1.43
CA SER D 55 38.78 -13.96 -1.80
C SER D 55 39.04 -14.03 -3.30
N ILE D 56 38.06 -13.63 -4.11
CA ILE D 56 38.21 -13.68 -5.56
C ILE D 56 39.26 -12.68 -6.02
N ASN D 57 39.26 -11.48 -5.44
CA ASN D 57 40.24 -10.46 -5.82
C ASN D 57 41.66 -10.83 -5.41
N SER D 58 41.84 -11.84 -4.57
CA SER D 58 43.17 -12.25 -4.17
C SER D 58 43.83 -13.20 -5.17
N ILE D 59 43.09 -13.70 -6.15
CA ILE D 59 43.64 -14.62 -7.15
C ILE D 59 43.50 -14.01 -8.54
N GLU D 60 43.41 -12.68 -8.62
CA GLU D 60 43.30 -12.03 -9.91
C GLU D 60 44.53 -12.27 -10.78
N LYS D 61 45.69 -12.47 -10.16
CA LYS D 61 46.95 -12.61 -10.89
C LYS D 61 47.49 -14.03 -10.85
N SER D 62 46.68 -14.99 -10.42
CA SER D 62 47.12 -16.37 -10.29
C SER D 62 46.97 -17.12 -11.63
N ALA D 63 47.56 -18.31 -11.67
CA ALA D 63 47.42 -19.16 -12.84
C ALA D 63 45.98 -19.70 -12.93
N PRO D 64 45.53 -20.06 -14.14
CA PRO D 64 44.14 -20.55 -14.27
C PRO D 64 43.83 -21.76 -13.43
N GLU D 65 44.77 -22.71 -13.32
CA GLU D 65 44.48 -23.94 -12.56
C GLU D 65 44.40 -23.67 -11.07
N VAL D 66 45.33 -22.87 -10.53
CA VAL D 66 45.28 -22.54 -9.11
C VAL D 66 44.08 -21.64 -8.81
N GLN D 67 43.71 -20.78 -9.75
CA GLN D 67 42.48 -20.00 -9.59
C GLN D 67 41.26 -20.91 -9.49
N LEU D 68 41.18 -21.91 -10.38
CA LEU D 68 40.06 -22.84 -10.33
C LEU D 68 40.04 -23.61 -9.03
N GLU D 69 41.20 -24.08 -8.57
CA GLU D 69 41.25 -24.82 -7.31
C GLU D 69 40.83 -23.94 -6.13
N HIS D 70 41.29 -22.69 -6.12
CA HIS D 70 40.94 -21.77 -5.04
C HIS D 70 39.45 -21.50 -5.01
N LEU D 71 38.84 -21.27 -6.18
CA LEU D 71 37.40 -20.99 -6.21
C LEU D 71 36.59 -22.23 -5.86
N LYS D 72 37.05 -23.42 -6.30
CA LYS D 72 36.37 -24.65 -5.92
C LYS D 72 36.39 -24.84 -4.40
N SER D 73 37.55 -24.61 -3.77
CA SER D 73 37.63 -24.72 -2.32
C SER D 73 36.84 -23.62 -1.63
N LEU D 74 36.71 -22.46 -2.26
CA LEU D 74 35.96 -21.35 -1.67
C LEU D 74 34.46 -21.65 -1.66
N PHE D 75 33.94 -22.26 -2.74
CA PHE D 75 32.50 -22.40 -2.88
C PHE D 75 31.97 -23.81 -2.63
N GLN D 76 32.83 -24.82 -2.53
CA GLN D 76 32.35 -26.18 -2.37
C GLN D 76 31.81 -26.46 -0.98
N ARG D 77 32.13 -25.60 -0.01
CA ARG D 77 31.70 -25.81 1.37
C ARG D 77 30.45 -25.04 1.73
N SER D 78 30.11 -23.99 0.98
CA SER D 78 29.03 -23.09 1.35
C SER D 78 27.80 -23.34 0.47
N GLU D 79 26.79 -22.50 0.67
CA GLU D 79 25.54 -22.63 -0.09
C GLU D 79 25.72 -22.30 -1.57
N LEU D 80 26.76 -21.56 -1.93
CA LEU D 80 27.04 -21.25 -3.33
C LEU D 80 27.88 -22.34 -3.98
N LYS D 81 27.45 -23.58 -3.83
CA LYS D 81 28.15 -24.72 -4.39
C LYS D 81 27.64 -25.10 -5.78
N HIS D 82 26.33 -25.25 -5.93
CA HIS D 82 25.78 -25.58 -7.25
C HIS D 82 25.86 -24.40 -8.21
N ALA D 83 25.74 -23.17 -7.70
CA ALA D 83 25.94 -22.00 -8.55
C ALA D 83 27.36 -21.96 -9.09
N TRP D 84 28.35 -22.22 -8.22
CA TRP D 84 29.73 -22.28 -8.68
C TRP D 84 29.94 -23.45 -9.64
N ASN D 85 29.30 -24.58 -9.38
CA ASN D 85 29.45 -25.73 -10.27
C ASN D 85 28.93 -25.40 -11.67
N ALA D 86 27.77 -24.75 -11.74
CA ALA D 86 27.22 -24.35 -13.04
C ALA D 86 28.12 -23.32 -13.72
N PHE D 87 28.61 -22.34 -12.95
CA PHE D 87 29.48 -21.32 -13.53
C PHE D 87 30.77 -21.93 -14.09
N GLU D 88 31.36 -22.87 -13.35
CA GLU D 88 32.57 -23.54 -13.82
C GLU D 88 32.28 -24.43 -15.02
N ALA D 89 31.12 -25.08 -15.05
CA ALA D 89 30.74 -25.85 -16.23
C ALA D 89 30.60 -24.95 -17.45
N SER D 90 30.18 -23.71 -17.26
CA SER D 90 30.09 -22.77 -18.37
C SER D 90 31.45 -22.28 -18.84
N LEU D 91 32.52 -22.57 -18.10
CA LEU D 91 33.85 -22.09 -18.48
C LEU D 91 34.47 -23.01 -19.53
N HIS D 92 35.27 -22.41 -20.40
CA HIS D 92 35.97 -23.13 -21.47
C HIS D 92 37.46 -23.06 -21.22
N SER D 93 38.09 -24.22 -21.13
CA SER D 93 39.53 -24.32 -20.89
C SER D 93 40.26 -24.47 -22.21
N GLN D 94 41.24 -23.60 -22.44
CA GLN D 94 42.07 -23.65 -23.64
C GLN D 94 43.37 -24.39 -23.32
N TYR D 95 43.70 -25.37 -24.14
CA TYR D 95 44.86 -26.21 -23.93
C TYR D 95 45.94 -25.92 -24.96
N GLU D 96 47.19 -25.88 -24.51
CA GLU D 96 48.35 -25.79 -25.38
C GLU D 96 49.37 -26.85 -24.95
N LEU D 97 49.92 -27.56 -25.92
CA LEU D 97 50.83 -28.65 -25.65
C LEU D 97 52.18 -28.08 -25.22
N GLU D 98 52.56 -28.31 -23.97
CA GLU D 98 53.84 -27.86 -23.43
C GLU D 98 54.53 -29.06 -22.78
N ASN D 99 55.77 -29.33 -23.22
CA ASN D 99 56.60 -30.39 -22.65
C ASN D 99 55.89 -31.75 -22.68
N GLY D 100 55.22 -32.02 -23.80
CA GLY D 100 54.57 -33.31 -23.98
C GLY D 100 53.29 -33.50 -23.21
N GLU D 101 52.77 -32.46 -22.56
CA GLU D 101 51.53 -32.54 -21.80
C GLU D 101 50.64 -31.37 -22.18
N GLU D 102 49.33 -31.63 -22.17
CA GLU D 102 48.36 -30.57 -22.42
C GLU D 102 48.01 -29.92 -21.08
N LYS D 103 48.26 -28.62 -20.99
CA LYS D 103 47.98 -27.86 -19.78
C LYS D 103 47.03 -26.71 -20.11
N ILE D 104 46.20 -26.34 -19.14
CA ILE D 104 45.30 -25.22 -19.32
C ILE D 104 46.12 -23.93 -19.30
N VAL D 105 46.14 -23.24 -20.43
CA VAL D 105 46.87 -21.97 -20.52
C VAL D 105 45.94 -20.76 -20.36
N ARG D 106 44.64 -20.93 -20.57
CA ARG D 106 43.69 -19.84 -20.45
C ARG D 106 42.30 -20.43 -20.24
N ILE D 107 41.50 -19.76 -19.44
CA ILE D 107 40.11 -20.15 -19.21
C ILE D 107 39.23 -19.01 -19.71
N ARG D 108 38.21 -19.35 -20.49
CA ARG D 108 37.36 -18.38 -21.15
C ARG D 108 35.94 -18.47 -20.62
N ALA D 109 35.30 -17.32 -20.48
CA ALA D 109 33.93 -17.25 -19.98
C ALA D 109 32.96 -17.30 -21.16
N THR D 110 31.98 -18.19 -21.09
CA THR D 110 30.95 -18.29 -22.11
C THR D 110 29.63 -17.68 -21.68
N ALA D 111 29.48 -17.30 -20.42
CA ALA D 111 28.26 -16.69 -19.92
C ALA D 111 28.62 -15.84 -18.72
N PRO D 112 27.87 -14.76 -18.46
CA PRO D 112 28.15 -13.94 -17.27
C PRO D 112 27.87 -14.70 -15.99
N SER D 113 28.65 -14.40 -14.96
CA SER D 113 28.49 -15.08 -13.68
C SER D 113 27.19 -14.73 -12.98
N ALA D 114 26.51 -13.65 -13.40
CA ALA D 114 25.23 -13.30 -12.80
C ALA D 114 24.12 -14.25 -13.22
N SER D 115 24.29 -14.97 -14.33
CA SER D 115 23.31 -15.96 -14.74
C SER D 115 23.31 -17.20 -13.86
N PHE D 116 24.35 -17.40 -13.06
CA PHE D 116 24.43 -18.49 -12.11
C PHE D 116 24.35 -18.03 -10.67
N PHE D 117 24.98 -16.91 -10.34
CA PHE D 117 24.84 -16.28 -9.03
C PHE D 117 23.80 -15.17 -9.12
N SER D 118 22.57 -15.61 -9.38
CA SER D 118 21.48 -14.68 -9.66
C SER D 118 21.03 -13.97 -8.38
N GLU D 119 20.40 -12.81 -8.57
CA GLU D 119 19.84 -12.08 -7.44
C GLU D 119 18.74 -12.89 -6.75
N GLN D 120 17.92 -13.59 -7.54
CA GLN D 120 16.88 -14.42 -6.96
C GLN D 120 17.47 -15.45 -6.00
N GLN D 121 18.27 -16.37 -6.54
CA GLN D 121 18.76 -17.50 -5.75
C GLN D 121 19.57 -17.06 -4.55
N LEU D 122 20.35 -16.00 -4.69
CA LEU D 122 21.28 -15.61 -3.65
C LEU D 122 20.70 -14.63 -2.63
N VAL D 123 19.67 -13.86 -2.99
CA VAL D 123 19.15 -12.85 -2.10
C VAL D 123 17.65 -13.02 -1.88
N ASP D 124 16.89 -13.10 -2.98
CA ASP D 124 15.44 -12.96 -2.87
C ASP D 124 14.81 -14.17 -2.20
N ILE D 125 15.17 -15.37 -2.64
CA ILE D 125 14.68 -16.61 -2.04
C ILE D 125 15.20 -16.74 -0.61
N PRO D 126 16.51 -16.55 -0.33
CA PRO D 126 16.95 -16.65 1.07
C PRO D 126 16.28 -15.66 2.01
N LEU D 127 16.02 -14.44 1.55
CA LEU D 127 15.50 -13.39 2.42
C LEU D 127 13.99 -13.27 2.39
N ASN D 128 13.31 -14.02 1.51
CA ASN D 128 11.86 -13.94 1.35
C ASN D 128 11.43 -12.50 1.10
N THR D 129 12.19 -11.80 0.25
CA THR D 129 11.89 -10.42 -0.08
C THR D 129 10.51 -10.28 -0.72
N GLU D 130 10.10 -11.29 -1.48
CA GLU D 130 8.77 -11.30 -2.08
C GLU D 130 7.68 -11.12 -1.03
N PHE D 131 7.84 -11.68 0.16
CA PHE D 131 6.86 -11.51 1.22
C PHE D 131 7.14 -10.25 2.04
N PHE D 132 8.39 -10.07 2.45
CA PHE D 132 8.72 -9.00 3.38
C PHE D 132 8.53 -7.61 2.78
N LYS D 133 8.45 -7.49 1.45
CA LYS D 133 8.04 -6.23 0.86
C LYS D 133 6.58 -5.92 1.10
N HIS D 134 5.80 -6.89 1.58
CA HIS D 134 4.41 -6.68 1.96
C HIS D 134 4.23 -6.51 3.45
N LEU D 135 5.25 -6.75 4.26
CA LEU D 135 5.12 -6.63 5.71
C LEU D 135 4.71 -5.24 6.17
N PRO D 136 5.25 -4.13 5.65
CA PRO D 136 4.74 -2.82 6.07
C PRO D 136 3.24 -2.66 5.85
N GLY D 137 2.74 -3.16 4.72
CA GLY D 137 1.30 -3.14 4.51
C GLY D 137 0.55 -4.00 5.50
N ILE D 138 1.12 -5.15 5.87
CA ILE D 138 0.50 -5.99 6.88
C ILE D 138 0.37 -5.24 8.19
N LEU D 139 1.45 -4.54 8.59
CA LEU D 139 1.41 -3.76 9.82
C LEU D 139 0.38 -2.63 9.72
N THR D 140 0.30 -1.98 8.57
CA THR D 140 -0.70 -0.93 8.37
C THR D 140 -2.11 -1.49 8.50
N GLY D 141 -2.35 -2.69 7.96
CA GLY D 141 -3.67 -3.30 8.07
C GLY D 141 -4.01 -3.66 9.51
N MET D 142 -3.03 -4.18 10.26
CA MET D 142 -3.24 -4.42 11.68
C MET D 142 -3.60 -3.13 12.39
N GLY D 143 -2.89 -2.05 12.06
CA GLY D 143 -3.16 -0.76 12.67
C GLY D 143 -4.56 -0.25 12.36
N ILE D 144 -5.00 -0.38 11.11
CA ILE D 144 -6.32 0.12 10.77
C ILE D 144 -7.41 -0.71 11.42
N ILE D 145 -7.22 -2.03 11.51
CA ILE D 145 -8.19 -2.86 12.21
C ILE D 145 -8.32 -2.42 13.66
N GLY D 146 -7.18 -2.30 14.36
CA GLY D 146 -7.22 -1.89 15.75
C GLY D 146 -7.80 -0.51 15.94
N THR D 147 -7.44 0.43 15.06
CA THR D 147 -7.87 1.81 15.21
C THR D 147 -9.36 1.96 14.96
N PHE D 148 -9.85 1.38 13.86
CA PHE D 148 -11.27 1.45 13.58
C PHE D 148 -12.08 0.78 14.69
N TYR D 149 -11.61 -0.37 15.19
CA TYR D 149 -12.32 -1.04 16.27
C TYR D 149 -12.35 -0.19 17.53
N GLY D 150 -11.23 0.41 17.90
CA GLY D 150 -11.19 1.22 19.11
C GLY D 150 -12.05 2.47 19.00
N LEU D 151 -12.00 3.14 17.85
CA LEU D 151 -12.84 4.31 17.64
C LEU D 151 -14.32 3.93 17.64
N MET D 152 -14.65 2.75 17.11
CA MET D 152 -16.01 2.27 17.18
C MET D 152 -16.46 2.03 18.62
N ILE D 153 -15.60 1.41 19.43
CA ILE D 153 -15.95 1.19 20.84
C ILE D 153 -16.18 2.53 21.54
N GLY D 154 -15.29 3.49 21.30
CA GLY D 154 -15.47 4.80 21.89
C GLY D 154 -16.75 5.48 21.45
N LEU D 155 -17.11 5.32 20.17
CA LEU D 155 -18.32 5.96 19.67
C LEU D 155 -19.58 5.30 20.20
N ASN D 156 -19.58 3.96 20.32
CA ASN D 156 -20.72 3.28 20.94
C ASN D 156 -20.89 3.72 22.39
N HIS D 157 -19.78 3.88 23.12
CA HIS D 157 -19.88 4.30 24.50
C HIS D 157 -20.22 5.79 24.65
N PHE D 158 -20.19 6.56 23.57
CA PHE D 158 -20.45 7.99 23.64
C PHE D 158 -21.94 8.24 23.43
N ASP D 159 -22.62 8.70 24.48
CA ASP D 159 -24.04 9.00 24.42
C ASP D 159 -24.45 9.97 25.52
N PRO D 160 -24.31 11.27 25.32
CA PRO D 160 -24.78 12.23 26.33
C PRO D 160 -26.30 12.29 26.37
N SER D 161 -26.90 11.70 27.41
CA SER D 161 -28.36 11.68 27.50
C SER D 161 -28.92 13.03 27.91
N THR D 162 -28.19 13.79 28.72
CA THR D 162 -28.56 15.13 29.14
C THR D 162 -27.34 16.03 28.99
N PRO D 163 -27.53 17.34 28.92
CA PRO D 163 -26.36 18.24 28.83
C PRO D 163 -25.41 18.14 30.01
N GLU D 164 -25.86 17.63 31.15
CA GLU D 164 -25.01 17.49 32.31
C GLU D 164 -24.05 16.32 32.21
N GLN D 165 -24.34 15.33 31.37
CA GLN D 165 -23.47 14.17 31.18
C GLN D 165 -22.47 14.36 30.06
N VAL D 166 -22.40 15.55 29.45
CA VAL D 166 -21.53 15.75 28.29
C VAL D 166 -20.07 15.64 28.70
N SER D 167 -19.71 16.14 29.88
CA SER D 167 -18.31 16.19 30.29
C SER D 167 -17.73 14.78 30.44
N SER D 168 -18.43 13.91 31.19
CA SER D 168 -17.91 12.56 31.40
C SER D 168 -17.89 11.76 30.11
N SER D 169 -18.91 11.93 29.27
CA SER D 169 -18.93 11.25 27.98
C SER D 169 -17.75 11.68 27.12
N VAL D 170 -17.46 12.99 27.10
CA VAL D 170 -16.32 13.49 26.33
C VAL D 170 -15.02 12.91 26.88
N ASN D 171 -14.88 12.86 28.20
CA ASN D 171 -13.65 12.31 28.79
C ASN D 171 -13.46 10.85 28.40
N ASN D 172 -14.52 10.05 28.51
CA ASN D 172 -14.42 8.64 28.16
C ASN D 172 -14.13 8.45 26.68
N LEU D 173 -14.77 9.26 25.82
CA LEU D 173 -14.49 9.19 24.39
C LEU D 173 -13.05 9.53 24.09
N LEU D 174 -12.50 10.55 24.76
CA LEU D 174 -11.12 10.92 24.54
C LEU D 174 -10.17 9.81 24.99
N ARG D 175 -10.49 9.14 26.09
CA ARG D 175 -9.66 8.01 26.54
C ARG D 175 -9.67 6.90 25.50
N ASP D 176 -10.86 6.60 24.96
CA ASP D 176 -10.97 5.54 23.95
C ASP D 176 -10.20 5.90 22.68
N VAL D 177 -10.32 7.15 22.24
CA VAL D 177 -9.59 7.60 21.07
C VAL D 177 -8.08 7.56 21.33
N LEU D 178 -7.68 7.82 22.57
CA LEU D 178 -6.27 7.69 22.92
C LEU D 178 -5.79 6.26 22.74
N TYR D 179 -6.58 5.29 23.18
CA TYR D 179 -6.19 3.89 22.97
C TYR D 179 -6.07 3.56 21.48
N ALA D 180 -7.07 3.96 20.70
CA ALA D 180 -7.06 3.66 19.26
C ALA D 180 -5.86 4.30 18.57
N PHE D 181 -5.58 5.56 18.91
CA PHE D 181 -4.46 6.28 18.30
C PHE D 181 -3.13 5.68 18.73
N LEU D 182 -3.03 5.08 19.88
CA LEU D 182 -1.78 4.43 20.29
C LEU D 182 -1.56 3.21 19.44
N GLY D 183 -2.59 2.45 19.33
CA GLY D 183 -2.43 1.29 18.46
C GLY D 183 -2.00 1.67 17.05
N SER D 184 -2.68 2.67 16.48
CA SER D 184 -2.38 3.08 15.11
C SER D 184 -0.97 3.63 14.99
N ALA D 185 -0.50 4.35 15.98
CA ALA D 185 0.81 5.00 15.96
C ALA D 185 1.94 4.00 15.94
N PHE D 186 1.81 2.99 16.77
CA PHE D 186 2.85 1.97 16.85
C PHE D 186 2.81 1.22 15.55
N ALA D 187 1.61 0.81 15.12
CA ALA D 187 1.63 0.00 13.91
C ALA D 187 2.25 0.75 12.73
N ILE D 188 1.90 2.03 12.56
CA ILE D 188 2.42 2.78 11.43
C ILE D 188 3.90 3.07 11.61
N PHE D 189 4.39 3.24 12.82
CA PHE D 189 5.82 3.51 13.02
C PHE D 189 6.60 2.25 12.76
N ALA D 190 6.04 1.14 13.18
CA ALA D 190 6.73 -0.11 12.86
C ALA D 190 6.76 -0.34 11.36
N SER D 191 5.66 -0.01 10.66
CA SER D 191 5.64 -0.17 9.21
C SER D 191 6.72 0.68 8.54
N ILE D 192 6.83 1.94 8.97
CA ILE D 192 7.82 2.84 8.39
C ILE D 192 9.24 2.35 8.69
N LEU D 193 9.48 1.91 9.92
CA LEU D 193 10.80 1.43 10.30
C LEU D 193 11.18 0.18 9.52
N VAL D 194 10.23 -0.75 9.35
CA VAL D 194 10.50 -1.96 8.57
C VAL D 194 10.79 -1.60 7.12
N THR D 195 10.02 -0.67 6.55
CA THR D 195 10.29 -0.22 5.19
C THR D 195 11.72 0.30 5.06
N TRP D 196 12.11 1.20 5.96
CA TRP D 196 13.45 1.78 5.91
C TRP D 196 14.52 0.70 6.01
N LEU D 197 14.43 -0.16 7.01
CA LEU D 197 15.45 -1.17 7.24
C LEU D 197 15.55 -2.13 6.07
N GLU D 198 14.40 -2.61 5.57
CA GLU D 198 14.43 -3.62 4.53
C GLU D 198 14.90 -3.03 3.21
N LYS D 199 14.51 -1.79 2.89
CA LYS D 199 14.98 -1.20 1.64
C LYS D 199 16.48 -0.92 1.69
N LEU D 200 16.98 -0.42 2.82
CA LEU D 200 18.42 -0.21 2.94
C LEU D 200 19.18 -1.52 2.83
N SER D 201 18.71 -2.56 3.51
CA SER D 201 19.41 -3.84 3.47
C SER D 201 19.36 -4.47 2.09
N ILE D 202 18.23 -4.38 1.40
CA ILE D 202 18.13 -4.97 0.06
C ILE D 202 18.99 -4.20 -0.93
N ALA D 203 19.09 -2.87 -0.78
CA ALA D 203 19.97 -2.11 -1.64
C ALA D 203 21.43 -2.51 -1.43
N LYS D 204 21.84 -2.65 -0.17
CA LYS D 204 23.21 -3.10 0.10
C LYS D 204 23.45 -4.50 -0.42
N SER D 205 22.46 -5.40 -0.27
CA SER D 205 22.61 -6.77 -0.75
C SER D 205 22.81 -6.79 -2.26
N TYR D 206 21.99 -6.03 -2.99
CA TYR D 206 22.14 -5.99 -4.45
C TYR D 206 23.48 -5.38 -4.85
N LYS D 207 23.92 -4.33 -4.16
CA LYS D 207 25.20 -3.71 -4.48
C LYS D 207 26.36 -4.68 -4.30
N TYR D 208 26.38 -5.38 -3.17
CA TYR D 208 27.50 -6.28 -2.93
C TYR D 208 27.42 -7.55 -3.76
N LEU D 209 26.21 -7.99 -4.11
CA LEU D 209 26.09 -9.09 -5.06
C LEU D 209 26.62 -8.69 -6.43
N GLU D 210 26.32 -7.46 -6.87
CA GLU D 210 26.87 -6.98 -8.13
C GLU D 210 28.39 -6.92 -8.08
N LYS D 211 28.95 -6.46 -6.95
CA LYS D 211 30.40 -6.45 -6.79
C LYS D 211 30.97 -7.87 -6.88
N PHE D 212 30.31 -8.83 -6.24
CA PHE D 212 30.77 -10.22 -6.26
C PHE D 212 30.76 -10.77 -7.68
N THR D 213 29.64 -10.61 -8.40
CA THR D 213 29.55 -11.13 -9.75
C THR D 213 30.50 -10.41 -10.72
N ALA D 214 30.76 -9.12 -10.49
CA ALA D 214 31.74 -8.42 -11.30
C ALA D 214 33.14 -8.92 -11.04
N ALA D 215 33.45 -9.24 -9.78
CA ALA D 215 34.74 -9.83 -9.47
C ALA D 215 34.90 -11.18 -10.14
N LEU D 216 33.82 -11.99 -10.17
CA LEU D 216 33.88 -13.27 -10.85
C LEU D 216 34.03 -13.10 -12.35
N ASP D 217 33.36 -12.10 -12.94
CA ASP D 217 33.37 -11.93 -14.39
C ASP D 217 34.72 -11.43 -14.91
N SER D 218 35.50 -10.75 -14.08
CA SER D 218 36.77 -10.21 -14.53
C SER D 218 37.89 -11.24 -14.61
N LEU D 219 37.67 -12.45 -14.08
CA LEU D 219 38.73 -13.45 -14.08
C LEU D 219 38.95 -14.02 -15.47
N TYR D 220 37.89 -14.23 -16.24
CA TYR D 220 37.97 -14.94 -17.51
C TYR D 220 37.33 -14.10 -18.60
N ASP D 221 37.99 -14.03 -19.75
CA ASP D 221 37.51 -13.24 -20.87
C ASP D 221 36.66 -14.09 -21.80
N SER D 222 35.71 -13.43 -22.47
CA SER D 222 34.78 -14.10 -23.37
C SER D 222 35.28 -14.00 -24.81
N GLY D 223 34.44 -14.40 -25.75
CA GLY D 223 34.77 -14.30 -27.16
C GLY D 223 35.76 -15.33 -27.67
N VAL D 224 35.70 -16.55 -27.14
CA VAL D 224 36.62 -17.59 -27.60
C VAL D 224 36.18 -18.17 -28.95
N GLY D 225 34.88 -18.22 -29.21
CA GLY D 225 34.41 -18.71 -30.50
C GLY D 225 34.79 -17.79 -31.64
N GLU D 226 34.78 -16.48 -31.39
CA GLU D 226 35.20 -15.53 -32.43
C GLU D 226 36.66 -15.72 -32.80
N GLU D 227 37.54 -15.89 -31.80
CA GLU D 227 38.94 -16.10 -32.13
C GLU D 227 39.17 -17.46 -32.76
N TYR D 228 38.39 -18.48 -32.37
CA TYR D 228 38.47 -19.76 -33.07
C TYR D 228 38.09 -19.62 -34.53
N LEU D 229 37.03 -18.88 -34.83
CA LEU D 229 36.62 -18.67 -36.21
C LEU D 229 37.64 -17.85 -36.99
N ALA D 230 38.24 -16.83 -36.35
CA ALA D 230 39.27 -16.06 -37.02
C ALA D 230 40.50 -16.92 -37.32
N SER D 231 40.89 -17.78 -36.38
CA SER D 231 41.98 -18.70 -36.62
C SER D 231 41.65 -19.67 -37.74
N LEU D 232 40.40 -20.14 -37.80
CA LEU D 232 39.99 -21.03 -38.87
C LEU D 232 40.07 -20.34 -40.22
N VAL D 233 39.61 -19.09 -40.31
CA VAL D 233 39.65 -18.35 -41.57
C VAL D 233 41.09 -18.14 -42.02
N LYS D 234 41.96 -17.74 -41.08
CA LYS D 234 43.36 -17.58 -41.40
C LYS D 234 43.95 -18.90 -41.90
N SER D 235 43.77 -19.97 -41.13
CA SER D 235 44.33 -21.28 -41.50
C SER D 235 43.83 -21.71 -42.86
N SER D 236 42.59 -21.39 -43.21
CA SER D 236 42.08 -21.69 -44.55
C SER D 236 42.86 -20.92 -45.61
N ASN D 237 43.12 -19.63 -45.37
CA ASN D 237 43.84 -18.83 -46.35
C ASN D 237 45.26 -19.36 -46.57
N GLU D 238 46.03 -19.51 -45.49
CA GLU D 238 47.37 -20.09 -45.67
C GLU D 238 47.31 -21.56 -46.05
N SER D 239 46.17 -22.24 -45.90
CA SER D 239 46.06 -23.60 -46.40
C SER D 239 46.00 -23.63 -47.91
N ALA D 240 45.21 -22.74 -48.51
CA ALA D 240 45.23 -22.61 -49.97
C ALA D 240 46.61 -22.19 -50.45
N THR D 241 47.22 -21.22 -49.76
CA THR D 241 48.54 -20.75 -50.15
C THR D 241 49.58 -21.87 -50.08
N GLN D 242 49.55 -22.65 -49.00
CA GLN D 242 50.53 -23.72 -48.84
C GLN D 242 50.27 -24.86 -49.82
N ALA D 243 49.00 -25.10 -50.18
CA ALA D 243 48.74 -26.10 -51.21
C ALA D 243 49.36 -25.69 -52.53
N ARG D 244 49.19 -24.42 -52.91
CA ARG D 244 49.81 -23.93 -54.14
C ARG D 244 51.33 -24.03 -54.07
N HIS D 245 51.91 -23.62 -52.94
CA HIS D 245 53.36 -23.64 -52.80
C HIS D 245 53.90 -25.07 -52.83
N LEU D 246 53.20 -26.00 -52.19
CA LEU D 246 53.63 -27.40 -52.19
C LEU D 246 53.55 -27.98 -53.60
N LYS D 247 52.50 -27.63 -54.36
CA LYS D 247 52.44 -28.09 -55.74
C LYS D 247 53.61 -27.57 -56.55
N GLU D 248 53.92 -26.27 -56.41
CA GLU D 248 55.04 -25.70 -57.15
C GLU D 248 56.36 -26.36 -56.77
N SER D 249 56.58 -26.57 -55.46
CA SER D 249 57.82 -27.20 -55.00
C SER D 249 57.92 -28.63 -55.48
N LEU D 250 56.81 -29.37 -55.50
CA LEU D 250 56.83 -30.74 -56.01
C LEU D 250 57.15 -30.75 -57.50
N VAL D 251 56.60 -29.79 -58.26
CA VAL D 251 56.92 -29.71 -59.68
C VAL D 251 58.41 -29.44 -59.88
N THR D 252 58.97 -28.51 -59.11
CA THR D 252 60.39 -28.20 -59.25
C THR D 252 61.25 -29.40 -58.88
N ASP D 253 60.91 -30.10 -57.80
CA ASP D 253 61.67 -31.28 -57.40
C ASP D 253 61.59 -32.38 -58.46
N LEU D 254 60.40 -32.61 -59.02
CA LEU D 254 60.26 -33.61 -60.06
C LEU D 254 61.06 -33.26 -61.29
N ARG D 255 61.04 -31.98 -61.69
CA ARG D 255 61.83 -31.56 -62.84
C ARG D 255 63.32 -31.80 -62.60
N ASP D 256 63.81 -31.41 -61.42
CA ASP D 256 65.23 -31.58 -61.13
C ASP D 256 65.62 -33.06 -61.08
N MET D 257 64.76 -33.88 -60.47
CA MET D 257 65.08 -35.30 -60.36
C MET D 257 65.03 -35.99 -61.72
N LEU D 258 64.10 -35.59 -62.58
CA LEU D 258 64.06 -36.16 -63.92
C LEU D 258 65.25 -35.72 -64.76
N LEU D 259 65.71 -34.48 -64.58
CA LEU D 259 66.93 -34.04 -65.23
C LEU D 259 68.13 -34.86 -64.76
N HIS D 260 68.20 -35.12 -63.45
CA HIS D 260 69.27 -35.95 -62.92
C HIS D 260 69.21 -37.36 -63.48
N LEU D 261 68.00 -37.93 -63.60
CA LEU D 261 67.86 -39.26 -64.17
C LEU D 261 68.29 -39.28 -65.63
N ALA D 262 67.93 -38.25 -66.39
CA ALA D 262 68.36 -38.17 -67.79
C ALA D 262 69.87 -38.06 -67.89
N GLU D 263 70.49 -37.28 -67.02
CA GLU D 263 71.95 -37.17 -67.00
C GLU D 263 72.59 -38.51 -66.67
N SER D 264 72.03 -39.23 -65.70
CA SER D 264 72.57 -40.54 -65.34
C SER D 264 72.44 -41.52 -66.50
N GLN D 265 71.29 -41.49 -67.20
CA GLN D 265 71.12 -42.36 -68.37
C GLN D 265 72.10 -42.01 -69.48
N LYS D 266 72.35 -40.71 -69.68
CA LYS D 266 73.34 -40.29 -70.67
C LYS D 266 74.73 -40.78 -70.30
N ILE D 267 75.09 -40.69 -69.02
CA ILE D 267 76.39 -41.19 -68.57
C ILE D 267 76.50 -42.69 -68.79
N GLU D 268 75.44 -43.43 -68.46
CA GLU D 268 75.46 -44.88 -68.65
C GLU D 268 75.58 -45.24 -70.13
N ASN D 269 74.87 -44.51 -71.00
CA ASN D 269 74.96 -44.79 -72.43
C ASN D 269 76.33 -44.44 -72.98
N MET E 1 -33.65 12.13 -8.71
CA MET E 1 -34.05 11.10 -9.65
C MET E 1 -34.69 9.92 -8.91
N SER E 2 -35.82 9.46 -9.44
CA SER E 2 -36.57 8.39 -8.77
C SER E 2 -35.80 7.08 -8.77
N TRP E 3 -35.04 6.79 -9.82
CA TRP E 3 -34.30 5.54 -9.89
C TRP E 3 -33.25 5.44 -8.77
N LEU E 4 -32.56 6.55 -8.50
CA LEU E 4 -31.55 6.55 -7.44
C LEU E 4 -32.17 6.29 -6.08
N ASN E 5 -33.30 6.94 -5.79
CA ASN E 5 -33.97 6.70 -4.51
C ASN E 5 -34.49 5.27 -4.44
N SER E 6 -34.98 4.74 -5.57
CA SER E 6 -35.47 3.37 -5.58
C SER E 6 -34.35 2.39 -5.25
N ILE E 7 -33.24 2.43 -5.95
CA ILE E 7 -32.10 1.54 -5.59
C ILE E 7 -31.53 1.86 -4.21
N LEU E 8 -31.58 3.10 -3.71
CA LEU E 8 -31.09 3.38 -2.35
C LEU E 8 -32.03 2.77 -1.32
N VAL E 9 -33.34 2.73 -1.53
CA VAL E 9 -34.28 2.00 -0.62
C VAL E 9 -34.09 0.47 -0.72
N THR E 10 -33.91 -0.11 -1.89
CA THR E 10 -33.65 -1.56 -2.01
C THR E 10 -32.34 -1.98 -1.34
N LEU E 11 -31.30 -1.19 -1.44
CA LEU E 11 -29.99 -1.62 -0.92
C LEU E 11 -29.90 -1.36 0.58
N THR E 12 -30.67 -0.45 1.13
CA THR E 12 -30.55 -0.07 2.54
C THR E 12 -31.71 -0.72 3.28
N SER E 13 -32.47 -1.55 2.60
CA SER E 13 -33.56 -2.29 3.25
C SER E 13 -33.04 -3.63 3.74
N VAL E 14 -31.81 -4.00 3.38
CA VAL E 14 -31.19 -5.26 3.82
C VAL E 14 -30.96 -5.19 5.32
N GLU E 15 -31.21 -6.29 5.99
CA GLU E 15 -30.92 -6.28 7.42
C GLU E 15 -29.43 -6.04 7.65
N PRO E 16 -29.07 -5.23 8.66
CA PRO E 16 -27.66 -4.88 8.85
C PRO E 16 -26.76 -6.08 9.09
N TYR E 17 -27.27 -7.15 9.69
CA TYR E 17 -26.45 -8.33 9.92
C TYR E 17 -26.10 -9.06 8.63
N LYS E 18 -26.80 -8.78 7.53
CA LYS E 18 -26.54 -9.50 6.29
C LYS E 18 -25.33 -8.97 5.52
N VAL E 19 -24.79 -7.83 5.90
CA VAL E 19 -23.57 -7.32 5.27
C VAL E 19 -22.37 -8.09 5.79
N PRO E 20 -22.16 -8.21 7.12
CA PRO E 20 -21.04 -9.03 7.59
C PRO E 20 -21.11 -10.47 7.12
N VAL E 21 -22.28 -11.09 7.08
CA VAL E 21 -22.36 -12.48 6.67
C VAL E 21 -22.06 -12.63 5.18
N THR E 22 -22.55 -11.69 4.36
CA THR E 22 -22.24 -11.74 2.94
C THR E 22 -20.75 -11.56 2.70
N VAL E 23 -20.14 -10.58 3.37
CA VAL E 23 -18.71 -10.34 3.20
C VAL E 23 -17.91 -11.54 3.66
N ILE E 24 -18.27 -12.11 4.82
CA ILE E 24 -17.52 -13.23 5.37
C ILE E 24 -17.66 -14.46 4.48
N VAL E 25 -18.87 -14.73 3.98
CA VAL E 25 -19.06 -15.89 3.11
C VAL E 25 -18.30 -15.72 1.81
N THR E 26 -18.35 -14.53 1.20
CA THR E 26 -17.64 -14.31 -0.05
C THR E 26 -16.14 -14.41 0.14
N VAL E 27 -15.62 -13.82 1.21
CA VAL E 27 -14.18 -13.87 1.48
C VAL E 27 -13.75 -15.30 1.80
N THR E 28 -14.59 -16.04 2.53
CA THR E 28 -14.27 -17.43 2.84
C THR E 28 -14.28 -18.30 1.59
N PHE E 29 -15.20 -18.05 0.67
CA PHE E 29 -15.19 -18.77 -0.60
C PHE E 29 -13.93 -18.46 -1.39
N ALA E 30 -13.53 -17.18 -1.43
CA ALA E 30 -12.29 -16.82 -2.10
C ALA E 30 -11.09 -17.49 -1.44
N PHE E 31 -11.08 -17.55 -0.11
CA PHE E 31 -9.97 -18.18 0.61
C PHE E 31 -9.92 -19.68 0.36
N VAL E 32 -11.07 -20.34 0.33
CA VAL E 32 -11.11 -21.78 0.06
C VAL E 32 -10.66 -22.05 -1.37
N CYS E 33 -11.08 -21.21 -2.32
CA CYS E 33 -10.58 -21.35 -3.69
C CYS E 33 -9.07 -21.13 -3.74
N PHE E 34 -8.56 -20.16 -2.99
CA PHE E 34 -7.11 -19.95 -2.94
C PHE E 34 -6.39 -21.17 -2.40
N ILE E 35 -6.90 -21.75 -1.32
CA ILE E 35 -6.27 -22.94 -0.73
C ILE E 35 -6.28 -24.09 -1.72
N PHE E 36 -7.42 -24.32 -2.37
CA PHE E 36 -7.56 -25.48 -3.24
C PHE E 36 -6.75 -25.33 -4.52
N PHE E 37 -6.85 -24.19 -5.19
CA PHE E 37 -6.25 -24.01 -6.50
C PHE E 37 -4.83 -23.45 -6.46
N TYR E 38 -4.39 -22.90 -5.33
CA TYR E 38 -3.04 -22.34 -5.25
C TYR E 38 -2.18 -23.04 -4.20
N LEU E 39 -2.64 -23.11 -2.95
CA LEU E 39 -1.76 -23.55 -1.87
C LEU E 39 -1.49 -25.04 -1.93
N LEU E 40 -2.54 -25.85 -2.00
CA LEU E 40 -2.35 -27.30 -2.09
C LEU E 40 -1.65 -27.66 -3.39
N ARG E 41 -1.98 -26.97 -4.48
CA ARG E 41 -1.29 -27.21 -5.74
C ARG E 41 0.19 -26.88 -5.63
N SER E 42 0.53 -25.77 -4.97
CA SER E 42 1.93 -25.43 -4.78
C SER E 42 2.65 -26.45 -3.91
N ILE E 43 1.97 -26.95 -2.87
CA ILE E 43 2.58 -27.97 -2.03
C ILE E 43 2.86 -29.23 -2.82
N ARG E 44 1.91 -29.66 -3.66
CA ARG E 44 2.13 -30.84 -4.49
C ARG E 44 3.26 -30.60 -5.48
N ILE E 45 3.35 -29.40 -6.06
CA ILE E 45 4.42 -29.09 -6.99
C ILE E 45 5.78 -29.16 -6.29
N ILE E 46 5.86 -28.59 -5.09
CA ILE E 46 7.12 -28.61 -4.33
C ILE E 46 7.51 -30.04 -3.99
N TYR E 47 6.55 -30.84 -3.53
CA TYR E 47 6.83 -32.24 -3.20
C TYR E 47 7.30 -33.02 -4.42
N GLY E 48 6.64 -32.82 -5.55
CA GLY E 48 7.05 -33.49 -6.77
C GLY E 48 8.43 -33.06 -7.23
N LEU E 49 8.74 -31.78 -7.10
CA LEU E 49 10.08 -31.30 -7.46
C LEU E 49 11.14 -31.91 -6.57
N LYS E 50 10.86 -32.01 -5.27
CA LYS E 50 11.81 -32.65 -4.36
C LYS E 50 12.03 -34.11 -4.74
N LYS E 51 10.95 -34.83 -5.03
CA LYS E 51 11.07 -36.23 -5.42
C LYS E 51 11.86 -36.37 -6.73
N TYR E 52 11.58 -35.50 -7.70
CA TYR E 52 12.30 -35.54 -8.97
C TYR E 52 13.78 -35.26 -8.77
N THR E 53 14.11 -34.28 -7.94
CA THR E 53 15.51 -33.95 -7.68
C THR E 53 16.22 -35.11 -6.98
N ARG E 54 15.52 -35.79 -6.07
CA ARG E 54 16.09 -36.98 -5.45
C ARG E 54 16.36 -38.07 -6.49
N SER E 55 15.42 -38.25 -7.43
CA SER E 55 15.60 -39.27 -8.46
C SER E 55 16.77 -38.92 -9.38
N ILE E 56 16.91 -37.65 -9.75
CA ILE E 56 17.95 -37.24 -10.67
C ILE E 56 19.32 -37.34 -10.01
N ASN E 57 19.41 -37.00 -8.73
CA ASN E 57 20.69 -37.09 -8.03
C ASN E 57 21.16 -38.52 -7.82
N SER E 58 20.31 -39.51 -8.05
CA SER E 58 20.68 -40.91 -7.91
C SER E 58 21.26 -41.51 -9.19
N ILE E 59 21.17 -40.80 -10.32
CA ILE E 59 21.72 -41.31 -11.57
C ILE E 59 22.88 -40.41 -12.00
N GLU E 60 23.53 -39.76 -11.03
CA GLU E 60 24.67 -38.90 -11.35
C GLU E 60 25.82 -39.71 -11.94
N LYS E 61 26.07 -40.90 -11.41
CA LYS E 61 27.22 -41.72 -11.80
C LYS E 61 26.88 -42.74 -12.87
N SER E 62 25.66 -42.72 -13.40
CA SER E 62 25.25 -43.75 -14.34
C SER E 62 25.79 -43.46 -15.74
N ALA E 63 25.75 -44.50 -16.59
CA ALA E 63 26.13 -44.35 -17.99
C ALA E 63 25.12 -43.45 -18.71
N PRO E 64 25.57 -42.67 -19.71
CA PRO E 64 24.67 -41.66 -20.28
C PRO E 64 23.40 -42.22 -20.89
N GLU E 65 23.49 -43.37 -21.55
CA GLU E 65 22.27 -44.01 -22.06
C GLU E 65 21.36 -44.46 -20.92
N VAL E 66 21.95 -45.00 -19.85
CA VAL E 66 21.16 -45.50 -18.73
C VAL E 66 20.41 -44.36 -18.05
N GLN E 67 21.13 -43.26 -17.76
CA GLN E 67 20.47 -42.14 -17.10
C GLN E 67 19.51 -41.43 -18.03
N LEU E 68 19.79 -41.43 -19.34
CA LEU E 68 18.82 -40.88 -20.29
C LEU E 68 17.52 -41.69 -20.27
N GLU E 69 17.62 -43.02 -20.24
CA GLU E 69 16.42 -43.84 -20.19
C GLU E 69 15.70 -43.68 -18.85
N HIS E 70 16.45 -43.54 -17.77
CA HIS E 70 15.83 -43.32 -16.47
C HIS E 70 15.06 -42.00 -16.44
N LEU E 71 15.67 -40.93 -16.94
CA LEU E 71 14.96 -39.65 -17.02
C LEU E 71 13.76 -39.74 -17.95
N LYS E 72 13.91 -40.46 -19.06
CA LYS E 72 12.80 -40.68 -19.97
C LYS E 72 11.62 -41.31 -19.26
N SER E 73 11.86 -42.42 -18.55
CA SER E 73 10.79 -43.08 -17.82
C SER E 73 10.30 -42.28 -16.63
N LEU E 74 11.08 -41.30 -16.17
CA LEU E 74 10.70 -40.53 -15.00
C LEU E 74 9.62 -39.49 -15.32
N PHE E 75 9.50 -39.08 -16.58
CA PHE E 75 8.67 -37.93 -16.91
C PHE E 75 7.51 -38.22 -17.88
N GLN E 76 7.46 -39.40 -18.52
CA GLN E 76 6.36 -39.65 -19.46
C GLN E 76 5.02 -39.72 -18.76
N ARG E 77 4.93 -40.44 -17.64
CA ARG E 77 3.70 -40.50 -16.88
C ARG E 77 3.54 -39.30 -15.94
N SER E 78 4.26 -38.23 -16.20
CA SER E 78 4.26 -37.03 -15.37
C SER E 78 3.64 -35.86 -16.13
N GLU E 79 3.43 -34.77 -15.40
CA GLU E 79 2.97 -33.52 -15.98
C GLU E 79 4.08 -32.77 -16.71
N LEU E 80 5.34 -33.18 -16.51
CA LEU E 80 6.49 -32.55 -17.15
C LEU E 80 6.93 -33.31 -18.40
N LYS E 81 6.04 -34.08 -19.01
CA LYS E 81 6.41 -34.87 -20.18
C LYS E 81 6.82 -33.98 -21.35
N HIS E 82 6.06 -32.91 -21.61
CA HIS E 82 6.39 -32.03 -22.72
C HIS E 82 7.71 -31.29 -22.47
N ALA E 83 7.92 -30.83 -21.24
CA ALA E 83 9.18 -30.15 -20.92
C ALA E 83 10.36 -31.09 -21.06
N TRP E 84 10.21 -32.34 -20.60
CA TRP E 84 11.29 -33.31 -20.77
C TRP E 84 11.53 -33.63 -22.23
N ASN E 85 10.45 -33.73 -23.03
CA ASN E 85 10.64 -34.00 -24.45
C ASN E 85 11.39 -32.88 -25.14
N ALA E 86 11.05 -31.63 -24.81
CA ALA E 86 11.80 -30.50 -25.36
C ALA E 86 13.26 -30.52 -24.91
N PHE E 87 13.50 -30.81 -23.62
CA PHE E 87 14.85 -30.83 -23.10
C PHE E 87 15.68 -31.93 -23.76
N GLU E 88 15.10 -33.11 -23.93
CA GLU E 88 15.81 -34.22 -24.57
C GLU E 88 16.04 -33.95 -26.05
N ALA E 89 15.10 -33.28 -26.73
CA ALA E 89 15.33 -32.87 -28.10
C ALA E 89 16.46 -31.85 -28.20
N SER E 90 16.65 -31.06 -27.15
CA SER E 90 17.74 -30.09 -27.13
C SER E 90 19.09 -30.71 -26.79
N LEU E 91 19.13 -31.98 -26.38
CA LEU E 91 20.38 -32.61 -26.00
C LEU E 91 21.18 -32.99 -27.24
N HIS E 92 22.50 -32.96 -27.08
CA HIS E 92 23.44 -33.32 -28.14
C HIS E 92 24.23 -34.53 -27.69
N SER E 93 24.12 -35.63 -28.43
CA SER E 93 24.81 -36.88 -28.11
C SER E 93 26.07 -36.98 -28.95
N GLN E 94 27.18 -37.29 -28.30
CA GLN E 94 28.47 -37.43 -28.95
C GLN E 94 28.78 -38.91 -29.13
N TYR E 95 29.03 -39.31 -30.37
CA TYR E 95 29.34 -40.70 -30.71
C TYR E 95 30.83 -40.89 -30.92
N GLU E 96 31.34 -42.03 -30.46
CA GLU E 96 32.70 -42.45 -30.73
C GLU E 96 32.70 -43.86 -31.29
N LEU E 97 33.81 -44.19 -31.95
CA LEU E 97 33.95 -45.48 -32.63
C LEU E 97 34.55 -46.50 -31.65
N GLU E 98 33.70 -47.35 -31.10
CA GLU E 98 34.13 -48.50 -30.30
C GLU E 98 33.59 -49.77 -30.94
N ASN E 99 34.49 -50.73 -31.19
CA ASN E 99 34.12 -52.05 -31.71
C ASN E 99 33.35 -51.96 -33.03
N GLY E 100 33.82 -51.06 -33.90
CA GLY E 100 33.21 -50.90 -35.20
C GLY E 100 31.80 -50.34 -35.19
N GLU E 101 31.40 -49.72 -34.08
CA GLU E 101 30.07 -49.14 -33.97
C GLU E 101 30.16 -47.77 -33.34
N GLU E 102 29.17 -46.92 -33.66
CA GLU E 102 29.08 -45.57 -33.14
C GLU E 102 28.12 -45.59 -31.96
N LYS E 103 28.66 -45.54 -30.75
CA LYS E 103 27.86 -45.53 -29.54
C LYS E 103 28.03 -44.20 -28.81
N ILE E 104 27.01 -43.82 -28.05
CA ILE E 104 27.06 -42.57 -27.30
C ILE E 104 28.02 -42.74 -26.13
N VAL E 105 29.00 -41.84 -26.04
CA VAL E 105 29.90 -41.80 -24.90
C VAL E 105 29.61 -40.60 -24.00
N ARG E 106 28.90 -39.59 -24.49
CA ARG E 106 28.63 -38.38 -23.73
C ARG E 106 27.42 -37.70 -24.33
N ILE E 107 26.55 -37.17 -23.46
CA ILE E 107 25.40 -36.38 -23.87
C ILE E 107 25.59 -34.98 -23.35
N ARG E 108 25.47 -33.99 -24.23
CA ARG E 108 25.78 -32.61 -23.93
C ARG E 108 24.51 -31.78 -23.92
N ALA E 109 24.57 -30.64 -23.24
CA ALA E 109 23.45 -29.72 -23.14
C ALA E 109 23.73 -28.50 -24.02
N THR E 110 22.83 -28.26 -24.98
CA THR E 110 22.93 -27.06 -25.81
C THR E 110 22.17 -25.89 -25.21
N ALA E 111 21.17 -26.15 -24.39
CA ALA E 111 20.40 -25.14 -23.70
C ALA E 111 20.25 -25.52 -22.24
N PRO E 112 20.17 -24.54 -21.34
CA PRO E 112 19.97 -24.87 -19.92
C PRO E 112 18.61 -25.51 -19.68
N SER E 113 18.57 -26.38 -18.66
CA SER E 113 17.32 -27.07 -18.36
C SER E 113 16.23 -26.10 -17.91
N ALA E 114 16.61 -24.96 -17.34
CA ALA E 114 15.64 -23.95 -16.96
C ALA E 114 14.92 -23.35 -18.16
N SER E 115 15.53 -23.41 -19.35
CA SER E 115 14.88 -22.93 -20.56
C SER E 115 13.66 -23.75 -20.93
N PHE E 116 13.57 -24.98 -20.43
CA PHE E 116 12.45 -25.86 -20.71
C PHE E 116 11.58 -26.14 -19.49
N PHE E 117 12.21 -26.45 -18.36
CA PHE E 117 11.49 -26.54 -17.09
C PHE E 117 11.45 -25.14 -16.45
N SER E 118 10.76 -24.25 -17.13
CA SER E 118 10.77 -22.84 -16.78
C SER E 118 9.90 -22.57 -15.57
N GLU E 119 10.12 -21.40 -14.95
CA GLU E 119 9.28 -20.99 -13.83
C GLU E 119 7.84 -20.80 -14.27
N GLN E 120 7.62 -20.21 -15.46
CA GLN E 120 6.28 -20.03 -15.98
C GLN E 120 5.56 -21.37 -16.08
N GLN E 121 6.05 -22.23 -16.97
CA GLN E 121 5.37 -23.49 -17.27
C GLN E 121 5.14 -24.36 -16.04
N LEU E 122 6.09 -24.38 -15.11
CA LEU E 122 6.04 -25.34 -14.01
C LEU E 122 5.44 -24.77 -12.74
N VAL E 123 5.40 -23.45 -12.57
CA VAL E 123 4.89 -22.88 -11.34
C VAL E 123 3.77 -21.87 -11.64
N ASP E 124 4.05 -20.91 -12.53
CA ASP E 124 3.16 -19.76 -12.65
C ASP E 124 1.86 -20.14 -13.35
N ILE E 125 1.96 -20.87 -14.46
CA ILE E 125 0.77 -21.34 -15.18
C ILE E 125 -0.03 -22.32 -14.33
N PRO E 126 0.60 -23.35 -13.72
CA PRO E 126 -0.20 -24.25 -12.87
C PRO E 126 -0.87 -23.56 -11.69
N LEU E 127 -0.19 -22.59 -11.07
CA LEU E 127 -0.73 -21.92 -9.89
C LEU E 127 -1.59 -20.71 -10.23
N ASN E 128 -1.62 -20.31 -11.50
CA ASN E 128 -2.35 -19.11 -11.93
C ASN E 128 -1.93 -17.90 -11.11
N THR E 129 -0.62 -17.73 -10.97
CA THR E 129 -0.08 -16.62 -10.18
C THR E 129 -0.39 -15.27 -10.79
N GLU E 130 -0.64 -15.20 -12.10
CA GLU E 130 -1.04 -13.94 -12.72
C GLU E 130 -2.36 -13.43 -12.15
N PHE E 131 -3.17 -14.31 -11.58
CA PHE E 131 -4.42 -13.93 -10.94
C PHE E 131 -4.32 -13.86 -9.42
N PHE E 132 -3.73 -14.88 -8.80
CA PHE E 132 -3.80 -15.01 -7.34
C PHE E 132 -2.94 -13.98 -6.61
N LYS E 133 -1.99 -13.35 -7.29
CA LYS E 133 -1.22 -12.31 -6.63
C LYS E 133 -2.04 -11.04 -6.40
N HIS E 134 -3.18 -10.91 -7.06
CA HIS E 134 -4.09 -9.79 -6.86
C HIS E 134 -5.25 -10.13 -5.94
N LEU E 135 -5.31 -11.35 -5.41
CA LEU E 135 -6.40 -11.73 -4.52
C LEU E 135 -6.46 -10.92 -3.23
N PRO E 136 -5.35 -10.63 -2.53
CA PRO E 136 -5.48 -9.79 -1.32
C PRO E 136 -6.13 -8.44 -1.58
N GLY E 137 -5.84 -7.82 -2.72
CA GLY E 137 -6.51 -6.58 -3.07
C GLY E 137 -8.00 -6.76 -3.23
N ILE E 138 -8.42 -7.88 -3.82
CA ILE E 138 -9.85 -8.15 -4.01
C ILE E 138 -10.53 -8.36 -2.66
N LEU E 139 -9.88 -9.11 -1.76
CA LEU E 139 -10.45 -9.31 -0.42
C LEU E 139 -10.58 -8.00 0.33
N THR E 140 -9.53 -7.17 0.26
CA THR E 140 -9.58 -5.85 0.87
C THR E 140 -10.70 -5.00 0.29
N GLY E 141 -10.87 -5.04 -1.03
CA GLY E 141 -11.94 -4.29 -1.65
C GLY E 141 -13.31 -4.75 -1.20
N MET E 142 -13.50 -6.06 -1.06
CA MET E 142 -14.79 -6.57 -0.59
C MET E 142 -15.05 -6.14 0.84
N GLY E 143 -14.02 -6.16 1.69
CA GLY E 143 -14.19 -5.65 3.04
C GLY E 143 -14.57 -4.18 3.07
N ILE E 144 -13.91 -3.37 2.22
CA ILE E 144 -14.23 -1.95 2.15
C ILE E 144 -15.66 -1.74 1.68
N ILE E 145 -16.09 -2.52 0.70
CA ILE E 145 -17.47 -2.45 0.23
C ILE E 145 -18.44 -2.79 1.34
N GLY E 146 -18.12 -3.81 2.14
CA GLY E 146 -18.97 -4.14 3.27
C GLY E 146 -19.09 -3.00 4.25
N THR E 147 -17.96 -2.36 4.58
CA THR E 147 -18.01 -1.24 5.51
C THR E 147 -18.82 -0.07 4.96
N PHE E 148 -18.61 0.26 3.68
CA PHE E 148 -19.36 1.35 3.07
C PHE E 148 -20.86 1.02 3.02
N TYR E 149 -21.21 -0.22 2.93
CA TYR E 149 -22.61 -0.60 2.81
C TYR E 149 -23.24 -0.53 4.18
N GLY E 150 -22.55 -0.98 5.17
CA GLY E 150 -23.08 -0.80 6.50
C GLY E 150 -23.25 0.67 6.86
N LEU E 151 -22.29 1.50 6.44
CA LEU E 151 -22.42 2.93 6.67
C LEU E 151 -23.62 3.51 5.95
N MET E 152 -23.86 3.08 4.71
CA MET E 152 -25.02 3.57 3.96
C MET E 152 -26.32 3.13 4.62
N ILE E 153 -26.36 1.88 5.10
CA ILE E 153 -27.56 1.40 5.81
C ILE E 153 -27.82 2.27 7.03
N GLY E 154 -26.77 2.57 7.79
CA GLY E 154 -26.94 3.41 8.97
C GLY E 154 -27.36 4.83 8.63
N LEU E 155 -26.83 5.36 7.53
CA LEU E 155 -27.11 6.75 7.16
C LEU E 155 -28.53 6.91 6.63
N ASN E 156 -29.01 5.94 5.85
CA ASN E 156 -30.32 6.08 5.23
C ASN E 156 -31.46 6.08 6.24
N HIS E 157 -31.26 5.50 7.42
CA HIS E 157 -32.28 5.42 8.44
C HIS E 157 -32.08 6.42 9.57
N PHE E 158 -31.17 7.39 9.39
CA PHE E 158 -30.91 8.38 10.42
C PHE E 158 -32.07 9.36 10.52
N ASP E 159 -32.54 9.61 11.74
CA ASP E 159 -33.63 10.54 11.99
C ASP E 159 -33.15 11.59 12.99
N PRO E 160 -32.70 12.75 12.53
CA PRO E 160 -32.23 13.79 13.45
C PRO E 160 -33.30 14.78 13.93
N SER E 161 -34.59 14.45 13.79
CA SER E 161 -35.63 15.41 14.10
C SER E 161 -35.64 15.79 15.57
N THR E 162 -35.55 14.81 16.45
CA THR E 162 -35.61 15.04 17.89
C THR E 162 -34.37 14.45 18.57
N PRO E 163 -34.02 14.97 19.75
CA PRO E 163 -32.82 14.44 20.45
C PRO E 163 -32.89 12.95 20.73
N GLU E 164 -34.06 12.43 21.12
CA GLU E 164 -34.19 11.00 21.31
C GLU E 164 -34.02 10.26 19.99
N GLN E 165 -34.59 10.79 18.91
CA GLN E 165 -34.37 10.23 17.59
C GLN E 165 -32.91 10.33 17.20
N VAL E 166 -32.24 11.42 17.56
CA VAL E 166 -30.82 11.56 17.28
C VAL E 166 -30.04 10.45 17.98
N SER E 167 -30.34 10.20 19.25
CA SER E 167 -29.62 9.17 19.99
C SER E 167 -29.86 7.79 19.40
N SER E 168 -31.13 7.47 19.10
CA SER E 168 -31.44 6.16 18.53
C SER E 168 -30.81 5.99 17.16
N SER E 169 -30.81 7.04 16.35
CA SER E 169 -30.20 6.97 15.02
C SER E 169 -28.69 6.80 15.11
N VAL E 170 -28.04 7.49 16.05
CA VAL E 170 -26.61 7.31 16.24
C VAL E 170 -26.31 5.88 16.67
N ASN E 171 -27.11 5.34 17.60
CA ASN E 171 -26.91 3.96 18.03
C ASN E 171 -27.05 3.00 16.87
N ASN E 172 -28.10 3.17 16.06
CA ASN E 172 -28.34 2.26 14.94
C ASN E 172 -27.23 2.37 13.90
N LEU E 173 -26.78 3.59 13.61
CA LEU E 173 -25.71 3.79 12.64
C LEU E 173 -24.42 3.13 13.10
N LEU E 174 -24.07 3.31 14.39
CA LEU E 174 -22.86 2.69 14.92
C LEU E 174 -22.98 1.17 14.91
N ARG E 175 -24.16 0.63 15.22
CA ARG E 175 -24.36 -0.81 15.16
C ARG E 175 -24.20 -1.36 13.75
N ASP E 176 -24.77 -0.67 12.77
CA ASP E 176 -24.64 -1.12 11.38
C ASP E 176 -23.20 -1.08 10.92
N VAL E 177 -22.49 0.02 11.22
CA VAL E 177 -21.10 0.11 10.82
C VAL E 177 -20.26 -0.92 11.57
N LEU E 178 -20.67 -1.31 12.78
CA LEU E 178 -19.92 -2.33 13.51
C LEU E 178 -20.08 -3.71 12.88
N TYR E 179 -21.30 -4.07 12.48
CA TYR E 179 -21.48 -5.27 11.66
C TYR E 179 -20.60 -5.21 10.42
N ALA E 180 -20.65 -4.09 9.71
CA ALA E 180 -19.90 -3.96 8.47
C ALA E 180 -18.41 -4.10 8.71
N PHE E 181 -17.90 -3.53 9.80
CA PHE E 181 -16.48 -3.63 10.07
C PHE E 181 -16.08 -5.00 10.62
N LEU E 182 -17.00 -5.75 11.22
CA LEU E 182 -16.74 -7.16 11.43
C LEU E 182 -16.42 -7.84 10.11
N GLY E 183 -17.27 -7.62 9.10
CA GLY E 183 -16.99 -8.15 7.78
C GLY E 183 -15.65 -7.69 7.23
N SER E 184 -15.38 -6.39 7.35
CA SER E 184 -14.16 -5.80 6.78
C SER E 184 -12.91 -6.30 7.49
N ALA E 185 -12.96 -6.43 8.82
CA ALA E 185 -11.83 -6.95 9.57
C ALA E 185 -11.55 -8.40 9.21
N PHE E 186 -12.61 -9.20 9.04
CA PHE E 186 -12.40 -10.55 8.54
C PHE E 186 -11.73 -10.53 7.17
N ALA E 187 -12.17 -9.63 6.29
CA ALA E 187 -11.57 -9.54 4.96
C ALA E 187 -10.09 -9.15 5.03
N ILE E 188 -9.74 -8.22 5.92
CA ILE E 188 -8.35 -7.79 6.03
C ILE E 188 -7.49 -8.90 6.61
N PHE E 189 -8.00 -9.62 7.62
CA PHE E 189 -7.26 -10.76 8.16
C PHE E 189 -7.02 -11.82 7.10
N ALA E 190 -8.06 -12.13 6.31
CA ALA E 190 -7.90 -13.12 5.25
C ALA E 190 -6.93 -12.63 4.19
N SER E 191 -6.94 -11.33 3.89
CA SER E 191 -5.99 -10.77 2.94
C SER E 191 -4.56 -10.92 3.43
N ILE E 192 -4.33 -10.66 4.72
CA ILE E 192 -2.99 -10.82 5.29
C ILE E 192 -2.54 -12.27 5.21
N LEU E 193 -3.44 -13.19 5.60
CA LEU E 193 -3.10 -14.62 5.57
C LEU E 193 -2.82 -15.09 4.16
N VAL E 194 -3.63 -14.66 3.19
CA VAL E 194 -3.43 -15.05 1.80
C VAL E 194 -2.12 -14.49 1.27
N THR E 195 -1.80 -13.24 1.61
CA THR E 195 -0.53 -12.66 1.20
C THR E 195 0.64 -13.50 1.71
N TRP E 196 0.63 -13.81 3.00
CA TRP E 196 1.74 -14.58 3.57
C TRP E 196 1.86 -15.94 2.91
N LEU E 197 0.74 -16.68 2.82
CA LEU E 197 0.79 -18.02 2.25
C LEU E 197 1.21 -18.01 0.79
N GLU E 198 0.68 -17.06 0.01
CA GLU E 198 0.98 -17.00 -1.41
C GLU E 198 2.45 -16.68 -1.65
N LYS E 199 2.98 -15.67 -0.94
CA LYS E 199 4.38 -15.33 -1.13
C LYS E 199 5.30 -16.46 -0.69
N LEU E 200 5.00 -17.10 0.45
CA LEU E 200 5.84 -18.21 0.90
C LEU E 200 5.80 -19.37 -0.08
N SER E 201 4.62 -19.70 -0.60
CA SER E 201 4.50 -20.80 -1.54
C SER E 201 5.25 -20.51 -2.84
N ILE E 202 5.14 -19.29 -3.35
CA ILE E 202 5.85 -18.95 -4.58
C ILE E 202 7.35 -18.99 -4.35
N ALA E 203 7.79 -18.56 -3.17
CA ALA E 203 9.21 -18.63 -2.83
C ALA E 203 9.72 -20.06 -2.86
N LYS E 204 9.02 -20.95 -2.15
CA LYS E 204 9.49 -22.33 -2.06
C LYS E 204 9.40 -23.05 -3.40
N SER E 205 8.36 -22.73 -4.19
CA SER E 205 8.23 -23.31 -5.52
C SER E 205 9.41 -22.92 -6.40
N TYR E 206 9.78 -21.63 -6.39
CA TYR E 206 10.93 -21.19 -7.18
C TYR E 206 12.22 -21.80 -6.66
N LYS E 207 12.39 -21.89 -5.35
CA LYS E 207 13.61 -22.46 -4.78
C LYS E 207 13.80 -23.91 -5.22
N TYR E 208 12.75 -24.71 -5.10
CA TYR E 208 12.92 -26.12 -5.43
C TYR E 208 12.86 -26.39 -6.93
N LEU E 209 12.23 -25.52 -7.72
CA LEU E 209 12.37 -25.61 -9.16
C LEU E 209 13.81 -25.30 -9.58
N GLU E 210 14.44 -24.31 -8.93
CA GLU E 210 15.84 -24.03 -9.22
C GLU E 210 16.72 -25.21 -8.84
N LYS E 211 16.45 -25.84 -7.69
CA LYS E 211 17.21 -27.02 -7.31
C LYS E 211 17.03 -28.14 -8.32
N PHE E 212 15.80 -28.34 -8.81
CA PHE E 212 15.54 -29.38 -9.80
C PHE E 212 16.29 -29.11 -11.10
N THR E 213 16.21 -27.87 -11.60
CA THR E 213 16.88 -27.55 -12.86
C THR E 213 18.40 -27.59 -12.72
N ALA E 214 18.92 -27.26 -11.54
CA ALA E 214 20.35 -27.38 -11.30
C ALA E 214 20.77 -28.85 -11.27
N ALA E 215 19.94 -29.71 -10.69
CA ALA E 215 20.23 -31.14 -10.70
C ALA E 215 20.23 -31.68 -12.13
N LEU E 216 19.26 -31.25 -12.95
CA LEU E 216 19.25 -31.67 -14.35
C LEU E 216 20.45 -31.11 -15.10
N ASP E 217 20.80 -29.85 -14.84
CA ASP E 217 21.90 -29.22 -15.57
C ASP E 217 23.24 -29.88 -15.26
N SER E 218 23.39 -30.45 -14.07
CA SER E 218 24.67 -31.06 -13.70
C SER E 218 24.89 -32.40 -14.38
N LEU E 219 23.85 -33.00 -14.96
CA LEU E 219 24.02 -34.28 -15.64
C LEU E 219 24.67 -34.11 -17.00
N TYR E 220 24.35 -33.04 -17.71
CA TYR E 220 24.81 -32.83 -19.08
C TYR E 220 25.60 -31.54 -19.16
N ASP E 221 26.81 -31.63 -19.71
CA ASP E 221 27.69 -30.48 -19.80
C ASP E 221 27.37 -29.65 -21.03
N SER E 222 27.48 -28.33 -20.89
CA SER E 222 27.28 -27.42 -22.00
C SER E 222 28.64 -27.08 -22.63
N GLY E 223 28.63 -26.14 -23.57
CA GLY E 223 29.87 -25.69 -24.18
C GLY E 223 30.47 -26.66 -25.18
N VAL E 224 29.65 -27.47 -25.85
CA VAL E 224 30.19 -28.42 -26.81
C VAL E 224 30.59 -27.72 -28.10
N GLY E 225 29.94 -26.60 -28.44
CA GLY E 225 30.32 -25.87 -29.65
C GLY E 225 31.72 -25.30 -29.58
N GLU E 226 32.09 -24.74 -28.42
CA GLU E 226 33.44 -24.22 -28.25
C GLU E 226 34.47 -25.34 -28.33
N GLU E 227 34.14 -26.50 -27.77
CA GLU E 227 35.04 -27.65 -27.88
C GLU E 227 35.21 -28.09 -29.33
N TYR E 228 34.10 -28.12 -30.08
CA TYR E 228 34.19 -28.47 -31.50
C TYR E 228 35.04 -27.46 -32.27
N LEU E 229 34.87 -26.17 -31.99
CA LEU E 229 35.67 -25.15 -32.67
C LEU E 229 37.15 -25.26 -32.32
N ALA E 230 37.46 -25.51 -31.04
CA ALA E 230 38.86 -25.70 -30.65
C ALA E 230 39.45 -26.92 -31.34
N SER E 231 38.69 -28.00 -31.42
CA SER E 231 39.16 -29.19 -32.12
C SER E 231 39.38 -28.90 -33.60
N LEU E 232 38.51 -28.09 -34.20
CA LEU E 232 38.68 -27.73 -35.61
C LEU E 232 39.94 -26.89 -35.82
N VAL E 233 40.21 -25.95 -34.93
CA VAL E 233 41.42 -25.13 -35.06
C VAL E 233 42.67 -26.00 -34.89
N LYS E 234 42.65 -26.89 -33.90
N LYS E 234 42.65 -26.89 -33.90
CA LYS E 234 43.79 -27.79 -33.71
CA LYS E 234 43.78 -27.79 -33.70
C LYS E 234 43.98 -28.69 -34.92
N SER E 235 42.89 -29.20 -35.47
CA SER E 235 42.99 -30.04 -36.66
C SER E 235 43.49 -29.26 -37.87
N SER E 236 43.12 -27.98 -37.98
CA SER E 236 43.64 -27.17 -39.09
C SER E 236 45.15 -27.01 -38.98
N ASN E 237 45.65 -26.68 -37.78
CA ASN E 237 47.09 -26.57 -37.59
C ASN E 237 47.79 -27.89 -37.90
N GLU E 238 47.28 -28.99 -37.33
CA GLU E 238 47.90 -30.29 -37.53
C GLU E 238 47.81 -30.74 -38.98
N SER E 239 46.76 -30.33 -39.70
CA SER E 239 46.62 -30.72 -41.10
C SER E 239 47.58 -29.95 -41.99
N ALA E 240 47.82 -28.66 -41.66
CA ALA E 240 48.85 -27.94 -42.39
C ALA E 240 50.23 -28.59 -42.18
N THR E 241 50.54 -28.92 -40.92
CA THR E 241 51.81 -29.59 -40.65
C THR E 241 51.90 -30.94 -41.37
N GLN E 242 50.80 -31.70 -41.35
CA GLN E 242 50.79 -33.00 -42.02
C GLN E 242 50.94 -32.85 -43.53
N ALA E 243 50.34 -31.83 -44.12
CA ALA E 243 50.49 -31.61 -45.56
C ALA E 243 51.95 -31.33 -45.91
N ARG E 244 52.59 -30.46 -45.12
CA ARG E 244 54.01 -30.19 -45.38
C ARG E 244 54.85 -31.46 -45.23
N HIS E 245 54.60 -32.23 -44.16
CA HIS E 245 55.39 -33.44 -43.93
C HIS E 245 55.13 -34.48 -45.00
N LEU E 246 53.89 -34.60 -45.48
CA LEU E 246 53.57 -35.55 -46.52
C LEU E 246 54.22 -35.17 -47.84
N LYS E 247 54.25 -33.86 -48.16
CA LYS E 247 54.98 -33.44 -49.36
C LYS E 247 56.46 -33.78 -49.26
N GLU E 248 57.07 -33.51 -48.09
CA GLU E 248 58.47 -33.81 -47.92
C GLU E 248 58.74 -35.31 -48.04
N SER E 249 57.87 -36.12 -47.44
CA SER E 249 58.02 -37.58 -47.52
C SER E 249 57.85 -38.06 -48.95
N LEU E 250 56.91 -37.48 -49.69
CA LEU E 250 56.73 -37.85 -51.09
C LEU E 250 57.97 -37.52 -51.91
N VAL E 251 58.55 -36.34 -51.68
CA VAL E 251 59.77 -35.97 -52.41
C VAL E 251 60.90 -36.94 -52.09
N THR E 252 61.09 -37.25 -50.79
CA THR E 252 62.16 -38.16 -50.40
C THR E 252 61.97 -39.55 -51.01
N ASP E 253 60.75 -40.08 -50.93
CA ASP E 253 60.49 -41.39 -51.49
C ASP E 253 60.67 -41.40 -53.00
N LEU E 254 60.21 -40.34 -53.70
CA LEU E 254 60.38 -40.30 -55.15
C LEU E 254 61.84 -40.26 -55.53
N ARG E 255 62.66 -39.51 -54.77
CA ARG E 255 64.10 -39.59 -54.94
C ARG E 255 64.58 -41.04 -54.77
N ASP E 256 64.01 -41.74 -53.79
CA ASP E 256 64.43 -43.12 -53.54
C ASP E 256 64.10 -44.04 -54.72
N MET E 257 62.88 -43.98 -55.24
CA MET E 257 62.56 -44.85 -56.37
C MET E 257 63.33 -44.45 -57.63
N LEU E 258 63.58 -43.16 -57.81
CA LEU E 258 64.36 -42.77 -58.99
C LEU E 258 65.80 -43.28 -58.89
N LEU E 259 66.40 -43.21 -57.70
CA LEU E 259 67.74 -43.78 -57.52
C LEU E 259 67.72 -45.29 -57.73
N HIS E 260 66.69 -45.98 -57.23
CA HIS E 260 66.59 -47.43 -57.42
C HIS E 260 66.46 -47.77 -58.90
N LEU E 261 65.62 -47.03 -59.63
CA LEU E 261 65.46 -47.27 -61.06
C LEU E 261 66.76 -47.01 -61.81
N ALA E 262 67.49 -45.95 -61.43
CA ALA E 262 68.77 -45.68 -62.07
C ALA E 262 69.76 -46.81 -61.84
N GLU E 263 69.82 -47.32 -60.60
CA GLU E 263 70.71 -48.44 -60.30
C GLU E 263 70.32 -49.68 -61.09
N SER E 264 69.01 -49.99 -61.14
CA SER E 264 68.56 -51.17 -61.86
C SER E 264 68.86 -51.07 -63.35
N GLN E 265 68.61 -49.90 -63.95
CA GLN E 265 68.88 -49.75 -65.37
C GLN E 265 70.37 -49.73 -65.67
N LYS E 266 71.20 -49.24 -64.73
CA LYS E 266 72.63 -49.36 -64.90
C LYS E 266 73.08 -50.82 -64.88
N ILE E 267 72.51 -51.61 -63.96
CA ILE E 267 72.83 -53.03 -63.93
C ILE E 267 72.41 -53.72 -65.22
N GLU E 268 71.23 -53.38 -65.73
CA GLU E 268 70.76 -53.95 -66.98
C GLU E 268 71.65 -53.54 -68.15
N ASN E 269 72.11 -52.28 -68.16
CA ASN E 269 73.02 -51.83 -69.21
C ASN E 269 74.35 -52.56 -69.14
N MET F 1 27.92 -16.51 -27.09
CA MET F 1 28.06 -16.58 -28.54
C MET F 1 27.18 -17.66 -29.16
N PHE F 2 27.15 -18.83 -28.53
CA PHE F 2 26.41 -19.96 -29.07
C PHE F 2 24.93 -19.93 -28.72
N GLY F 3 24.48 -18.85 -28.09
CA GLY F 3 23.06 -18.63 -27.92
C GLY F 3 22.43 -18.04 -29.16
N ASN F 4 21.19 -17.58 -29.02
CA ASN F 4 20.44 -17.02 -30.12
C ASN F 4 19.99 -15.61 -29.79
N ALA F 5 20.17 -14.70 -30.75
CA ALA F 5 19.71 -13.32 -30.56
C ALA F 5 18.20 -13.20 -30.70
N PHE F 6 17.55 -14.18 -31.30
CA PHE F 6 16.09 -14.21 -31.41
C PHE F 6 15.52 -15.05 -30.26
N GLY F 7 15.76 -14.56 -29.04
CA GLY F 7 15.31 -15.22 -27.84
C GLY F 7 14.01 -14.63 -27.31
N VAL F 8 13.49 -15.28 -26.28
CA VAL F 8 12.24 -14.86 -25.67
C VAL F 8 12.52 -13.69 -24.73
N LYS F 9 11.57 -12.75 -24.68
CA LYS F 9 11.71 -11.55 -23.87
C LYS F 9 10.51 -11.38 -22.95
N LYS F 10 10.40 -10.22 -22.29
CA LYS F 10 9.24 -9.85 -21.49
C LYS F 10 9.06 -10.78 -20.28
N ARG F 11 10.13 -11.49 -19.90
CA ARG F 11 10.06 -12.43 -18.78
C ARG F 11 10.00 -11.64 -17.46
N ARG F 12 8.89 -10.91 -17.30
CA ARG F 12 8.63 -10.15 -16.10
C ARG F 12 7.12 -10.06 -15.90
N SER F 13 6.69 -10.22 -14.65
CA SER F 13 5.27 -10.20 -14.31
C SER F 13 4.89 -8.90 -13.63
N ASP F 14 3.72 -8.38 -13.97
CA ASP F 14 3.24 -7.14 -13.38
C ASP F 14 2.96 -7.32 -11.89
N GLU F 15 3.42 -6.36 -11.10
CA GLU F 15 3.23 -6.42 -9.65
C GLU F 15 1.80 -6.02 -9.29
N ALA F 16 1.30 -6.61 -8.21
CA ALA F 16 -0.01 -6.27 -7.68
C ALA F 16 0.11 -5.08 -6.74
N GLU F 17 -0.89 -4.21 -6.79
CA GLU F 17 -0.90 -3.04 -5.92
C GLU F 17 -1.02 -3.46 -4.47
N LYS F 18 -0.37 -2.72 -3.58
CA LYS F 18 -0.49 -2.98 -2.16
C LYS F 18 -1.86 -2.53 -1.68
N PRO F 19 -2.68 -3.41 -1.11
CA PRO F 19 -4.06 -3.06 -0.79
C PRO F 19 -4.30 -2.48 0.60
N PHE F 20 -3.27 -2.37 1.43
CA PHE F 20 -3.50 -2.09 2.84
C PHE F 20 -3.58 -0.61 3.16
N TRP F 21 -2.81 0.23 2.48
CA TRP F 21 -3.02 1.67 2.62
C TRP F 21 -4.33 2.11 1.98
N ILE F 22 -4.77 1.40 0.94
CA ILE F 22 -6.08 1.66 0.37
C ILE F 22 -7.17 1.37 1.39
N SER F 23 -7.06 0.22 2.08
CA SER F 23 -8.00 -0.11 3.13
C SER F 23 -7.95 0.91 4.26
N TYR F 24 -6.74 1.33 4.64
CA TYR F 24 -6.60 2.34 5.69
C TYR F 24 -7.34 3.62 5.29
N ALA F 25 -7.09 4.10 4.07
CA ALA F 25 -7.69 5.35 3.63
C ALA F 25 -9.20 5.26 3.53
N ASP F 26 -9.72 4.14 3.02
CA ASP F 26 -11.17 4.01 2.85
C ASP F 26 -11.87 3.84 4.19
N LEU F 27 -11.34 2.99 5.07
CA LEU F 27 -11.92 2.84 6.40
C LEU F 27 -11.82 4.15 7.19
N MET F 28 -10.76 4.92 6.97
CA MET F 28 -10.64 6.21 7.64
C MET F 28 -11.57 7.25 7.05
N THR F 29 -11.90 7.16 5.76
CA THR F 29 -12.96 7.98 5.21
C THR F 29 -14.30 7.67 5.87
N ALA F 30 -14.59 6.37 6.04
CA ALA F 30 -15.81 5.98 6.73
C ALA F 30 -15.83 6.49 8.17
N MET F 31 -14.71 6.37 8.88
CA MET F 31 -14.66 6.80 10.28
C MET F 31 -14.72 8.33 10.38
N MET F 32 -14.11 9.03 9.43
CA MET F 32 -14.22 10.48 9.37
C MET F 32 -15.67 10.93 9.18
N VAL F 33 -16.39 10.27 8.28
CA VAL F 33 -17.79 10.59 8.10
C VAL F 33 -18.60 10.24 9.35
N LEU F 34 -18.25 9.14 10.00
CA LEU F 34 -18.91 8.79 11.26
C LEU F 34 -18.72 9.91 12.29
N PHE F 35 -17.49 10.42 12.41
CA PHE F 35 -17.22 11.47 13.38
C PHE F 35 -17.91 12.78 13.00
N LEU F 36 -18.00 13.08 11.70
CA LEU F 36 -18.71 14.29 11.27
C LEU F 36 -20.20 14.19 11.60
N VAL F 37 -20.80 13.03 11.30
CA VAL F 37 -22.21 12.81 11.60
C VAL F 37 -22.46 12.90 13.10
N VAL F 38 -21.59 12.26 13.88
CA VAL F 38 -21.75 12.29 15.33
C VAL F 38 -21.58 13.72 15.85
N MET F 39 -20.64 14.47 15.27
CA MET F 39 -20.43 15.85 15.70
C MET F 39 -21.67 16.69 15.47
N VAL F 40 -22.19 16.67 14.24
CA VAL F 40 -23.36 17.51 13.94
C VAL F 40 -24.57 17.04 14.74
N ALA F 41 -24.79 15.72 14.81
CA ALA F 41 -25.96 15.20 15.52
C ALA F 41 -25.89 15.47 17.01
N SER F 42 -24.72 15.27 17.62
CA SER F 42 -24.57 15.52 19.04
C SER F 42 -24.69 17.00 19.36
N LEU F 43 -24.14 17.86 18.51
CA LEU F 43 -24.29 19.30 18.73
C LEU F 43 -25.77 19.69 18.68
N SER F 44 -26.49 19.22 17.66
CA SER F 44 -27.91 19.51 17.55
C SER F 44 -28.67 18.97 18.75
N SER F 45 -28.37 17.74 19.16
CA SER F 45 -29.09 17.11 20.27
C SER F 45 -28.85 17.84 21.58
N VAL F 46 -27.59 18.17 21.89
CA VAL F 46 -27.30 18.83 23.15
C VAL F 46 -27.90 20.24 23.16
N THR F 47 -27.79 20.97 22.06
CA THR F 47 -28.42 22.28 21.98
C THR F 47 -29.93 22.17 22.16
N GLN F 48 -30.53 21.11 21.61
CA GLN F 48 -31.97 20.94 21.74
C GLN F 48 -32.37 20.57 23.16
N ARG F 49 -31.57 19.75 23.85
CA ARG F 49 -31.81 19.51 25.28
C ARG F 49 -31.78 20.81 26.07
N ILE F 50 -30.75 21.63 25.84
CA ILE F 50 -30.62 22.86 26.62
C ILE F 50 -31.79 23.79 26.33
N GLN F 51 -32.13 23.96 25.05
CA GLN F 51 -33.22 24.85 24.67
C GLN F 51 -34.57 24.33 25.18
N ARG F 52 -34.76 23.01 25.14
CA ARG F 52 -36.01 22.43 25.63
C ARG F 52 -36.15 22.64 27.13
N ALA F 53 -35.07 22.45 27.90
CA ALA F 53 -35.14 22.71 29.33
C ALA F 53 -35.42 24.19 29.60
N GLU F 54 -34.75 25.08 28.87
CA GLU F 54 -34.97 26.52 29.08
C GLU F 54 -36.39 26.91 28.75
N GLN F 55 -36.94 26.40 27.65
CA GLN F 55 -38.31 26.74 27.28
C GLN F 55 -39.33 26.09 28.19
N GLY F 56 -39.04 24.91 28.73
CA GLY F 56 -39.93 24.32 29.72
C GLY F 56 -39.99 25.13 30.99
N GLU F 57 -38.82 25.58 31.48
CA GLU F 57 -38.82 26.46 32.65
C GLU F 57 -39.53 27.76 32.36
N LYS F 58 -39.32 28.33 31.18
CA LYS F 58 -39.99 29.57 30.80
C LYS F 58 -41.50 29.39 30.73
N ALA F 59 -41.96 28.27 30.16
CA ALA F 59 -43.39 28.02 30.07
C ALA F 59 -43.99 27.82 31.45
N ARG F 60 -43.29 27.10 32.34
CA ARG F 60 -43.77 26.97 33.71
C ARG F 60 -43.87 28.34 34.38
N GLY F 61 -42.85 29.18 34.22
CA GLY F 61 -42.89 30.50 34.83
C GLY F 61 -44.01 31.36 34.29
N GLN F 62 -44.24 31.30 32.98
CA GLN F 62 -45.34 32.05 32.37
C GLN F 62 -46.70 31.56 32.88
N ASP F 63 -46.85 30.23 33.02
CA ASP F 63 -48.11 29.70 33.53
C ASP F 63 -48.33 30.11 34.99
N ILE F 64 -47.26 30.09 35.80
CA ILE F 64 -47.38 30.51 37.19
C ILE F 64 -47.74 31.98 37.27
N SER F 65 -47.11 32.81 36.43
CA SER F 65 -47.44 34.24 36.40
C SER F 65 -48.88 34.46 35.96
N ARG F 66 -49.35 33.68 34.98
CA ARG F 66 -50.74 33.79 34.55
C ARG F 66 -51.70 33.40 35.67
N LEU F 67 -51.37 32.34 36.41
CA LEU F 67 -52.20 31.93 37.56
C LEU F 67 -52.25 33.03 38.61
N CYS F 68 -51.09 33.64 38.90
CA CYS F 68 -51.08 34.74 39.86
C CYS F 68 -51.88 35.93 39.34
N GLU F 69 -51.78 36.22 38.04
CA GLU F 69 -52.52 37.32 37.45
C GLU F 69 -54.03 37.11 37.56
N ARG F 70 -54.50 35.91 37.22
CA ARG F 70 -55.94 35.65 37.30
C ARG F 70 -56.42 35.62 38.74
N LEU F 71 -55.60 35.09 39.66
CA LEU F 71 -55.96 35.13 41.08
C LEU F 71 -56.07 36.56 41.58
N GLU F 72 -55.12 37.42 41.18
CA GLU F 72 -55.17 38.82 41.58
C GLU F 72 -56.40 39.52 41.00
N LEU F 73 -56.71 39.24 39.73
CA LEU F 73 -57.89 39.85 39.11
C LEU F 73 -59.17 39.41 39.82
N HIS F 74 -59.27 38.12 40.15
CA HIS F 74 -60.43 37.63 40.88
C HIS F 74 -60.52 38.27 42.27
N ALA F 75 -59.38 38.40 42.94
CA ALA F 75 -59.37 39.04 44.25
C ALA F 75 -59.86 40.48 44.17
N ARG F 76 -59.37 41.22 43.17
CA ARG F 76 -59.85 42.59 42.97
C ARG F 76 -61.34 42.62 42.67
N ASN F 77 -61.83 41.65 41.90
CA ASN F 77 -63.25 41.58 41.59
C ASN F 77 -64.09 41.36 42.84
N VAL F 78 -63.62 40.50 43.74
CA VAL F 78 -64.38 40.18 44.95
C VAL F 78 -64.32 41.34 45.94
N ASN F 79 -63.12 41.66 46.41
CA ASN F 79 -62.95 42.74 47.37
C ASN F 79 -61.65 43.49 47.08
N LYS F 80 -61.71 44.82 47.16
CA LYS F 80 -60.62 45.68 46.76
C LYS F 80 -59.54 45.83 47.82
N ASN F 81 -59.69 45.20 48.98
CA ASN F 81 -58.71 45.30 50.04
C ASN F 81 -57.59 44.26 49.95
N ILE F 82 -57.69 43.32 49.01
CA ILE F 82 -56.70 42.25 48.91
C ILE F 82 -55.56 42.71 48.02
N VAL F 83 -54.33 42.58 48.52
CA VAL F 83 -53.13 42.94 47.80
C VAL F 83 -52.42 41.65 47.38
N VAL F 84 -52.23 41.49 46.07
CA VAL F 84 -51.58 40.31 45.51
C VAL F 84 -50.30 40.76 44.83
N ASP F 85 -49.18 40.15 45.20
CA ASP F 85 -47.87 40.51 44.67
C ASP F 85 -47.31 39.30 43.93
N CYS F 86 -47.34 39.36 42.59
CA CYS F 86 -46.79 38.30 41.77
C CYS F 86 -45.27 38.33 41.67
N HIS F 87 -44.64 39.43 42.11
CA HIS F 87 -43.19 39.52 42.06
C HIS F 87 -42.51 38.69 43.14
N ASP F 88 -43.27 38.18 44.11
CA ASP F 88 -42.71 37.27 45.12
C ASP F 88 -43.66 36.12 45.44
N ASN F 89 -44.76 35.97 44.68
CA ASN F 89 -45.75 34.91 44.90
C ASN F 89 -46.30 34.98 46.33
N ARG F 90 -46.90 36.13 46.65
CA ARG F 90 -47.42 36.38 47.98
C ARG F 90 -48.70 37.19 47.90
N ILE F 91 -49.63 36.91 48.81
CA ILE F 91 -50.88 37.66 48.94
C ILE F 91 -50.92 38.22 50.37
N SER F 92 -51.12 39.53 50.48
CA SER F 92 -51.11 40.21 51.76
C SER F 92 -52.32 41.11 51.89
N PHE F 93 -52.67 41.42 53.14
CA PHE F 93 -53.77 42.31 53.45
C PHE F 93 -53.23 43.72 53.65
N GLY F 94 -53.86 44.69 52.97
CA GLY F 94 -53.41 46.06 53.03
C GLY F 94 -53.62 46.69 54.40
N GLU F 95 -54.88 46.86 54.80
CA GLU F 95 -55.23 47.49 56.07
C GLU F 95 -55.91 46.55 57.03
N ALA F 96 -56.74 45.62 56.54
CA ALA F 96 -57.47 44.73 57.43
C ALA F 96 -56.55 43.78 58.19
N GLY F 97 -55.36 43.48 57.66
CA GLY F 97 -54.46 42.54 58.27
C GLY F 97 -53.62 43.06 59.42
N ARG F 98 -53.75 44.34 59.77
CA ARG F 98 -52.99 44.89 60.87
C ARG F 98 -53.49 44.35 62.20
N PHE F 99 -52.61 44.34 63.19
CA PHE F 99 -52.95 43.88 64.53
C PHE F 99 -52.39 44.87 65.55
N ALA F 100 -53.04 44.93 66.70
CA ALA F 100 -52.62 45.77 67.81
C ALA F 100 -51.95 44.91 68.88
N HIS F 101 -51.62 45.52 70.01
CA HIS F 101 -51.02 44.79 71.12
C HIS F 101 -52.03 43.84 71.75
N ASN F 102 -51.57 42.66 72.14
CA ASN F 102 -52.39 41.65 72.80
C ASN F 102 -53.63 41.30 71.98
N GLN F 103 -53.44 41.20 70.67
CA GLN F 103 -54.52 40.88 69.74
C GLN F 103 -54.22 39.56 69.04
N PHE F 104 -55.23 38.70 68.94
CA PHE F 104 -55.09 37.41 68.29
C PHE F 104 -56.14 37.16 67.22
N PHE F 105 -56.97 38.15 66.91
CA PHE F 105 -58.04 37.98 65.94
C PHE F 105 -58.08 39.16 65.00
N LEU F 106 -58.42 38.88 63.74
CA LEU F 106 -58.59 39.94 62.75
C LEU F 106 -59.89 40.70 63.01
N ASN F 107 -59.97 41.90 62.45
CA ASN F 107 -61.20 42.68 62.53
C ASN F 107 -62.27 42.06 61.64
N ALA F 108 -63.45 42.67 61.64
CA ALA F 108 -64.56 42.15 60.83
C ALA F 108 -64.20 42.16 59.35
N GLU F 109 -63.57 43.24 58.89
CA GLU F 109 -63.12 43.29 57.50
C GLU F 109 -62.07 42.22 57.22
N GLY F 110 -61.16 41.99 58.16
CA GLY F 110 -60.17 40.95 57.98
C GLY F 110 -60.78 39.57 57.90
N GLN F 111 -61.76 39.28 58.77
CA GLN F 111 -62.44 38.00 58.71
C GLN F 111 -63.20 37.82 57.39
N LYS F 112 -63.88 38.89 56.94
CA LYS F 112 -64.60 38.82 55.67
C LYS F 112 -63.64 38.57 54.52
N ALA F 113 -62.51 39.27 54.48
CA ALA F 113 -61.54 39.07 53.41
C ALA F 113 -60.95 37.66 53.45
N LEU F 114 -60.66 37.15 54.65
CA LEU F 114 -60.13 35.80 54.78
C LEU F 114 -61.14 34.77 54.28
N GLN F 115 -62.41 34.96 54.61
CA GLN F 115 -63.43 34.05 54.11
C GLN F 115 -63.60 34.15 52.60
N ASP F 116 -63.47 35.36 52.04
CA ASP F 116 -63.69 35.54 50.61
C ASP F 116 -62.54 35.03 49.75
N VAL F 117 -61.30 35.15 50.24
CA VAL F 117 -60.16 34.78 49.40
C VAL F 117 -60.03 33.28 49.22
N VAL F 118 -60.56 32.47 50.16
CA VAL F 118 -60.36 31.03 50.10
C VAL F 118 -60.98 30.40 48.85
N PRO F 119 -62.24 30.67 48.49
CA PRO F 119 -62.77 30.08 47.25
C PRO F 119 -62.00 30.49 46.01
N LEU F 120 -61.40 31.67 46.01
CA LEU F 120 -60.53 32.06 44.90
C LEU F 120 -59.32 31.15 44.81
N VAL F 121 -58.73 30.79 45.95
CA VAL F 121 -57.61 29.86 45.95
C VAL F 121 -58.06 28.47 45.53
N LEU F 122 -59.28 28.08 45.92
CA LEU F 122 -59.82 26.79 45.47
C LEU F 122 -59.97 26.76 43.96
N GLU F 123 -60.46 27.86 43.37
CA GLU F 123 -60.57 27.93 41.91
C GLU F 123 -59.19 27.92 41.26
N ALA F 124 -58.22 28.61 41.87
CA ALA F 124 -56.86 28.62 41.35
C ALA F 124 -56.26 27.22 41.33
N SER F 125 -56.44 26.47 42.42
CA SER F 125 -55.92 25.12 42.49
C SER F 125 -56.72 24.15 41.62
N ASN F 126 -57.97 24.48 41.30
CA ASN F 126 -58.78 23.63 40.44
C ASN F 126 -58.42 23.79 38.97
N SER F 127 -57.66 24.81 38.61
CA SER F 127 -57.28 25.04 37.23
C SER F 127 -56.21 24.04 36.79
N GLU F 128 -55.95 24.00 35.48
CA GLU F 128 -54.92 23.13 34.95
C GLU F 128 -53.55 23.50 35.50
N GLU F 129 -53.25 24.80 35.57
CA GLU F 129 -52.00 25.23 36.18
C GLU F 129 -51.92 24.80 37.64
N GLY F 130 -53.05 24.83 38.35
CA GLY F 130 -53.07 24.34 39.72
C GLY F 130 -52.80 22.85 39.79
N LYS F 131 -53.40 22.07 38.90
CA LYS F 131 -53.12 20.64 38.84
C LYS F 131 -51.68 20.34 38.46
N LYS F 132 -51.00 21.27 37.79
CA LYS F 132 -49.64 21.01 37.34
C LYS F 132 -48.59 21.44 38.36
N TRP F 133 -48.72 22.62 38.96
CA TRP F 133 -47.65 23.19 39.76
C TRP F 133 -48.06 23.69 41.14
N PHE F 134 -49.35 23.82 41.44
CA PHE F 134 -49.78 24.41 42.71
C PHE F 134 -49.32 23.56 43.88
N LYS F 135 -48.78 24.23 44.91
CA LYS F 135 -48.31 23.59 46.11
C LYS F 135 -49.07 24.11 47.33
N GLN F 136 -48.66 23.67 48.51
CA GLN F 136 -49.36 24.02 49.74
C GLN F 136 -49.15 25.50 50.08
N ILE F 137 -49.99 26.01 50.98
CA ILE F 137 -50.01 27.42 51.36
C ILE F 137 -49.52 27.54 52.78
N VAL F 138 -48.33 28.10 52.96
CA VAL F 138 -47.74 28.31 54.28
C VAL F 138 -48.19 29.68 54.79
N ILE F 139 -48.30 29.78 56.11
CA ILE F 139 -48.76 30.99 56.78
C ILE F 139 -47.64 31.49 57.66
N GLU F 140 -47.17 32.71 57.39
CA GLU F 140 -46.06 33.31 58.12
C GLU F 140 -46.56 34.43 59.02
N GLY F 141 -46.18 34.37 60.28
CA GLY F 141 -46.57 35.39 61.26
C GLY F 141 -45.43 36.37 61.49
N PHE F 142 -45.78 37.66 61.55
CA PHE F 142 -44.81 38.73 61.72
C PHE F 142 -45.17 39.57 62.93
N THR F 143 -44.15 39.96 63.70
CA THR F 143 -44.36 40.80 64.87
C THR F 143 -43.13 41.67 65.05
N ASP F 144 -43.31 42.78 65.77
CA ASP F 144 -42.21 43.71 66.01
C ASP F 144 -41.09 43.05 66.81
N THR F 145 -39.86 43.42 66.47
CA THR F 145 -38.69 42.89 67.18
C THR F 145 -38.57 43.39 68.61
N ASP F 146 -39.32 44.43 68.98
CA ASP F 146 -39.26 44.97 70.32
C ASP F 146 -40.12 44.13 71.27
N GLY F 147 -39.99 44.42 72.57
CA GLY F 147 -40.72 43.69 73.57
C GLY F 147 -40.14 42.30 73.81
N SER F 148 -40.91 41.50 74.54
CA SER F 148 -40.49 40.13 74.83
C SER F 148 -40.57 39.28 73.57
N TYR F 149 -39.49 38.54 73.29
CA TYR F 149 -39.48 37.67 72.12
C TYR F 149 -40.49 36.55 72.26
N LEU F 150 -40.58 35.94 73.45
CA LEU F 150 -41.53 34.85 73.66
C LEU F 150 -42.97 35.35 73.59
N TYR F 151 -43.23 36.55 74.13
CA TYR F 151 -44.57 37.11 74.05
C TYR F 151 -44.97 37.33 72.60
N ASN F 152 -44.08 37.92 71.80
CA ASN F 152 -44.39 38.16 70.39
C ASN F 152 -44.59 36.84 69.64
N LEU F 153 -43.74 35.85 69.93
CA LEU F 153 -43.86 34.56 69.25
C LEU F 153 -45.18 33.88 69.59
N HIS F 154 -45.55 33.87 70.88
CA HIS F 154 -46.80 33.26 71.29
C HIS F 154 -47.99 33.99 70.71
N LEU F 155 -47.93 35.32 70.65
CA LEU F 155 -49.02 36.09 70.07
C LEU F 155 -49.16 35.80 68.58
N SER F 156 -48.05 35.70 67.85
CA SER F 156 -48.12 35.37 66.43
C SER F 156 -48.67 33.96 66.22
N LEU F 157 -48.24 33.01 67.05
CA LEU F 157 -48.76 31.66 66.96
C LEU F 157 -50.26 31.62 67.23
N GLN F 158 -50.71 32.40 68.23
CA GLN F 158 -52.12 32.49 68.54
C GLN F 158 -52.91 33.09 67.38
N ARG F 159 -52.36 34.14 66.76
CA ARG F 159 -53.03 34.73 65.60
C ARG F 159 -53.15 33.73 64.46
N SER F 160 -52.07 32.99 64.18
CA SER F 160 -52.12 32.00 63.10
C SER F 160 -53.13 30.90 63.41
N GLU F 161 -53.18 30.45 64.67
CA GLU F 161 -54.15 29.43 65.06
C GLU F 161 -55.58 29.95 64.91
N TRP F 162 -55.82 31.20 65.31
CA TRP F 162 -57.16 31.77 65.14
C TRP F 162 -57.52 31.88 63.66
N VAL F 163 -56.56 32.25 62.83
CA VAL F 163 -56.83 32.35 61.39
C VAL F 163 -57.19 30.98 60.83
N MET F 164 -56.45 29.94 61.21
CA MET F 164 -56.75 28.62 60.65
C MET F 164 -58.05 28.08 61.23
N CYS F 165 -58.39 28.47 62.46
CA CYS F 165 -59.72 28.16 62.98
C CYS F 165 -60.81 28.79 62.14
N SER F 166 -60.71 30.11 61.91
CA SER F 166 -61.69 30.79 61.06
C SER F 166 -61.77 30.14 59.68
N LEU F 167 -60.65 29.59 59.21
CA LEU F 167 -60.68 28.78 57.99
C LEU F 167 -61.52 27.51 58.19
N LEU F 168 -61.36 26.83 59.33
CA LEU F 168 -61.94 25.50 59.51
C LEU F 168 -62.86 25.40 60.73
N ASP F 169 -63.40 26.51 61.22
CA ASP F 169 -64.35 26.43 62.33
C ASP F 169 -65.73 26.03 61.81
N SER F 170 -66.40 25.15 62.56
CA SER F 170 -67.76 24.75 62.20
C SER F 170 -68.72 25.93 62.24
N ARG F 171 -68.55 26.81 63.22
CA ARG F 171 -69.36 28.03 63.29
C ARG F 171 -69.03 29.02 62.19
N SER F 172 -67.85 28.90 61.57
CA SER F 172 -67.47 29.81 60.50
C SER F 172 -68.31 29.55 59.26
N PRO F 173 -68.54 30.59 58.44
CA PRO F 173 -69.33 30.39 57.21
C PRO F 173 -68.69 29.45 56.22
N LEU F 174 -67.36 29.28 56.27
CA LEU F 174 -66.68 28.43 55.30
C LEU F 174 -67.14 26.98 55.40
N GLN F 175 -67.30 26.48 56.63
CA GLN F 175 -67.71 25.09 56.79
C GLN F 175 -69.10 24.84 56.21
N LYS F 176 -70.01 25.79 56.38
CA LYS F 176 -71.36 25.64 55.84
C LYS F 176 -71.45 26.03 54.37
N ASN F 177 -70.41 26.64 53.80
CA ASN F 177 -70.41 27.03 52.40
C ASN F 177 -69.71 26.03 51.50
N ILE F 178 -68.54 25.54 51.90
CA ILE F 178 -67.76 24.60 51.10
C ILE F 178 -68.30 23.19 51.29
N SER F 179 -67.88 22.27 50.42
CA SER F 179 -68.28 20.88 50.49
C SER F 179 -67.17 20.03 51.10
N ALA F 180 -67.40 18.72 51.16
CA ALA F 180 -66.40 17.81 51.71
C ALA F 180 -65.14 17.79 50.84
N GLU F 181 -65.30 17.76 49.52
CA GLU F 181 -64.14 17.77 48.63
C GLU F 181 -63.36 19.08 48.76
N GLN F 182 -64.08 20.21 48.84
CA GLN F 182 -63.41 21.48 49.03
C GLN F 182 -62.72 21.54 50.39
N GLN F 183 -63.32 20.94 51.41
CA GLN F 183 -62.68 20.87 52.72
C GLN F 183 -61.39 20.06 52.66
N LEU F 184 -61.41 18.93 51.95
CA LEU F 184 -60.20 18.13 51.79
C LEU F 184 -59.13 18.90 51.03
N GLN F 185 -59.53 19.63 49.99
CA GLN F 185 -58.57 20.43 49.23
C GLN F 185 -57.97 21.52 50.11
N ILE F 186 -58.79 22.16 50.95
CA ILE F 186 -58.27 23.17 51.88
C ILE F 186 -57.29 22.54 52.86
N ARG F 187 -57.63 21.36 53.38
CA ARG F 187 -56.73 20.66 54.30
C ARG F 187 -55.39 20.36 53.62
N LYS F 188 -55.42 19.93 52.36
CA LYS F 188 -54.18 19.70 51.62
C LYS F 188 -53.41 20.99 51.40
N LEU F 189 -54.10 22.10 51.10
CA LEU F 189 -53.43 23.34 50.72
C LEU F 189 -52.94 24.13 51.94
N PHE F 190 -53.84 24.51 52.83
CA PHE F 190 -53.50 25.39 53.94
C PHE F 190 -52.82 24.60 55.06
N LEU F 191 -51.72 25.14 55.57
CA LEU F 191 -51.02 24.56 56.72
C LEU F 191 -50.30 25.68 57.46
N ALA F 192 -49.78 25.34 58.63
CA ALA F 192 -49.10 26.31 59.49
C ALA F 192 -47.64 26.43 59.09
N GLY F 193 -47.14 27.68 59.06
CA GLY F 193 -45.78 27.97 58.74
C GLY F 193 -45.03 28.62 59.89
N GLY F 194 -43.84 29.14 59.57
CA GLY F 194 -42.98 29.72 60.56
C GLY F 194 -43.38 31.14 60.94
N VAL F 195 -42.63 31.70 61.89
CA VAL F 195 -42.86 33.05 62.42
C VAL F 195 -41.62 33.88 62.15
N SER F 196 -41.82 35.07 61.58
CA SER F 196 -40.74 35.98 61.25
C SER F 196 -40.89 37.29 62.02
N PHE F 197 -39.81 38.06 62.05
CA PHE F 197 -39.77 39.34 62.74
C PHE F 197 -39.15 40.41 61.83
N ASN F 198 -39.63 40.46 60.59
CA ASN F 198 -39.11 41.42 59.60
C ASN F 198 -39.74 42.78 59.87
N ASN F 199 -39.17 43.48 60.85
CA ASN F 199 -39.62 44.81 61.24
C ASN F 199 -38.65 45.85 60.70
N ALA F 200 -39.19 46.90 60.07
CA ALA F 200 -38.37 47.96 59.49
C ALA F 200 -39.16 49.25 59.47
N LYS F 201 -38.42 50.36 59.35
CA LYS F 201 -38.96 51.72 59.26
C LYS F 201 -39.72 52.13 60.52
N GLU F 202 -39.58 51.37 61.61
CA GLU F 202 -40.28 51.67 62.86
C GLU F 202 -41.78 51.79 62.65
N SER F 203 -42.33 50.91 61.81
CA SER F 203 -43.74 50.87 61.49
C SER F 203 -44.36 49.69 62.23
N LYS F 204 -44.77 49.94 63.48
CA LYS F 204 -45.34 48.87 64.30
C LYS F 204 -46.70 48.43 63.78
N GLU F 205 -47.47 49.35 63.19
CA GLU F 205 -48.80 49.00 62.70
C GLU F 205 -48.72 48.01 61.54
N ALA F 206 -47.76 48.19 60.63
CA ALA F 206 -47.65 47.35 59.46
C ALA F 206 -46.85 46.07 59.70
N SER F 207 -45.86 46.11 60.58
CA SER F 207 -45.01 44.93 60.80
C SER F 207 -45.80 43.78 61.39
N ARG F 208 -46.69 44.07 62.34
CA ARG F 208 -47.48 43.03 63.00
C ARG F 208 -48.62 42.60 62.09
N ARG F 209 -48.26 41.84 61.05
CA ARG F 209 -49.20 41.38 60.05
C ARG F 209 -48.95 39.91 59.77
N VAL F 210 -49.98 39.23 59.26
CA VAL F 210 -49.88 37.84 58.85
C VAL F 210 -50.46 37.71 57.45
N GLU F 211 -49.72 37.04 56.56
CA GLU F 211 -50.14 36.86 55.19
C GLU F 211 -49.76 35.47 54.71
N LEU F 212 -50.43 35.03 53.66
CA LEU F 212 -50.20 33.71 53.07
C LEU F 212 -49.47 33.87 51.74
N ARG F 213 -48.44 33.06 51.53
CA ARG F 213 -47.65 33.07 50.31
C ARG F 213 -47.79 31.73 49.59
N MET F 214 -47.57 31.75 48.28
CA MET F 214 -47.74 30.58 47.44
C MET F 214 -46.38 30.07 46.98
N GLN F 215 -46.11 28.80 47.27
CA GLN F 215 -44.96 28.11 46.70
C GLN F 215 -45.43 27.17 45.60
N PHE F 216 -44.47 26.62 44.86
CA PHE F 216 -44.76 25.71 43.77
C PHE F 216 -43.72 24.61 43.74
N PHE F 217 -43.94 23.64 42.86
CA PHE F 217 -43.03 22.50 42.75
C PHE F 217 -41.69 22.93 42.16
N GLY F 218 -40.81 21.96 41.95
CA GLY F 218 -39.65 22.19 41.12
C GLY F 218 -39.81 21.59 39.74
N LEU F 219 -39.06 22.13 38.78
CA LEU F 219 -39.11 21.60 37.43
C LEU F 219 -38.61 20.16 37.39
N LYS F 220 -37.59 19.85 38.18
CA LYS F 220 -37.06 18.49 38.29
C LYS F 220 -37.79 17.67 39.35
N ASP F 221 -38.73 18.26 40.07
CA ASP F 221 -39.50 17.53 41.07
C ASP F 221 -40.46 16.56 40.40
N LYS F 222 -40.82 15.50 41.14
CA LYS F 222 -41.73 14.48 40.66
C LYS F 222 -42.91 14.36 41.60
N ARG F 223 -44.12 14.36 41.04
CA ARG F 223 -45.34 14.22 41.81
C ARG F 223 -45.62 12.74 42.06
N ASP F 224 -45.88 12.40 43.32
CA ASP F 224 -46.15 11.03 43.71
C ASP F 224 -47.20 11.01 44.81
N LYS F 225 -47.83 9.85 44.99
CA LYS F 225 -48.85 9.69 46.02
C LYS F 225 -48.27 9.74 47.42
N ALA F 226 -46.94 9.62 47.57
CA ALA F 226 -46.33 9.66 48.89
C ALA F 226 -46.53 11.03 49.54
N ASP F 227 -46.37 12.11 48.78
CA ASP F 227 -46.59 13.44 49.31
C ASP F 227 -48.07 13.82 49.34
N GLU F 228 -48.92 13.08 48.66
CA GLU F 228 -50.36 13.38 48.59
C GLU F 228 -51.04 12.76 49.81
N VAL F 229 -51.05 13.52 50.90
CA VAL F 229 -51.74 13.09 52.11
C VAL F 229 -53.23 13.35 51.94
N ASP F 230 -54.04 12.31 52.11
CA ASP F 230 -55.48 12.41 51.96
C ASP F 230 -56.13 12.26 53.33
N PHE F 231 -56.88 13.29 53.74
CA PHE F 231 -57.52 13.30 55.03
C PHE F 231 -58.79 12.44 55.04
N PRO F 232 -59.13 11.84 56.19
CA PRO F 232 -60.33 11.01 56.24
C PRO F 232 -61.57 11.87 56.05
N PRO F 233 -62.67 11.28 55.56
CA PRO F 233 -63.90 12.04 55.40
C PRO F 233 -64.40 12.60 56.73
N VAL F 234 -64.98 13.79 56.66
CA VAL F 234 -65.44 14.48 57.86
C VAL F 234 -66.57 13.70 58.50
N VAL F 235 -66.32 13.16 59.69
CA VAL F 235 -67.33 12.44 60.46
C VAL F 235 -67.76 13.19 61.72
N ASN F 236 -67.13 14.32 62.03
CA ASN F 236 -67.48 15.10 63.21
C ASN F 236 -67.04 16.54 62.99
N LYS F 237 -67.77 17.47 63.60
CA LYS F 237 -67.42 18.87 63.50
C LYS F 237 -66.14 19.17 64.28
N GLU F 238 -65.47 20.25 63.89
CA GLU F 238 -64.24 20.69 64.52
C GLU F 238 -64.49 21.98 65.30
N VAL F 239 -64.08 21.98 66.57
CA VAL F 239 -64.23 23.14 67.45
C VAL F 239 -62.87 23.73 67.72
N CYS F 240 -62.77 25.06 67.60
CA CYS F 240 -61.50 25.74 67.81
C CYS F 240 -61.08 25.64 69.28
N GLN F 241 -59.76 25.66 69.50
CA GLN F 241 -59.20 25.38 70.81
C GLN F 241 -59.16 26.60 71.73
N LEU F 242 -58.51 27.69 71.31
CA LEU F 242 -58.48 28.90 72.12
C LEU F 242 -59.89 29.47 72.21
N VAL F 243 -60.27 29.92 73.41
CA VAL F 243 -61.62 30.33 73.70
C VAL F 243 -61.68 31.85 73.81
N MET F 244 -62.90 32.39 73.73
CA MET F 244 -63.09 33.84 73.68
C MET F 244 -62.54 34.58 74.90
N PRO F 245 -62.79 34.15 76.15
CA PRO F 245 -62.27 34.92 77.28
C PRO F 245 -60.75 34.99 77.34
N LEU F 246 -60.04 34.10 76.66
CA LEU F 246 -58.58 34.16 76.60
C LEU F 246 -58.11 35.45 75.92
N MET G 1 21.99 -18.46 -33.46
CA MET G 1 23.32 -18.94 -33.81
C MET G 1 24.42 -18.16 -33.10
N PHE G 2 24.63 -16.92 -33.53
CA PHE G 2 25.66 -16.06 -32.95
C PHE G 2 25.05 -15.10 -31.93
N GLY G 3 24.02 -15.54 -31.23
CA GLY G 3 23.37 -14.69 -30.25
C GLY G 3 24.28 -14.34 -29.10
N ASN G 4 24.07 -13.15 -28.55
CA ASN G 4 24.90 -12.63 -27.47
C ASN G 4 24.52 -13.28 -26.15
N ALA G 5 25.48 -13.95 -25.51
CA ALA G 5 25.24 -14.55 -24.21
C ALA G 5 25.31 -13.55 -23.07
N PHE G 6 25.91 -12.38 -23.32
CA PHE G 6 26.04 -11.32 -22.33
C PHE G 6 25.05 -10.21 -22.71
N GLY G 7 23.81 -10.35 -22.25
CA GLY G 7 22.74 -9.48 -22.67
C GLY G 7 22.38 -8.42 -21.63
N VAL G 8 21.65 -7.40 -22.11
CA VAL G 8 21.14 -6.36 -21.22
C VAL G 8 20.02 -6.94 -20.38
N LYS G 9 20.06 -6.66 -19.08
CA LYS G 9 19.15 -7.29 -18.13
C LYS G 9 18.39 -6.22 -17.36
N LYS G 10 17.45 -6.67 -16.53
CA LYS G 10 16.67 -5.81 -15.66
C LYS G 10 16.05 -6.65 -14.56
N ARG G 11 16.29 -6.29 -13.29
CA ARG G 11 15.90 -7.12 -12.17
C ARG G 11 14.42 -6.93 -11.83
N ARG G 12 13.98 -7.62 -10.78
CA ARG G 12 12.61 -7.54 -10.28
C ARG G 12 12.51 -6.34 -9.35
N SER G 13 12.38 -5.16 -9.96
CA SER G 13 12.32 -3.90 -9.22
C SER G 13 10.87 -3.64 -8.84
N ASP G 14 10.54 -3.88 -7.57
CA ASP G 14 9.18 -3.61 -7.10
C ASP G 14 8.98 -2.12 -6.88
N GLU G 15 7.84 -1.61 -7.37
CA GLU G 15 7.54 -0.19 -7.26
C GLU G 15 6.91 0.10 -5.90
N ALA G 16 7.20 1.29 -5.37
CA ALA G 16 6.86 1.62 -4.00
C ALA G 16 5.36 1.74 -3.81
N GLU G 17 4.95 1.91 -2.55
CA GLU G 17 3.52 2.11 -2.25
C GLU G 17 3.12 3.44 -2.87
N LYS G 18 2.00 3.47 -3.56
CA LYS G 18 1.55 4.66 -4.27
C LYS G 18 1.39 5.82 -3.28
N PRO G 19 2.01 6.97 -3.55
CA PRO G 19 1.97 8.07 -2.56
C PRO G 19 0.58 8.58 -2.29
N PHE G 20 -0.33 8.51 -3.28
CA PHE G 20 -1.65 9.08 -3.10
C PHE G 20 -2.40 8.39 -1.96
N TRP G 21 -2.25 7.07 -1.83
CA TRP G 21 -3.05 6.35 -0.85
C TRP G 21 -2.60 6.66 0.57
N ILE G 22 -1.29 6.73 0.81
CA ILE G 22 -0.81 7.10 2.14
C ILE G 22 -1.14 8.56 2.44
N SER G 23 -1.02 9.43 1.44
CA SER G 23 -1.39 10.84 1.65
C SER G 23 -2.87 10.98 1.96
N TYR G 24 -3.71 10.20 1.27
CA TYR G 24 -5.15 10.28 1.46
C TYR G 24 -5.56 9.67 2.79
N ALA G 25 -4.87 8.62 3.23
CA ALA G 25 -5.08 8.09 4.57
C ALA G 25 -4.70 9.13 5.63
N ASP G 26 -3.59 9.84 5.40
CA ASP G 26 -3.22 10.92 6.30
C ASP G 26 -4.29 12.01 6.34
N LEU G 27 -4.81 12.39 5.18
CA LEU G 27 -5.84 13.43 5.12
C LEU G 27 -7.12 12.97 5.81
N MET G 28 -7.53 11.72 5.62
CA MET G 28 -8.74 11.24 6.26
C MET G 28 -8.57 11.13 7.77
N THR G 29 -7.39 10.69 8.21
CA THR G 29 -7.11 10.69 9.65
C THR G 29 -7.15 12.10 10.22
N ALA G 30 -6.57 13.06 9.49
CA ALA G 30 -6.57 14.44 9.95
C ALA G 30 -7.99 14.99 10.03
N MET G 31 -8.83 14.67 9.04
CA MET G 31 -10.21 15.12 9.05
C MET G 31 -11.00 14.50 10.21
N MET G 32 -10.80 13.20 10.45
CA MET G 32 -11.47 12.55 11.58
C MET G 32 -11.04 13.17 12.90
N VAL G 33 -9.74 13.44 13.04
CA VAL G 33 -9.22 14.12 14.22
C VAL G 33 -9.85 15.50 14.37
N LEU G 34 -9.94 16.23 13.26
CA LEU G 34 -10.52 17.57 13.29
C LEU G 34 -11.97 17.52 13.76
N PHE G 35 -12.74 16.58 13.24
CA PHE G 35 -14.16 16.52 13.61
C PHE G 35 -14.33 16.07 15.06
N LEU G 36 -13.48 15.13 15.52
CA LEU G 36 -13.51 14.77 16.94
C LEU G 36 -13.23 15.96 17.83
N VAL G 37 -12.16 16.70 17.54
CA VAL G 37 -11.77 17.80 18.42
C VAL G 37 -12.76 18.96 18.32
N VAL G 38 -13.34 19.18 17.15
CA VAL G 38 -14.37 20.21 17.02
C VAL G 38 -15.62 19.82 17.78
N MET G 39 -16.00 18.55 17.75
CA MET G 39 -17.12 18.09 18.56
C MET G 39 -16.84 18.30 20.05
N VAL G 40 -15.62 17.98 20.48
CA VAL G 40 -15.27 18.14 21.89
C VAL G 40 -15.35 19.61 22.28
N ALA G 41 -14.76 20.49 21.46
CA ALA G 41 -14.75 21.91 21.76
C ALA G 41 -16.16 22.49 21.77
N SER G 42 -16.98 22.13 20.78
CA SER G 42 -18.32 22.66 20.69
C SER G 42 -19.18 22.19 21.86
N LEU G 43 -19.09 20.90 22.19
CA LEU G 43 -19.88 20.36 23.31
C LEU G 43 -19.43 20.97 24.63
N SER G 44 -18.12 21.21 24.80
CA SER G 44 -17.65 21.86 26.01
C SER G 44 -18.13 23.30 26.08
N SER G 45 -18.14 24.01 24.94
CA SER G 45 -18.52 25.41 24.95
C SER G 45 -20.02 25.60 25.18
N VAL G 46 -20.86 24.78 24.53
CA VAL G 46 -22.29 24.94 24.70
C VAL G 46 -22.72 24.58 26.12
N THR G 47 -21.99 23.67 26.77
CA THR G 47 -22.33 23.22 28.11
C THR G 47 -21.41 23.80 29.19
N GLN G 48 -20.61 24.81 28.86
CA GLN G 48 -19.70 25.37 29.86
C GLN G 48 -20.45 26.07 30.98
N ARG G 49 -21.58 26.69 30.67
CA ARG G 49 -22.43 27.26 31.72
C ARG G 49 -23.05 26.15 32.57
N ILE G 50 -23.51 25.08 31.91
CA ILE G 50 -24.02 23.92 32.65
C ILE G 50 -22.91 23.28 33.47
N GLN G 51 -21.70 23.19 32.90
CA GLN G 51 -20.58 22.64 33.64
C GLN G 51 -20.26 23.48 34.87
N ARG G 52 -20.26 24.80 34.73
CA ARG G 52 -19.99 25.68 35.87
C ARG G 52 -21.06 25.56 36.93
N ALA G 53 -22.33 25.51 36.52
CA ALA G 53 -23.41 25.35 37.48
C ALA G 53 -23.31 24.01 38.21
N GLU G 54 -22.98 22.94 37.49
CA GLU G 54 -22.83 21.64 38.11
C GLU G 54 -21.65 21.61 39.06
N GLN G 55 -20.54 22.26 38.71
CA GLN G 55 -19.40 22.32 39.61
C GLN G 55 -19.74 23.10 40.87
N GLY G 56 -20.47 24.22 40.73
CA GLY G 56 -20.89 24.95 41.90
C GLY G 56 -21.83 24.15 42.78
N GLU G 57 -22.76 23.42 42.18
CA GLU G 57 -23.67 22.58 42.94
C GLU G 57 -22.92 21.48 43.68
N LYS G 58 -21.94 20.86 43.01
CA LYS G 58 -21.14 19.83 43.68
C LYS G 58 -20.31 20.42 44.82
N ALA G 59 -19.77 21.62 44.63
CA ALA G 59 -19.02 22.27 45.70
C ALA G 59 -19.92 22.57 46.90
N ARG G 60 -21.14 23.05 46.65
CA ARG G 60 -22.07 23.30 47.74
C ARG G 60 -22.44 22.00 48.45
N GLY G 61 -22.66 20.94 47.68
CA GLY G 61 -22.95 19.64 48.30
C GLY G 61 -21.81 19.15 49.16
N GLN G 62 -20.57 19.30 48.68
CA GLN G 62 -19.41 18.89 49.47
C GLN G 62 -19.30 19.71 50.75
N ASP G 63 -19.52 21.03 50.66
CA ASP G 63 -19.46 21.88 51.84
C ASP G 63 -20.53 21.50 52.85
N ILE G 64 -21.75 21.24 52.37
CA ILE G 64 -22.84 20.83 53.26
C ILE G 64 -22.53 19.49 53.91
N SER G 65 -21.98 18.55 53.15
CA SER G 65 -21.60 17.26 53.71
C SER G 65 -20.52 17.43 54.78
N ARG G 66 -19.54 18.29 54.53
CA ARG G 66 -18.49 18.54 55.51
C ARG G 66 -19.07 19.13 56.78
N LEU G 67 -19.97 20.11 56.65
CA LEU G 67 -20.60 20.72 57.83
C LEU G 67 -21.41 19.68 58.60
N CYS G 68 -22.17 18.85 57.90
CA CYS G 68 -22.97 17.83 58.57
C CYS G 68 -22.08 16.82 59.28
N GLU G 69 -20.97 16.41 58.64
CA GLU G 69 -20.06 15.48 59.29
C GLU G 69 -19.44 16.10 60.54
N ARG G 70 -19.05 17.37 60.47
CA ARG G 70 -18.49 18.03 61.64
C ARG G 70 -19.50 18.11 62.78
N LEU G 71 -20.74 18.50 62.46
CA LEU G 71 -21.76 18.59 63.50
C LEU G 71 -22.08 17.23 64.09
N GLU G 72 -22.14 16.19 63.26
CA GLU G 72 -22.40 14.84 63.75
C GLU G 72 -21.27 14.33 64.63
N LEU G 73 -20.01 14.61 64.25
CA LEU G 73 -18.89 14.23 65.08
C LEU G 73 -18.92 14.96 66.42
N HIS G 74 -19.24 16.26 66.40
CA HIS G 74 -19.36 16.99 67.66
C HIS G 74 -20.46 16.41 68.54
N ALA G 75 -21.61 16.07 67.94
CA ALA G 75 -22.70 15.48 68.71
C ALA G 75 -22.27 14.14 69.32
N ARG G 76 -21.59 13.30 68.54
CA ARG G 76 -21.11 12.03 69.07
C ARG G 76 -20.13 12.24 70.20
N ASN G 77 -19.24 13.23 70.07
CA ASN G 77 -18.24 13.48 71.10
C ASN G 77 -18.87 14.00 72.38
N VAL G 78 -19.94 14.78 72.27
CA VAL G 78 -20.50 15.44 73.45
C VAL G 78 -21.70 14.66 74.01
N ASN G 79 -22.75 14.51 73.21
CA ASN G 79 -23.99 13.90 73.69
C ASN G 79 -24.46 12.84 72.70
N LYS G 80 -24.46 11.58 73.14
CA LYS G 80 -24.87 10.48 72.27
C LYS G 80 -26.32 10.57 71.86
N ASN G 81 -27.16 11.24 72.67
CA ASN G 81 -28.57 11.34 72.35
C ASN G 81 -28.82 12.10 71.05
N ILE G 82 -27.88 12.95 70.65
CA ILE G 82 -28.03 13.74 69.43
C ILE G 82 -27.60 12.89 68.25
N VAL G 83 -28.54 12.55 67.38
CA VAL G 83 -28.27 11.83 66.14
C VAL G 83 -28.68 12.72 64.97
N VAL G 84 -27.81 12.83 63.98
CA VAL G 84 -28.01 13.71 62.83
C VAL G 84 -28.08 12.85 61.58
N ASP G 85 -29.13 13.06 60.79
CA ASP G 85 -29.32 12.36 59.51
C ASP G 85 -28.85 13.29 58.41
N CYS G 86 -27.67 12.99 57.84
CA CYS G 86 -27.07 13.85 56.83
C CYS G 86 -27.64 13.64 55.44
N HIS G 87 -28.45 12.60 55.23
CA HIS G 87 -29.01 12.36 53.91
C HIS G 87 -29.97 13.48 53.50
N ASP G 88 -30.81 13.93 54.42
CA ASP G 88 -31.80 14.97 54.14
C ASP G 88 -31.64 16.18 55.06
N ASN G 89 -30.48 16.32 55.71
CA ASN G 89 -30.19 17.44 56.61
C ASN G 89 -31.22 17.50 57.75
N ARG G 90 -31.26 16.43 58.54
CA ARG G 90 -32.18 16.30 59.64
C ARG G 90 -31.43 16.00 60.93
N ILE G 91 -31.92 16.56 62.03
CA ILE G 91 -31.44 16.26 63.37
C ILE G 91 -32.59 15.64 64.14
N SER G 92 -32.37 14.42 64.65
CA SER G 92 -33.42 13.64 65.28
C SER G 92 -33.12 13.43 66.76
N PHE G 93 -34.17 13.38 67.56
CA PHE G 93 -34.10 13.06 68.99
C PHE G 93 -35.19 12.06 69.35
N GLY G 94 -35.28 11.00 68.54
CA GLY G 94 -36.34 10.01 68.64
C GLY G 94 -36.72 9.53 70.03
N GLU G 95 -35.78 8.88 70.73
CA GLU G 95 -36.08 8.36 72.05
C GLU G 95 -36.38 9.47 73.04
N ALA G 96 -35.58 10.54 73.02
CA ALA G 96 -35.77 11.64 73.96
C ALA G 96 -36.87 12.61 73.56
N GLY G 97 -37.35 12.54 72.32
CA GLY G 97 -38.38 13.43 71.83
C GLY G 97 -39.77 12.84 71.73
N ARG G 98 -40.01 11.67 72.33
CA ARG G 98 -41.34 11.07 72.27
C ARG G 98 -42.33 11.90 73.07
N PHE G 99 -43.45 12.23 72.46
CA PHE G 99 -44.48 13.06 73.07
C PHE G 99 -45.66 12.19 73.47
N ALA G 100 -46.09 12.30 74.74
CA ALA G 100 -47.26 11.60 75.20
C ALA G 100 -48.53 12.31 74.71
N HIS G 101 -49.66 11.63 74.86
CA HIS G 101 -50.93 12.18 74.40
C HIS G 101 -51.32 13.39 75.23
N ASN G 102 -51.80 14.43 74.55
CA ASN G 102 -52.32 15.64 75.18
C ASN G 102 -51.29 16.30 76.11
N GLN G 103 -50.05 16.37 75.65
CA GLN G 103 -49.00 17.03 76.43
C GLN G 103 -47.97 17.61 75.47
N PHE G 104 -47.29 18.68 75.92
CA PHE G 104 -46.29 19.36 75.13
C PHE G 104 -44.94 19.43 75.84
N PHE G 105 -44.75 18.62 76.88
CA PHE G 105 -43.50 18.60 77.62
C PHE G 105 -42.62 17.45 77.13
N LEU G 106 -41.43 17.34 77.72
CA LEU G 106 -40.50 16.27 77.40
C LEU G 106 -39.70 15.94 78.65
N ASN G 107 -39.07 14.76 78.64
CA ASN G 107 -38.22 14.36 79.74
C ASN G 107 -36.95 15.21 79.77
N ALA G 108 -36.17 15.02 80.84
CA ALA G 108 -34.92 15.78 80.98
C ALA G 108 -33.92 15.42 79.90
N GLU G 109 -34.03 14.21 79.32
CA GLU G 109 -33.11 13.82 78.26
C GLU G 109 -33.24 14.73 77.04
N GLY G 110 -34.48 15.03 76.63
CA GLY G 110 -34.68 15.92 75.51
C GLY G 110 -34.18 17.32 75.77
N GLN G 111 -34.41 17.83 76.98
CA GLN G 111 -33.92 19.16 77.34
C GLN G 111 -32.39 19.21 77.30
N LYS G 112 -31.74 18.18 77.85
CA LYS G 112 -30.28 18.14 77.81
C LYS G 112 -29.78 18.06 76.38
N ALA G 113 -30.42 17.22 75.55
CA ALA G 113 -30.00 17.10 74.16
C ALA G 113 -30.14 18.41 73.40
N LEU G 114 -31.25 19.12 73.60
CA LEU G 114 -31.46 20.39 72.92
C LEU G 114 -30.46 21.44 73.40
N GLN G 115 -30.33 21.61 74.72
CA GLN G 115 -29.41 22.61 75.25
C GLN G 115 -27.95 22.27 74.98
N ASP G 116 -27.66 21.01 74.61
CA ASP G 116 -26.32 20.62 74.22
C ASP G 116 -26.08 20.77 72.72
N VAL G 117 -27.12 20.58 71.91
CA VAL G 117 -26.94 20.66 70.47
C VAL G 117 -26.97 22.11 69.99
N VAL G 118 -27.68 23.00 70.70
CA VAL G 118 -27.74 24.40 70.26
C VAL G 118 -26.35 25.04 70.16
N PRO G 119 -25.47 24.94 71.17
CA PRO G 119 -24.12 25.52 71.00
C PRO G 119 -23.33 24.89 69.87
N LEU G 120 -23.52 23.59 69.61
CA LEU G 120 -22.81 22.95 68.51
C LEU G 120 -23.24 23.53 67.17
N VAL G 121 -24.54 23.72 66.97
CA VAL G 121 -25.02 24.32 65.73
C VAL G 121 -24.58 25.77 65.64
N LEU G 122 -24.53 26.48 66.77
CA LEU G 122 -24.05 27.86 66.76
C LEU G 122 -22.60 27.94 66.32
N GLU G 123 -21.74 27.06 66.85
CA GLU G 123 -20.34 27.10 66.46
C GLU G 123 -20.14 26.61 65.02
N ALA G 124 -21.00 25.68 64.57
CA ALA G 124 -20.94 25.28 63.16
C ALA G 124 -21.31 26.43 62.23
N SER G 125 -22.34 27.21 62.61
CA SER G 125 -22.76 28.33 61.77
C SER G 125 -21.77 29.48 61.84
N ASN G 126 -21.09 29.65 62.98
CA ASN G 126 -20.10 30.71 63.09
C ASN G 126 -18.89 30.47 62.19
N SER G 127 -18.68 29.23 61.74
CA SER G 127 -17.57 28.93 60.85
C SER G 127 -17.83 29.48 59.46
N GLU G 128 -16.79 29.46 58.63
CA GLU G 128 -16.89 30.03 57.29
C GLU G 128 -17.95 29.31 56.46
N GLU G 129 -18.01 27.99 56.55
CA GLU G 129 -19.06 27.25 55.85
C GLU G 129 -20.44 27.65 56.34
N GLY G 130 -20.59 27.80 57.66
CA GLY G 130 -21.85 28.30 58.19
C GLY G 130 -22.10 29.76 57.82
N LYS G 131 -21.05 30.58 57.84
CA LYS G 131 -21.17 31.98 57.47
C LYS G 131 -21.44 32.18 55.98
N LYS G 132 -21.32 31.13 55.17
CA LYS G 132 -21.51 31.25 53.73
C LYS G 132 -22.71 30.49 53.20
N TRP G 133 -23.12 29.39 53.84
CA TRP G 133 -24.17 28.54 53.30
C TRP G 133 -25.28 28.20 54.29
N PHE G 134 -25.19 28.62 55.54
CA PHE G 134 -26.14 28.20 56.57
C PHE G 134 -27.20 29.29 56.77
N LYS G 135 -28.46 28.92 56.56
CA LYS G 135 -29.58 29.80 56.82
C LYS G 135 -30.11 29.57 58.24
N GLN G 136 -31.27 30.15 58.54
CA GLN G 136 -31.87 29.96 59.85
C GLN G 136 -32.44 28.56 59.99
N ILE G 137 -32.65 28.14 61.24
CA ILE G 137 -33.00 26.76 61.57
C ILE G 137 -34.51 26.62 61.62
N VAL G 138 -35.04 25.72 60.79
CA VAL G 138 -36.48 25.51 60.68
C VAL G 138 -36.91 24.45 61.67
N ILE G 139 -37.98 24.73 62.41
CA ILE G 139 -38.54 23.81 63.40
C ILE G 139 -39.63 22.98 62.72
N GLU G 140 -39.58 21.67 62.92
CA GLU G 140 -40.48 20.73 62.27
C GLU G 140 -41.56 20.28 63.25
N GLY G 141 -42.80 20.26 62.77
CA GLY G 141 -43.92 19.74 63.55
C GLY G 141 -44.70 18.73 62.73
N PHE G 142 -45.01 17.59 63.36
CA PHE G 142 -45.70 16.49 62.70
C PHE G 142 -47.02 16.22 63.40
N THR G 143 -48.08 16.05 62.60
CA THR G 143 -49.39 15.74 63.13
C THR G 143 -50.01 14.63 62.29
N ASP G 144 -51.00 13.95 62.87
CA ASP G 144 -51.74 12.90 62.19
C ASP G 144 -53.07 13.44 61.67
N THR G 145 -53.62 12.71 60.70
CA THR G 145 -54.87 13.12 60.07
C THR G 145 -56.11 12.57 60.79
N ASP G 146 -55.93 11.69 61.76
CA ASP G 146 -57.05 11.14 62.49
C ASP G 146 -57.50 12.08 63.61
N GLY G 147 -58.72 11.88 64.07
CA GLY G 147 -59.24 12.72 65.14
C GLY G 147 -59.53 14.14 64.66
N SER G 148 -59.60 15.04 65.64
CA SER G 148 -59.85 16.44 65.34
C SER G 148 -58.58 17.13 64.84
N TYR G 149 -58.70 17.80 63.69
CA TYR G 149 -57.58 18.55 63.13
C TYR G 149 -57.12 19.65 64.08
N LEU G 150 -58.08 20.39 64.64
CA LEU G 150 -57.76 21.56 65.45
C LEU G 150 -57.02 21.19 66.73
N TYR G 151 -57.47 20.11 67.40
CA TYR G 151 -56.83 19.73 68.66
C TYR G 151 -55.40 19.24 68.43
N ASN G 152 -55.19 18.41 67.41
CA ASN G 152 -53.84 17.92 67.13
C ASN G 152 -52.91 19.05 66.71
N LEU G 153 -53.40 19.97 65.88
CA LEU G 153 -52.55 21.09 65.47
C LEU G 153 -52.26 22.01 66.66
N HIS G 154 -53.23 22.19 67.55
CA HIS G 154 -52.98 22.95 68.77
C HIS G 154 -51.92 22.28 69.63
N LEU G 155 -51.97 20.95 69.72
CA LEU G 155 -50.92 20.21 70.44
C LEU G 155 -49.56 20.44 69.80
N SER G 156 -49.50 20.40 68.47
CA SER G 156 -48.22 20.62 67.79
C SER G 156 -47.66 22.01 68.05
N LEU G 157 -48.51 23.04 67.95
CA LEU G 157 -48.04 24.40 68.18
C LEU G 157 -47.69 24.65 69.65
N GLN G 158 -48.41 24.01 70.57
CA GLN G 158 -48.02 24.08 71.98
C GLN G 158 -46.66 23.42 72.20
N ARG G 159 -46.41 22.29 71.52
CA ARG G 159 -45.10 21.66 71.59
C ARG G 159 -44.02 22.58 71.06
N SER G 160 -44.27 23.23 69.93
CA SER G 160 -43.28 24.14 69.36
C SER G 160 -43.01 25.32 70.28
N GLU G 161 -44.08 25.89 70.86
CA GLU G 161 -43.90 27.01 71.79
C GLU G 161 -43.15 26.59 73.03
N TRP G 162 -43.42 25.38 73.53
CA TRP G 162 -42.69 24.86 74.68
C TRP G 162 -41.22 24.67 74.36
N VAL G 163 -40.91 24.17 73.16
CA VAL G 163 -39.51 24.01 72.75
C VAL G 163 -38.82 25.37 72.67
N MET G 164 -39.50 26.35 72.08
CA MET G 164 -38.91 27.69 72.00
C MET G 164 -38.70 28.29 73.38
N CYS G 165 -39.66 28.10 74.29
CA CYS G 165 -39.50 28.56 75.66
C CYS G 165 -38.28 27.92 76.30
N SER G 166 -38.21 26.58 76.27
CA SER G 166 -37.09 25.88 76.86
C SER G 166 -35.76 26.33 76.27
N LEU G 167 -35.77 26.72 74.99
CA LEU G 167 -34.57 27.31 74.40
C LEU G 167 -34.27 28.67 75.00
N LEU G 168 -35.30 29.48 75.25
CA LEU G 168 -35.12 30.88 75.64
C LEU G 168 -36.02 31.26 76.83
N ASP G 169 -35.98 30.46 77.89
CA ASP G 169 -36.68 30.79 79.13
C ASP G 169 -35.68 31.12 80.22
N SER G 170 -36.09 32.02 81.12
CA SER G 170 -35.27 32.35 82.27
C SER G 170 -35.16 31.15 83.20
N ARG G 171 -34.06 31.11 83.95
CA ARG G 171 -33.69 30.05 84.89
C ARG G 171 -33.29 28.76 84.19
N SER G 172 -33.33 28.72 82.85
CA SER G 172 -32.94 27.52 82.13
C SER G 172 -31.44 27.28 82.28
N PRO G 173 -31.02 26.02 82.30
CA PRO G 173 -29.57 25.73 82.34
C PRO G 173 -28.82 26.27 81.14
N LEU G 174 -29.49 26.40 79.99
CA LEU G 174 -28.84 26.96 78.81
C LEU G 174 -28.45 28.42 79.04
N GLN G 175 -29.33 29.19 79.70
CA GLN G 175 -29.05 30.60 79.93
C GLN G 175 -27.92 30.81 80.93
N LYS G 176 -27.62 29.82 81.77
CA LYS G 176 -26.51 29.96 82.71
C LYS G 176 -25.17 29.91 81.98
N ASN G 177 -25.08 29.13 80.90
CA ASN G 177 -23.85 28.98 80.12
C ASN G 177 -23.94 29.71 78.79
N ILE G 178 -24.58 30.88 78.76
CA ILE G 178 -24.79 31.62 77.53
C ILE G 178 -24.27 33.04 77.70
N SER G 179 -23.99 33.69 76.57
CA SER G 179 -23.60 35.08 76.52
C SER G 179 -24.65 35.87 75.75
N ALA G 180 -24.52 37.20 75.80
CA ALA G 180 -25.46 38.06 75.09
C ALA G 180 -25.39 37.86 73.58
N GLU G 181 -24.17 37.77 73.04
CA GLU G 181 -24.01 37.55 71.61
C GLU G 181 -24.56 36.19 71.20
N GLN G 182 -24.31 35.16 72.02
CA GLN G 182 -24.83 33.83 71.71
C GLN G 182 -26.36 33.82 71.76
N GLN G 183 -26.95 34.50 72.75
CA GLN G 183 -28.40 34.57 72.82
C GLN G 183 -28.99 35.30 71.62
N LEU G 184 -28.34 36.39 71.20
CA LEU G 184 -28.80 37.11 70.01
C LEU G 184 -28.70 36.24 68.77
N GLN G 185 -27.61 35.48 68.65
CA GLN G 185 -27.47 34.56 67.52
C GLN G 185 -28.55 33.49 67.53
N ILE G 186 -28.87 32.96 68.71
CA ILE G 186 -29.93 31.96 68.82
C ILE G 186 -31.26 32.55 68.38
N ARG G 187 -31.57 33.77 68.85
CA ARG G 187 -32.81 34.42 68.48
C ARG G 187 -32.88 34.67 66.98
N LYS G 188 -31.76 35.07 66.38
CA LYS G 188 -31.74 35.36 64.95
C LYS G 188 -31.89 34.08 64.11
N LEU G 189 -31.17 33.03 64.47
CA LEU G 189 -31.07 31.84 63.61
C LEU G 189 -32.22 30.87 63.80
N PHE G 190 -33.15 31.13 64.71
CA PHE G 190 -34.27 30.24 64.98
C PHE G 190 -35.58 30.93 64.63
N LEU G 191 -36.44 30.25 63.87
CA LEU G 191 -37.82 30.66 63.68
C LEU G 191 -38.73 29.52 64.07
N ALA G 192 -39.88 29.86 64.64
CA ALA G 192 -40.81 28.87 65.17
C ALA G 192 -42.05 28.79 64.29
N GLY G 193 -42.56 27.59 64.10
CA GLY G 193 -43.76 27.36 63.33
C GLY G 193 -43.56 26.29 62.28
N GLY G 194 -44.64 25.57 61.98
CA GLY G 194 -44.60 24.54 60.95
C GLY G 194 -45.31 23.27 61.34
N VAL G 195 -46.24 22.84 60.49
CA VAL G 195 -46.97 21.60 60.70
C VAL G 195 -46.88 20.79 59.41
N SER G 196 -46.91 19.46 59.54
CA SER G 196 -46.74 18.59 58.38
C SER G 196 -47.45 17.27 58.62
N PHE G 197 -47.74 16.58 57.52
CA PHE G 197 -48.36 15.27 57.55
C PHE G 197 -47.54 14.32 56.70
N ASN G 198 -47.18 13.17 57.28
CA ASN G 198 -46.40 12.17 56.57
C ASN G 198 -46.92 10.78 56.93
N ASN G 199 -46.75 9.85 56.00
CA ASN G 199 -47.15 8.46 56.20
C ASN G 199 -46.01 7.51 55.87
N ALA G 200 -44.76 7.96 56.07
CA ALA G 200 -43.58 7.16 55.77
C ALA G 200 -43.17 6.26 56.93
N LYS G 201 -43.86 6.32 58.06
CA LYS G 201 -43.56 5.49 59.22
C LYS G 201 -44.80 4.72 59.63
N GLU G 202 -44.57 3.53 60.20
CA GLU G 202 -45.65 2.61 60.51
C GLU G 202 -46.32 2.91 61.86
N SER G 203 -45.79 3.82 62.65
CA SER G 203 -46.28 4.06 64.00
C SER G 203 -46.86 5.46 64.10
N LYS G 204 -48.04 5.56 64.71
CA LYS G 204 -48.61 6.87 65.01
C LYS G 204 -47.82 7.60 66.09
N GLU G 205 -47.18 6.85 66.99
CA GLU G 205 -46.32 7.45 68.00
C GLU G 205 -45.10 8.13 67.39
N ALA G 206 -44.71 7.71 66.17
CA ALA G 206 -43.56 8.33 65.52
C ALA G 206 -43.83 9.79 65.20
N SER G 207 -45.07 10.11 64.79
CA SER G 207 -45.42 11.50 64.49
C SER G 207 -45.39 12.37 65.74
N ARG G 208 -45.47 11.78 66.93
CA ARG G 208 -45.38 12.53 68.18
C ARG G 208 -43.91 12.77 68.52
N ARG G 209 -43.28 13.60 67.69
CA ARG G 209 -41.86 13.89 67.85
C ARG G 209 -41.56 15.26 67.27
N VAL G 210 -40.41 15.80 67.66
CA VAL G 210 -39.92 17.07 67.13
C VAL G 210 -38.50 16.86 66.62
N GLU G 211 -38.22 17.38 65.43
CA GLU G 211 -36.91 17.23 64.81
C GLU G 211 -36.44 18.60 64.32
N LEU G 212 -35.12 18.78 64.37
CA LEU G 212 -34.48 20.00 63.89
C LEU G 212 -34.03 19.81 62.46
N ARG G 213 -34.50 20.68 61.56
CA ARG G 213 -34.17 20.61 60.14
C ARG G 213 -33.62 21.97 59.72
N MET G 214 -32.34 22.00 59.34
CA MET G 214 -31.74 23.22 58.84
C MET G 214 -31.82 23.28 57.32
N GLN G 215 -31.94 24.49 56.80
CA GLN G 215 -31.95 24.72 55.36
C GLN G 215 -30.80 25.64 54.99
N PHE G 216 -30.36 25.53 53.74
CA PHE G 216 -29.18 26.22 53.26
C PHE G 216 -29.52 27.19 52.15
N PHE G 217 -28.62 28.15 51.92
CA PHE G 217 -28.79 29.11 50.85
C PHE G 217 -28.73 28.42 49.49
N GLY G 218 -29.51 28.94 48.54
CA GLY G 218 -29.38 28.51 47.17
C GLY G 218 -28.17 29.13 46.49
N LEU G 219 -27.80 28.57 45.35
CA LEU G 219 -26.66 29.10 44.60
C LEU G 219 -26.94 30.51 44.10
N LYS G 220 -28.15 30.78 43.63
CA LYS G 220 -28.50 32.08 43.08
C LYS G 220 -28.94 33.07 44.14
N ASP G 221 -29.11 32.65 45.39
CA ASP G 221 -29.41 33.58 46.47
C ASP G 221 -28.12 34.24 46.98
N LYS G 222 -27.17 33.43 47.45
CA LYS G 222 -25.84 33.88 47.82
C LYS G 222 -25.88 34.97 48.90
N ARG G 223 -26.71 34.75 49.91
CA ARG G 223 -26.74 35.55 51.14
C ARG G 223 -27.00 37.03 50.84
N ASP G 224 -28.21 37.28 50.35
CA ASP G 224 -28.65 38.66 50.16
C ASP G 224 -28.64 39.41 51.47
N LYS G 225 -28.06 40.62 51.47
CA LYS G 225 -27.87 41.36 52.70
C LYS G 225 -29.16 41.99 53.20
N ALA G 226 -29.99 42.49 52.29
CA ALA G 226 -31.18 43.23 52.69
C ALA G 226 -32.23 42.36 53.37
N ASP G 227 -32.11 41.03 53.26
CA ASP G 227 -33.09 40.15 53.89
C ASP G 227 -32.97 40.17 55.41
N GLU G 228 -31.77 40.34 55.93
CA GLU G 228 -31.53 40.26 57.37
C GLU G 228 -32.16 41.45 58.09
N VAL G 229 -32.53 41.22 59.35
CA VAL G 229 -33.03 42.27 60.23
C VAL G 229 -32.22 42.25 61.52
N ASP G 230 -32.57 43.13 62.46
CA ASP G 230 -31.83 43.26 63.71
C ASP G 230 -32.79 43.22 64.89
N PHE G 231 -32.24 42.85 66.05
CA PHE G 231 -32.98 42.80 67.30
C PHE G 231 -32.32 43.68 68.35
N PRO G 232 -33.12 44.35 69.19
CA PRO G 232 -32.52 45.12 70.28
C PRO G 232 -31.90 44.20 71.31
N PRO G 233 -30.90 44.68 72.06
CA PRO G 233 -30.26 43.82 73.07
C PRO G 233 -31.24 43.41 74.16
N VAL G 234 -30.97 42.25 74.75
CA VAL G 234 -31.84 41.74 75.80
C VAL G 234 -31.78 42.65 77.01
N VAL G 235 -32.95 43.08 77.48
CA VAL G 235 -33.06 43.97 78.63
C VAL G 235 -33.68 43.28 79.82
N ASN G 236 -34.67 42.41 79.58
CA ASN G 236 -35.31 41.63 80.64
C ASN G 236 -35.36 40.17 80.24
N LYS G 237 -35.24 39.30 81.24
CA LYS G 237 -35.23 37.86 80.97
C LYS G 237 -36.57 37.40 80.43
N GLU G 238 -36.52 36.50 79.46
CA GLU G 238 -37.74 36.01 78.83
C GLU G 238 -38.50 35.09 79.79
N VAL G 239 -39.82 35.22 79.78
CA VAL G 239 -40.71 34.40 80.60
C VAL G 239 -41.69 33.70 79.67
N CYS G 240 -41.80 32.38 79.81
CA CYS G 240 -42.70 31.61 78.97
C CYS G 240 -44.15 31.89 79.34
N GLN G 241 -45.01 31.93 78.31
CA GLN G 241 -46.44 32.17 78.50
C GLN G 241 -47.25 30.89 78.43
N LEU G 242 -46.63 29.74 78.25
CA LEU G 242 -47.34 28.47 78.27
C LEU G 242 -47.58 28.01 79.70
N VAL G 243 -48.48 27.03 79.84
CA VAL G 243 -48.84 26.51 81.16
C VAL G 243 -47.84 25.47 81.62
N MET G 244 -46.84 25.90 82.38
CA MET G 244 -45.87 24.96 82.95
C MET G 244 -46.53 23.97 83.93
N PRO G 245 -47.34 24.40 84.91
CA PRO G 245 -47.98 23.41 85.79
C PRO G 245 -49.15 22.69 85.15
N LEU G 246 -49.69 23.21 84.05
CA LEU G 246 -50.84 22.62 83.36
C LEU G 246 -52.02 22.45 84.31
#